data_3ERF
# 
_entry.id   3ERF 
# 
_audit_conform.dict_name       mmcif_pdbx.dic 
_audit_conform.dict_version    5.403 
_audit_conform.dict_location   http://mmcif.pdb.org/dictionaries/ascii/mmcif_pdbx.dic 
# 
loop_
_database_2.database_id 
_database_2.database_code 
_database_2.pdbx_database_accession 
_database_2.pdbx_DOI 
PDB   3ERF         pdb_00003erf 10.2210/pdb3erf/pdb 
RCSB  RCSB049675   ?            ?                   
WWPDB D_1000049675 ?            ?                   
# 
loop_
_pdbx_audit_revision_history.ordinal 
_pdbx_audit_revision_history.data_content_type 
_pdbx_audit_revision_history.major_revision 
_pdbx_audit_revision_history.minor_revision 
_pdbx_audit_revision_history.revision_date 
_pdbx_audit_revision_history.part_number 
1 'Structure model' 1 0 2009-10-13 ? 
2 'Structure model' 1 1 2011-07-13 ? 
3 'Structure model' 1 2 2019-12-25 ? 
4 'Structure model' 1 3 2023-12-27 ? 
5 'Structure model' 1 4 2025-05-07 ? 
# 
_pdbx_audit_revision_details.ordinal             1 
_pdbx_audit_revision_details.revision_ordinal    1 
_pdbx_audit_revision_details.data_content_type   'Structure model' 
_pdbx_audit_revision_details.provider            repository 
_pdbx_audit_revision_details.type                'Initial release' 
_pdbx_audit_revision_details.description         ? 
_pdbx_audit_revision_details.details             ? 
# 
loop_
_pdbx_audit_revision_group.ordinal 
_pdbx_audit_revision_group.revision_ordinal 
_pdbx_audit_revision_group.data_content_type 
_pdbx_audit_revision_group.group 
1 2 'Structure model' 'Version format compliance' 
2 3 'Structure model' 'Derived calculations'      
3 4 'Structure model' 'Data collection'           
4 4 'Structure model' 'Database references'       
5 5 'Structure model' Other                       
6 5 'Structure model' 'Structure summary'         
# 
loop_
_pdbx_audit_revision_category.ordinal 
_pdbx_audit_revision_category.revision_ordinal 
_pdbx_audit_revision_category.data_content_type 
_pdbx_audit_revision_category.category 
1 3 'Structure model' pdbx_struct_assembly_prop 
2 3 'Structure model' pdbx_struct_oper_list     
3 4 'Structure model' chem_comp_atom            
4 4 'Structure model' chem_comp_bond            
5 4 'Structure model' database_2                
6 5 'Structure model' cell                      
7 5 'Structure model' pdbx_entry_details        
# 
loop_
_pdbx_audit_revision_item.ordinal 
_pdbx_audit_revision_item.revision_ordinal 
_pdbx_audit_revision_item.data_content_type 
_pdbx_audit_revision_item.item 
1  3 'Structure model' '_pdbx_struct_assembly_prop.value'          
2  3 'Structure model' '_pdbx_struct_oper_list.matrix[1][2]'       
3  3 'Structure model' '_pdbx_struct_oper_list.matrix[2][1]'       
4  3 'Structure model' '_pdbx_struct_oper_list.name'               
5  3 'Structure model' '_pdbx_struct_oper_list.symmetry_operation' 
6  3 'Structure model' '_pdbx_struct_oper_list.vector[3]'          
7  4 'Structure model' '_database_2.pdbx_DOI'                      
8  4 'Structure model' '_database_2.pdbx_database_accession'       
9  5 'Structure model' '_cell.length_a'                            
10 5 'Structure model' '_cell.length_b'                            
11 5 'Structure model' '_cell.length_c'                            
# 
_pdbx_database_status.status_code                     REL 
_pdbx_database_status.entry_id                        3ERF 
_pdbx_database_status.recvd_initial_deposition_date   2008-10-02 
_pdbx_database_status.deposit_site                    RCSB 
_pdbx_database_status.process_site                    PDBJ 
_pdbx_database_status.status_code_sf                  REL 
_pdbx_database_status.status_code_mr                  ? 
_pdbx_database_status.SG_entry                        ? 
_pdbx_database_status.pdb_format_compatible           Y 
_pdbx_database_status.status_code_cs                  ? 
_pdbx_database_status.methods_development_category    ? 
_pdbx_database_status.status_code_nmr_data            ? 
# 
_pdbx_database_related.db_name        PDB 
_pdbx_database_related.db_id          3ERG 
_pdbx_database_related.details        . 
_pdbx_database_related.content_type   unspecified 
# 
loop_
_audit_author.name 
_audit_author.pdbx_ordinal 
'Ma, X.X.'    1 
'Jiang, Y.L.' 2 
'He, Y.X.'    3 
'Chen, Y.X.'  4 
'Zhou, C.Z.'  5 
# 
_citation.id                        primary 
_citation.title                     'Structures of yeast glutathione-S-transferase Gtt2 reveal a new catalytic type of GST family.' 
_citation.journal_abbrev            'Embo Rep.' 
_citation.journal_volume            10 
_citation.page_first                1320 
_citation.page_last                 1326 
_citation.year                      2009 
_citation.journal_id_ASTM           ? 
_citation.country                   UK 
_citation.journal_id_ISSN           1469-221X 
_citation.journal_id_CSD            ? 
_citation.book_publisher            ? 
_citation.pdbx_database_id_PubMed   19851333 
_citation.pdbx_database_id_DOI      10.1038/embor.2009.216 
# 
loop_
_citation_author.citation_id 
_citation_author.name 
_citation_author.ordinal 
_citation_author.identifier_ORCID 
primary 'Ma, X.X.'    1 ? 
primary 'Jiang, Y.L.' 2 ? 
primary 'He, Y.X.'    3 ? 
primary 'Bao, R.'     4 ? 
primary 'Chen, Y.H.'  5 ? 
primary 'Zhou, C.Z.'  6 ? 
# 
loop_
_entity.id 
_entity.type 
_entity.src_method 
_entity.pdbx_description 
_entity.formula_weight 
_entity.pdbx_number_of_molecules 
_entity.pdbx_ec 
_entity.pdbx_mutation 
_entity.pdbx_fragment 
_entity.details 
1 polymer man 'Glutathione S-transferase 2' 26376.625 1   2.5.1.18 ? ? ? 
2 water   nat water                         18.015    119 ?        ? ? ? 
# 
_entity_name_com.entity_id   1 
_entity_name_com.name        GST-II 
# 
_entity_poly.entity_id                      1 
_entity_poly.type                           'polypeptide(L)' 
_entity_poly.nstd_linkage                   no 
_entity_poly.nstd_monomer                   no 
_entity_poly.pdbx_seq_one_letter_code       
;MNGRGFLIYNGGEKMKQKMIIYDTPAGPYPARVRIALAEKNMLSSVQFVRINLWKGEHKKPEFLAKNYSGTVPVLELDDG
TLIAECTAITEYIDALDGTPTLTGKTPLEKGVIHMMNKRAELELLDPVSVYFHHATPGLGPEVELYQNKEWGLRQRDKAL
HGMHYFDTVLRERPYVAGDSFSMADITVIAGLIFAAIVKLQVPEECEALRAWYKRMQQRPSVKKLLEIRSKSS
;
_entity_poly.pdbx_seq_one_letter_code_can   
;MNGRGFLIYNGGEKMKQKMIIYDTPAGPYPARVRIALAEKNMLSSVQFVRINLWKGEHKKPEFLAKNYSGTVPVLELDDG
TLIAECTAITEYIDALDGTPTLTGKTPLEKGVIHMMNKRAELELLDPVSVYFHHATPGLGPEVELYQNKEWGLRQRDKAL
HGMHYFDTVLRERPYVAGDSFSMADITVIAGLIFAAIVKLQVPEECEALRAWYKRMQQRPSVKKLLEIRSKSS
;
_entity_poly.pdbx_strand_id                 A 
_entity_poly.pdbx_target_identifier         ? 
# 
_pdbx_entity_nonpoly.entity_id   2 
_pdbx_entity_nonpoly.name        water 
_pdbx_entity_nonpoly.comp_id     HOH 
# 
loop_
_entity_poly_seq.entity_id 
_entity_poly_seq.num 
_entity_poly_seq.mon_id 
_entity_poly_seq.hetero 
1 1   MET n 
1 2   ASN n 
1 3   GLY n 
1 4   ARG n 
1 5   GLY n 
1 6   PHE n 
1 7   LEU n 
1 8   ILE n 
1 9   TYR n 
1 10  ASN n 
1 11  GLY n 
1 12  GLY n 
1 13  GLU n 
1 14  LYS n 
1 15  MET n 
1 16  LYS n 
1 17  GLN n 
1 18  LYS n 
1 19  MET n 
1 20  ILE n 
1 21  ILE n 
1 22  TYR n 
1 23  ASP n 
1 24  THR n 
1 25  PRO n 
1 26  ALA n 
1 27  GLY n 
1 28  PRO n 
1 29  TYR n 
1 30  PRO n 
1 31  ALA n 
1 32  ARG n 
1 33  VAL n 
1 34  ARG n 
1 35  ILE n 
1 36  ALA n 
1 37  LEU n 
1 38  ALA n 
1 39  GLU n 
1 40  LYS n 
1 41  ASN n 
1 42  MET n 
1 43  LEU n 
1 44  SER n 
1 45  SER n 
1 46  VAL n 
1 47  GLN n 
1 48  PHE n 
1 49  VAL n 
1 50  ARG n 
1 51  ILE n 
1 52  ASN n 
1 53  LEU n 
1 54  TRP n 
1 55  LYS n 
1 56  GLY n 
1 57  GLU n 
1 58  HIS n 
1 59  LYS n 
1 60  LYS n 
1 61  PRO n 
1 62  GLU n 
1 63  PHE n 
1 64  LEU n 
1 65  ALA n 
1 66  LYS n 
1 67  ASN n 
1 68  TYR n 
1 69  SER n 
1 70  GLY n 
1 71  THR n 
1 72  VAL n 
1 73  PRO n 
1 74  VAL n 
1 75  LEU n 
1 76  GLU n 
1 77  LEU n 
1 78  ASP n 
1 79  ASP n 
1 80  GLY n 
1 81  THR n 
1 82  LEU n 
1 83  ILE n 
1 84  ALA n 
1 85  GLU n 
1 86  CYS n 
1 87  THR n 
1 88  ALA n 
1 89  ILE n 
1 90  THR n 
1 91  GLU n 
1 92  TYR n 
1 93  ILE n 
1 94  ASP n 
1 95  ALA n 
1 96  LEU n 
1 97  ASP n 
1 98  GLY n 
1 99  THR n 
1 100 PRO n 
1 101 THR n 
1 102 LEU n 
1 103 THR n 
1 104 GLY n 
1 105 LYS n 
1 106 THR n 
1 107 PRO n 
1 108 LEU n 
1 109 GLU n 
1 110 LYS n 
1 111 GLY n 
1 112 VAL n 
1 113 ILE n 
1 114 HIS n 
1 115 MET n 
1 116 MET n 
1 117 ASN n 
1 118 LYS n 
1 119 ARG n 
1 120 ALA n 
1 121 GLU n 
1 122 LEU n 
1 123 GLU n 
1 124 LEU n 
1 125 LEU n 
1 126 ASP n 
1 127 PRO n 
1 128 VAL n 
1 129 SER n 
1 130 VAL n 
1 131 TYR n 
1 132 PHE n 
1 133 HIS n 
1 134 HIS n 
1 135 ALA n 
1 136 THR n 
1 137 PRO n 
1 138 GLY n 
1 139 LEU n 
1 140 GLY n 
1 141 PRO n 
1 142 GLU n 
1 143 VAL n 
1 144 GLU n 
1 145 LEU n 
1 146 TYR n 
1 147 GLN n 
1 148 ASN n 
1 149 LYS n 
1 150 GLU n 
1 151 TRP n 
1 152 GLY n 
1 153 LEU n 
1 154 ARG n 
1 155 GLN n 
1 156 ARG n 
1 157 ASP n 
1 158 LYS n 
1 159 ALA n 
1 160 LEU n 
1 161 HIS n 
1 162 GLY n 
1 163 MET n 
1 164 HIS n 
1 165 TYR n 
1 166 PHE n 
1 167 ASP n 
1 168 THR n 
1 169 VAL n 
1 170 LEU n 
1 171 ARG n 
1 172 GLU n 
1 173 ARG n 
1 174 PRO n 
1 175 TYR n 
1 176 VAL n 
1 177 ALA n 
1 178 GLY n 
1 179 ASP n 
1 180 SER n 
1 181 PHE n 
1 182 SER n 
1 183 MET n 
1 184 ALA n 
1 185 ASP n 
1 186 ILE n 
1 187 THR n 
1 188 VAL n 
1 189 ILE n 
1 190 ALA n 
1 191 GLY n 
1 192 LEU n 
1 193 ILE n 
1 194 PHE n 
1 195 ALA n 
1 196 ALA n 
1 197 ILE n 
1 198 VAL n 
1 199 LYS n 
1 200 LEU n 
1 201 GLN n 
1 202 VAL n 
1 203 PRO n 
1 204 GLU n 
1 205 GLU n 
1 206 CYS n 
1 207 GLU n 
1 208 ALA n 
1 209 LEU n 
1 210 ARG n 
1 211 ALA n 
1 212 TRP n 
1 213 TYR n 
1 214 LYS n 
1 215 ARG n 
1 216 MET n 
1 217 GLN n 
1 218 GLN n 
1 219 ARG n 
1 220 PRO n 
1 221 SER n 
1 222 VAL n 
1 223 LYS n 
1 224 LYS n 
1 225 LEU n 
1 226 LEU n 
1 227 GLU n 
1 228 ILE n 
1 229 ARG n 
1 230 SER n 
1 231 LYS n 
1 232 SER n 
1 233 SER n 
# 
_entity_src_gen.entity_id                          1 
_entity_src_gen.pdbx_src_id                        1 
_entity_src_gen.pdbx_alt_source_flag               sample 
_entity_src_gen.pdbx_seq_type                      ? 
_entity_src_gen.pdbx_beg_seq_num                   ? 
_entity_src_gen.pdbx_end_seq_num                   ? 
_entity_src_gen.gene_src_common_name               
;Baker's yeast
;
_entity_src_gen.gene_src_genus                     ? 
_entity_src_gen.pdbx_gene_src_gene                 'GTT2, L0560, YLL060C' 
_entity_src_gen.gene_src_species                   ? 
_entity_src_gen.gene_src_strain                    S288c 
_entity_src_gen.gene_src_tissue                    ? 
_entity_src_gen.gene_src_tissue_fraction           ? 
_entity_src_gen.gene_src_details                   ? 
_entity_src_gen.pdbx_gene_src_fragment             ? 
_entity_src_gen.pdbx_gene_src_scientific_name      'Saccharomyces cerevisiae' 
_entity_src_gen.pdbx_gene_src_ncbi_taxonomy_id     4932 
_entity_src_gen.pdbx_gene_src_variant              ? 
_entity_src_gen.pdbx_gene_src_cell_line            ? 
_entity_src_gen.pdbx_gene_src_atcc                 ? 
_entity_src_gen.pdbx_gene_src_organ                ? 
_entity_src_gen.pdbx_gene_src_organelle            ? 
_entity_src_gen.pdbx_gene_src_cell                 ? 
_entity_src_gen.pdbx_gene_src_cellular_location    ? 
_entity_src_gen.host_org_common_name               ? 
_entity_src_gen.pdbx_host_org_scientific_name      'Escherichia coli' 
_entity_src_gen.pdbx_host_org_ncbi_taxonomy_id     562 
_entity_src_gen.host_org_genus                     ? 
_entity_src_gen.pdbx_host_org_gene                 ? 
_entity_src_gen.pdbx_host_org_organ                ? 
_entity_src_gen.host_org_species                   ? 
_entity_src_gen.pdbx_host_org_tissue               ? 
_entity_src_gen.pdbx_host_org_tissue_fraction      ? 
_entity_src_gen.pdbx_host_org_strain               BL21 
_entity_src_gen.pdbx_host_org_variant              ? 
_entity_src_gen.pdbx_host_org_cell_line            ? 
_entity_src_gen.pdbx_host_org_atcc                 ? 
_entity_src_gen.pdbx_host_org_culture_collection   ? 
_entity_src_gen.pdbx_host_org_cell                 ? 
_entity_src_gen.pdbx_host_org_organelle            ? 
_entity_src_gen.pdbx_host_org_cellular_location    ? 
_entity_src_gen.pdbx_host_org_vector_type          Plasmid 
_entity_src_gen.pdbx_host_org_vector               ? 
_entity_src_gen.host_org_details                   ? 
_entity_src_gen.expression_system_id               ? 
_entity_src_gen.plasmid_name                       pET28 
_entity_src_gen.plasmid_details                    ? 
_entity_src_gen.pdbx_description                   ? 
# 
loop_
_chem_comp.id 
_chem_comp.type 
_chem_comp.mon_nstd_flag 
_chem_comp.name 
_chem_comp.pdbx_synonyms 
_chem_comp.formula 
_chem_comp.formula_weight 
ALA 'L-peptide linking' y ALANINE         ? 'C3 H7 N O2'     89.093  
ARG 'L-peptide linking' y ARGININE        ? 'C6 H15 N4 O2 1' 175.209 
ASN 'L-peptide linking' y ASPARAGINE      ? 'C4 H8 N2 O3'    132.118 
ASP 'L-peptide linking' y 'ASPARTIC ACID' ? 'C4 H7 N O4'     133.103 
CYS 'L-peptide linking' y CYSTEINE        ? 'C3 H7 N O2 S'   121.158 
GLN 'L-peptide linking' y GLUTAMINE       ? 'C5 H10 N2 O3'   146.144 
GLU 'L-peptide linking' y 'GLUTAMIC ACID' ? 'C5 H9 N O4'     147.129 
GLY 'peptide linking'   y GLYCINE         ? 'C2 H5 N O2'     75.067  
HIS 'L-peptide linking' y HISTIDINE       ? 'C6 H10 N3 O2 1' 156.162 
HOH non-polymer         . WATER           ? 'H2 O'           18.015  
ILE 'L-peptide linking' y ISOLEUCINE      ? 'C6 H13 N O2'    131.173 
LEU 'L-peptide linking' y LEUCINE         ? 'C6 H13 N O2'    131.173 
LYS 'L-peptide linking' y LYSINE          ? 'C6 H15 N2 O2 1' 147.195 
MET 'L-peptide linking' y METHIONINE      ? 'C5 H11 N O2 S'  149.211 
PHE 'L-peptide linking' y PHENYLALANINE   ? 'C9 H11 N O2'    165.189 
PRO 'L-peptide linking' y PROLINE         ? 'C5 H9 N O2'     115.130 
SER 'L-peptide linking' y SERINE          ? 'C3 H7 N O3'     105.093 
THR 'L-peptide linking' y THREONINE       ? 'C4 H9 N O3'     119.119 
TRP 'L-peptide linking' y TRYPTOPHAN      ? 'C11 H12 N2 O2'  204.225 
TYR 'L-peptide linking' y TYROSINE        ? 'C9 H11 N O3'    181.189 
VAL 'L-peptide linking' y VALINE          ? 'C5 H11 N O2'    117.146 
# 
loop_
_pdbx_poly_seq_scheme.asym_id 
_pdbx_poly_seq_scheme.entity_id 
_pdbx_poly_seq_scheme.seq_id 
_pdbx_poly_seq_scheme.mon_id 
_pdbx_poly_seq_scheme.ndb_seq_num 
_pdbx_poly_seq_scheme.pdb_seq_num 
_pdbx_poly_seq_scheme.auth_seq_num 
_pdbx_poly_seq_scheme.pdb_mon_id 
_pdbx_poly_seq_scheme.auth_mon_id 
_pdbx_poly_seq_scheme.pdb_strand_id 
_pdbx_poly_seq_scheme.pdb_ins_code 
_pdbx_poly_seq_scheme.hetero 
A 1 1   MET 1   1   ?   ?   ?   A . n 
A 1 2   ASN 2   2   ?   ?   ?   A . n 
A 1 3   GLY 3   3   ?   ?   ?   A . n 
A 1 4   ARG 4   4   ?   ?   ?   A . n 
A 1 5   GLY 5   5   ?   ?   ?   A . n 
A 1 6   PHE 6   6   ?   ?   ?   A . n 
A 1 7   LEU 7   7   ?   ?   ?   A . n 
A 1 8   ILE 8   8   ?   ?   ?   A . n 
A 1 9   TYR 9   9   ?   ?   ?   A . n 
A 1 10  ASN 10  10  ?   ?   ?   A . n 
A 1 11  GLY 11  11  ?   ?   ?   A . n 
A 1 12  GLY 12  12  ?   ?   ?   A . n 
A 1 13  GLU 13  13  ?   ?   ?   A . n 
A 1 14  LYS 14  14  ?   ?   ?   A . n 
A 1 15  MET 15  15  ?   ?   ?   A . n 
A 1 16  LYS 16  16  ?   ?   ?   A . n 
A 1 17  GLN 17  17  ?   ?   ?   A . n 
A 1 18  LYS 18  18  ?   ?   ?   A . n 
A 1 19  MET 19  19  19  MET MET A . n 
A 1 20  ILE 20  20  20  ILE ILE A . n 
A 1 21  ILE 21  21  21  ILE ILE A . n 
A 1 22  TYR 22  22  22  TYR TYR A . n 
A 1 23  ASP 23  23  23  ASP ASP A . n 
A 1 24  THR 24  24  24  THR THR A . n 
A 1 25  PRO 25  25  25  PRO PRO A . n 
A 1 26  ALA 26  26  26  ALA ALA A . n 
A 1 27  GLY 27  27  27  GLY GLY A . n 
A 1 28  PRO 28  28  28  PRO PRO A . n 
A 1 29  TYR 29  29  29  TYR TYR A . n 
A 1 30  PRO 30  30  30  PRO PRO A . n 
A 1 31  ALA 31  31  31  ALA ALA A . n 
A 1 32  ARG 32  32  32  ARG ARG A . n 
A 1 33  VAL 33  33  33  VAL VAL A . n 
A 1 34  ARG 34  34  34  ARG ARG A . n 
A 1 35  ILE 35  35  35  ILE ILE A . n 
A 1 36  ALA 36  36  36  ALA ALA A . n 
A 1 37  LEU 37  37  37  LEU LEU A . n 
A 1 38  ALA 38  38  38  ALA ALA A . n 
A 1 39  GLU 39  39  39  GLU GLU A . n 
A 1 40  LYS 40  40  40  LYS LYS A . n 
A 1 41  ASN 41  41  41  ASN ASN A . n 
A 1 42  MET 42  42  42  MET MET A . n 
A 1 43  LEU 43  43  43  LEU LEU A . n 
A 1 44  SER 44  44  44  SER SER A . n 
A 1 45  SER 45  45  45  SER SER A . n 
A 1 46  VAL 46  46  46  VAL VAL A . n 
A 1 47  GLN 47  47  47  GLN GLN A . n 
A 1 48  PHE 48  48  48  PHE PHE A . n 
A 1 49  VAL 49  49  49  VAL VAL A . n 
A 1 50  ARG 50  50  50  ARG ARG A . n 
A 1 51  ILE 51  51  51  ILE ILE A . n 
A 1 52  ASN 52  52  52  ASN ASN A . n 
A 1 53  LEU 53  53  53  LEU LEU A . n 
A 1 54  TRP 54  54  54  TRP TRP A . n 
A 1 55  LYS 55  55  55  LYS LYS A . n 
A 1 56  GLY 56  56  56  GLY GLY A . n 
A 1 57  GLU 57  57  57  GLU GLU A . n 
A 1 58  HIS 58  58  58  HIS HIS A . n 
A 1 59  LYS 59  59  59  LYS LYS A . n 
A 1 60  LYS 60  60  60  LYS LYS A . n 
A 1 61  PRO 61  61  61  PRO PRO A . n 
A 1 62  GLU 62  62  62  GLU GLU A . n 
A 1 63  PHE 63  63  63  PHE PHE A . n 
A 1 64  LEU 64  64  64  LEU LEU A . n 
A 1 65  ALA 65  65  65  ALA ALA A . n 
A 1 66  LYS 66  66  66  LYS LYS A . n 
A 1 67  ASN 67  67  67  ASN ASN A . n 
A 1 68  TYR 68  68  68  TYR TYR A . n 
A 1 69  SER 69  69  69  SER SER A . n 
A 1 70  GLY 70  70  70  GLY GLY A . n 
A 1 71  THR 71  71  71  THR THR A . n 
A 1 72  VAL 72  72  72  VAL VAL A . n 
A 1 73  PRO 73  73  73  PRO PRO A . n 
A 1 74  VAL 74  74  74  VAL VAL A . n 
A 1 75  LEU 75  75  75  LEU LEU A . n 
A 1 76  GLU 76  76  76  GLU GLU A . n 
A 1 77  LEU 77  77  77  LEU LEU A . n 
A 1 78  ASP 78  78  78  ASP ASP A . n 
A 1 79  ASP 79  79  79  ASP ASP A . n 
A 1 80  GLY 80  80  80  GLY GLY A . n 
A 1 81  THR 81  81  81  THR THR A . n 
A 1 82  LEU 82  82  82  LEU LEU A . n 
A 1 83  ILE 83  83  83  ILE ILE A . n 
A 1 84  ALA 84  84  84  ALA ALA A . n 
A 1 85  GLU 85  85  85  GLU GLU A . n 
A 1 86  CYS 86  86  86  CYS CYS A . n 
A 1 87  THR 87  87  87  THR THR A . n 
A 1 88  ALA 88  88  88  ALA ALA A . n 
A 1 89  ILE 89  89  89  ILE ILE A . n 
A 1 90  THR 90  90  90  THR THR A . n 
A 1 91  GLU 91  91  91  GLU GLU A . n 
A 1 92  TYR 92  92  92  TYR TYR A . n 
A 1 93  ILE 93  93  93  ILE ILE A . n 
A 1 94  ASP 94  94  94  ASP ASP A . n 
A 1 95  ALA 95  95  95  ALA ALA A . n 
A 1 96  LEU 96  96  96  LEU LEU A . n 
A 1 97  ASP 97  97  97  ASP ASP A . n 
A 1 98  GLY 98  98  98  GLY GLY A . n 
A 1 99  THR 99  99  99  THR THR A . n 
A 1 100 PRO 100 100 100 PRO PRO A . n 
A 1 101 THR 101 101 101 THR THR A . n 
A 1 102 LEU 102 102 102 LEU LEU A . n 
A 1 103 THR 103 103 103 THR THR A . n 
A 1 104 GLY 104 104 104 GLY GLY A . n 
A 1 105 LYS 105 105 105 LYS LYS A . n 
A 1 106 THR 106 106 106 THR THR A . n 
A 1 107 PRO 107 107 107 PRO PRO A . n 
A 1 108 LEU 108 108 108 LEU LEU A . n 
A 1 109 GLU 109 109 109 GLU GLU A . n 
A 1 110 LYS 110 110 110 LYS LYS A . n 
A 1 111 GLY 111 111 111 GLY GLY A . n 
A 1 112 VAL 112 112 112 VAL VAL A . n 
A 1 113 ILE 113 113 113 ILE ILE A . n 
A 1 114 HIS 114 114 114 HIS HIS A . n 
A 1 115 MET 115 115 115 MET MET A . n 
A 1 116 MET 116 116 116 MET MET A . n 
A 1 117 ASN 117 117 117 ASN ASN A . n 
A 1 118 LYS 118 118 118 LYS LYS A . n 
A 1 119 ARG 119 119 119 ARG ARG A . n 
A 1 120 ALA 120 120 120 ALA ALA A . n 
A 1 121 GLU 121 121 121 GLU GLU A . n 
A 1 122 LEU 122 122 122 LEU LEU A . n 
A 1 123 GLU 123 123 123 GLU GLU A . n 
A 1 124 LEU 124 124 124 LEU LEU A . n 
A 1 125 LEU 125 125 125 LEU LEU A . n 
A 1 126 ASP 126 126 126 ASP ASP A . n 
A 1 127 PRO 127 127 127 PRO PRO A . n 
A 1 128 VAL 128 128 128 VAL VAL A . n 
A 1 129 SER 129 129 129 SER SER A . n 
A 1 130 VAL 130 130 130 VAL VAL A . n 
A 1 131 TYR 131 131 131 TYR TYR A . n 
A 1 132 PHE 132 132 132 PHE PHE A . n 
A 1 133 HIS 133 133 133 HIS HIS A . n 
A 1 134 HIS 134 134 134 HIS HIS A . n 
A 1 135 ALA 135 135 135 ALA ALA A . n 
A 1 136 THR 136 136 136 THR THR A . n 
A 1 137 PRO 137 137 137 PRO PRO A . n 
A 1 138 GLY 138 138 138 GLY GLY A . n 
A 1 139 LEU 139 139 139 LEU LEU A . n 
A 1 140 GLY 140 140 140 GLY GLY A . n 
A 1 141 PRO 141 141 141 PRO PRO A . n 
A 1 142 GLU 142 142 142 GLU GLU A . n 
A 1 143 VAL 143 143 143 VAL VAL A . n 
A 1 144 GLU 144 144 144 GLU GLU A . n 
A 1 145 LEU 145 145 145 LEU LEU A . n 
A 1 146 TYR 146 146 146 TYR TYR A . n 
A 1 147 GLN 147 147 147 GLN GLN A . n 
A 1 148 ASN 148 148 148 ASN ASN A . n 
A 1 149 LYS 149 149 149 LYS LYS A . n 
A 1 150 GLU 150 150 150 GLU GLU A . n 
A 1 151 TRP 151 151 151 TRP TRP A . n 
A 1 152 GLY 152 152 152 GLY GLY A . n 
A 1 153 LEU 153 153 153 LEU LEU A . n 
A 1 154 ARG 154 154 154 ARG ARG A . n 
A 1 155 GLN 155 155 155 GLN GLN A . n 
A 1 156 ARG 156 156 156 ARG ARG A . n 
A 1 157 ASP 157 157 157 ASP ASP A . n 
A 1 158 LYS 158 158 158 LYS LYS A . n 
A 1 159 ALA 159 159 159 ALA ALA A . n 
A 1 160 LEU 160 160 160 LEU LEU A . n 
A 1 161 HIS 161 161 161 HIS HIS A . n 
A 1 162 GLY 162 162 162 GLY GLY A . n 
A 1 163 MET 163 163 163 MET MET A . n 
A 1 164 HIS 164 164 164 HIS HIS A . n 
A 1 165 TYR 165 165 165 TYR TYR A . n 
A 1 166 PHE 166 166 166 PHE PHE A . n 
A 1 167 ASP 167 167 167 ASP ASP A . n 
A 1 168 THR 168 168 168 THR THR A . n 
A 1 169 VAL 169 169 169 VAL VAL A . n 
A 1 170 LEU 170 170 170 LEU LEU A . n 
A 1 171 ARG 171 171 171 ARG ARG A . n 
A 1 172 GLU 172 172 172 GLU GLU A . n 
A 1 173 ARG 173 173 173 ARG ARG A . n 
A 1 174 PRO 174 174 174 PRO PRO A . n 
A 1 175 TYR 175 175 175 TYR TYR A . n 
A 1 176 VAL 176 176 176 VAL VAL A . n 
A 1 177 ALA 177 177 177 ALA ALA A . n 
A 1 178 GLY 178 178 178 GLY GLY A . n 
A 1 179 ASP 179 179 179 ASP ASP A . n 
A 1 180 SER 180 180 180 SER SER A . n 
A 1 181 PHE 181 181 181 PHE PHE A . n 
A 1 182 SER 182 182 182 SER SER A . n 
A 1 183 MET 183 183 183 MET MET A . n 
A 1 184 ALA 184 184 184 ALA ALA A . n 
A 1 185 ASP 185 185 185 ASP ASP A . n 
A 1 186 ILE 186 186 186 ILE ILE A . n 
A 1 187 THR 187 187 187 THR THR A . n 
A 1 188 VAL 188 188 188 VAL VAL A . n 
A 1 189 ILE 189 189 189 ILE ILE A . n 
A 1 190 ALA 190 190 190 ALA ALA A . n 
A 1 191 GLY 191 191 191 GLY GLY A . n 
A 1 192 LEU 192 192 192 LEU LEU A . n 
A 1 193 ILE 193 193 193 ILE ILE A . n 
A 1 194 PHE 194 194 194 PHE PHE A . n 
A 1 195 ALA 195 195 195 ALA ALA A . n 
A 1 196 ALA 196 196 196 ALA ALA A . n 
A 1 197 ILE 197 197 197 ILE ILE A . n 
A 1 198 VAL 198 198 198 VAL VAL A . n 
A 1 199 LYS 199 199 199 LYS LYS A . n 
A 1 200 LEU 200 200 200 LEU LEU A . n 
A 1 201 GLN 201 201 201 GLN GLN A . n 
A 1 202 VAL 202 202 202 VAL VAL A . n 
A 1 203 PRO 203 203 203 PRO PRO A . n 
A 1 204 GLU 204 204 204 GLU GLU A . n 
A 1 205 GLU 205 205 205 GLU GLU A . n 
A 1 206 CYS 206 206 206 CYS CYS A . n 
A 1 207 GLU 207 207 207 GLU GLU A . n 
A 1 208 ALA 208 208 208 ALA ALA A . n 
A 1 209 LEU 209 209 209 LEU LEU A . n 
A 1 210 ARG 210 210 210 ARG ARG A . n 
A 1 211 ALA 211 211 211 ALA ALA A . n 
A 1 212 TRP 212 212 212 TRP TRP A . n 
A 1 213 TYR 213 213 213 TYR TYR A . n 
A 1 214 LYS 214 214 214 LYS LYS A . n 
A 1 215 ARG 215 215 215 ARG ARG A . n 
A 1 216 MET 216 216 216 MET MET A . n 
A 1 217 GLN 217 217 217 GLN GLN A . n 
A 1 218 GLN 218 218 218 GLN GLN A . n 
A 1 219 ARG 219 219 219 ARG ARG A . n 
A 1 220 PRO 220 220 220 PRO PRO A . n 
A 1 221 SER 221 221 221 SER SER A . n 
A 1 222 VAL 222 222 222 VAL VAL A . n 
A 1 223 LYS 223 223 223 LYS LYS A . n 
A 1 224 LYS 224 224 224 LYS LYS A . n 
A 1 225 LEU 225 225 225 LEU LEU A . n 
A 1 226 LEU 226 226 226 LEU LEU A . n 
A 1 227 GLU 227 227 ?   ?   ?   A . n 
A 1 228 ILE 228 228 ?   ?   ?   A . n 
A 1 229 ARG 229 229 ?   ?   ?   A . n 
A 1 230 SER 230 230 ?   ?   ?   A . n 
A 1 231 LYS 231 231 ?   ?   ?   A . n 
A 1 232 SER 232 232 ?   ?   ?   A . n 
A 1 233 SER 233 233 ?   ?   ?   A . n 
# 
loop_
_pdbx_nonpoly_scheme.asym_id 
_pdbx_nonpoly_scheme.entity_id 
_pdbx_nonpoly_scheme.mon_id 
_pdbx_nonpoly_scheme.ndb_seq_num 
_pdbx_nonpoly_scheme.pdb_seq_num 
_pdbx_nonpoly_scheme.auth_seq_num 
_pdbx_nonpoly_scheme.pdb_mon_id 
_pdbx_nonpoly_scheme.auth_mon_id 
_pdbx_nonpoly_scheme.pdb_strand_id 
_pdbx_nonpoly_scheme.pdb_ins_code 
B 2 HOH 1   234 1   HOH HOH A . 
B 2 HOH 2   235 2   HOH HOH A . 
B 2 HOH 3   236 3   HOH HOH A . 
B 2 HOH 4   237 4   HOH HOH A . 
B 2 HOH 5   238 5   HOH HOH A . 
B 2 HOH 6   239 6   HOH HOH A . 
B 2 HOH 7   240 7   HOH HOH A . 
B 2 HOH 8   241 8   HOH HOH A . 
B 2 HOH 9   242 9   HOH HOH A . 
B 2 HOH 10  243 10  HOH HOH A . 
B 2 HOH 11  244 11  HOH HOH A . 
B 2 HOH 12  245 12  HOH HOH A . 
B 2 HOH 13  246 13  HOH HOH A . 
B 2 HOH 14  247 14  HOH HOH A . 
B 2 HOH 15  248 15  HOH HOH A . 
B 2 HOH 16  249 16  HOH HOH A . 
B 2 HOH 17  250 17  HOH HOH A . 
B 2 HOH 18  251 18  HOH HOH A . 
B 2 HOH 19  252 19  HOH HOH A . 
B 2 HOH 20  253 20  HOH HOH A . 
B 2 HOH 21  254 21  HOH HOH A . 
B 2 HOH 22  255 22  HOH HOH A . 
B 2 HOH 23  256 23  HOH HOH A . 
B 2 HOH 24  257 24  HOH HOH A . 
B 2 HOH 25  258 25  HOH HOH A . 
B 2 HOH 26  259 26  HOH HOH A . 
B 2 HOH 27  260 27  HOH HOH A . 
B 2 HOH 28  261 28  HOH HOH A . 
B 2 HOH 29  262 29  HOH HOH A . 
B 2 HOH 30  263 30  HOH HOH A . 
B 2 HOH 31  264 31  HOH HOH A . 
B 2 HOH 32  265 32  HOH HOH A . 
B 2 HOH 33  266 33  HOH HOH A . 
B 2 HOH 34  267 34  HOH HOH A . 
B 2 HOH 35  268 35  HOH HOH A . 
B 2 HOH 36  269 36  HOH HOH A . 
B 2 HOH 37  270 37  HOH HOH A . 
B 2 HOH 38  271 38  HOH HOH A . 
B 2 HOH 39  272 39  HOH HOH A . 
B 2 HOH 40  273 40  HOH HOH A . 
B 2 HOH 41  274 41  HOH HOH A . 
B 2 HOH 42  275 42  HOH HOH A . 
B 2 HOH 43  276 43  HOH HOH A . 
B 2 HOH 44  277 44  HOH HOH A . 
B 2 HOH 45  278 45  HOH HOH A . 
B 2 HOH 46  279 46  HOH HOH A . 
B 2 HOH 47  280 47  HOH HOH A . 
B 2 HOH 48  281 48  HOH HOH A . 
B 2 HOH 49  282 49  HOH HOH A . 
B 2 HOH 50  283 50  HOH HOH A . 
B 2 HOH 51  284 51  HOH HOH A . 
B 2 HOH 52  285 52  HOH HOH A . 
B 2 HOH 53  286 53  HOH HOH A . 
B 2 HOH 54  287 54  HOH HOH A . 
B 2 HOH 55  288 55  HOH HOH A . 
B 2 HOH 56  289 56  HOH HOH A . 
B 2 HOH 57  290 57  HOH HOH A . 
B 2 HOH 58  291 58  HOH HOH A . 
B 2 HOH 59  292 59  HOH HOH A . 
B 2 HOH 60  293 60  HOH HOH A . 
B 2 HOH 61  294 61  HOH HOH A . 
B 2 HOH 62  295 62  HOH HOH A . 
B 2 HOH 63  296 63  HOH HOH A . 
B 2 HOH 64  297 64  HOH HOH A . 
B 2 HOH 65  298 65  HOH HOH A . 
B 2 HOH 66  299 66  HOH HOH A . 
B 2 HOH 67  300 67  HOH HOH A . 
B 2 HOH 68  301 68  HOH HOH A . 
B 2 HOH 69  302 69  HOH HOH A . 
B 2 HOH 70  303 70  HOH HOH A . 
B 2 HOH 71  304 71  HOH HOH A . 
B 2 HOH 72  305 72  HOH HOH A . 
B 2 HOH 73  306 73  HOH HOH A . 
B 2 HOH 74  307 74  HOH HOH A . 
B 2 HOH 75  308 75  HOH HOH A . 
B 2 HOH 76  309 76  HOH HOH A . 
B 2 HOH 77  310 77  HOH HOH A . 
B 2 HOH 78  311 78  HOH HOH A . 
B 2 HOH 79  312 79  HOH HOH A . 
B 2 HOH 80  313 80  HOH HOH A . 
B 2 HOH 81  314 81  HOH HOH A . 
B 2 HOH 82  315 82  HOH HOH A . 
B 2 HOH 83  316 83  HOH HOH A . 
B 2 HOH 84  317 84  HOH HOH A . 
B 2 HOH 85  318 85  HOH HOH A . 
B 2 HOH 86  319 86  HOH HOH A . 
B 2 HOH 87  320 87  HOH HOH A . 
B 2 HOH 88  321 88  HOH HOH A . 
B 2 HOH 89  322 89  HOH HOH A . 
B 2 HOH 90  323 90  HOH HOH A . 
B 2 HOH 91  324 91  HOH HOH A . 
B 2 HOH 92  325 92  HOH HOH A . 
B 2 HOH 93  326 93  HOH HOH A . 
B 2 HOH 94  327 94  HOH HOH A . 
B 2 HOH 95  328 95  HOH HOH A . 
B 2 HOH 96  329 96  HOH HOH A . 
B 2 HOH 97  330 97  HOH HOH A . 
B 2 HOH 98  331 98  HOH HOH A . 
B 2 HOH 99  332 99  HOH HOH A . 
B 2 HOH 100 333 100 HOH HOH A . 
B 2 HOH 101 334 101 HOH HOH A . 
B 2 HOH 102 335 102 HOH HOH A . 
B 2 HOH 103 336 103 HOH HOH A . 
B 2 HOH 104 337 104 HOH HOH A . 
B 2 HOH 105 338 105 HOH HOH A . 
B 2 HOH 106 339 106 HOH HOH A . 
B 2 HOH 107 340 107 HOH HOH A . 
B 2 HOH 108 341 108 HOH HOH A . 
B 2 HOH 109 342 109 HOH HOH A . 
B 2 HOH 110 343 110 HOH HOH A . 
B 2 HOH 111 344 111 HOH HOH A . 
B 2 HOH 112 345 112 HOH HOH A . 
B 2 HOH 113 346 113 HOH HOH A . 
B 2 HOH 114 347 114 HOH HOH A . 
B 2 HOH 115 348 115 HOH HOH A . 
B 2 HOH 116 349 116 HOH HOH A . 
B 2 HOH 117 350 117 HOH HOH A . 
B 2 HOH 118 351 118 HOH HOH A . 
B 2 HOH 119 352 119 HOH HOH A . 
# 
loop_
_software.name 
_software.classification 
_software.version 
_software.citation_id 
_software.pdbx_ordinal 
MAR345dtb 'data collection' .        ? 1 
MOLREP    phasing           .        ? 2 
REFMAC    refinement        5.5.0072 ? 3 
MOSFLM    'data reduction'  .        ? 4 
SCALA     'data scaling'    .        ? 5 
# 
_cell.entry_id           3ERF 
_cell.length_a           88.2999 
_cell.length_b           88.2999 
_cell.length_c           69.1502 
_cell.angle_alpha        90.00 
_cell.angle_beta         90.00 
_cell.angle_gamma        120.00 
_cell.Z_PDB              6 
_cell.pdbx_unique_axis   ? 
_cell.length_a_esd       ? 
_cell.length_b_esd       ? 
_cell.length_c_esd       ? 
_cell.angle_alpha_esd    ? 
_cell.angle_beta_esd     ? 
_cell.angle_gamma_esd    ? 
# 
_symmetry.entry_id                         3ERF 
_symmetry.space_group_name_H-M             'P 31 2 1' 
_symmetry.pdbx_full_space_group_name_H-M   ? 
_symmetry.cell_setting                     ? 
_symmetry.Int_Tables_number                152 
_symmetry.space_group_name_Hall            ? 
# 
_exptl.entry_id          3ERF 
_exptl.method            'X-RAY DIFFRACTION' 
_exptl.crystals_number   1 
# 
_exptl_crystal.id                    1 
_exptl_crystal.density_meas          ? 
_exptl_crystal.density_Matthews      2.95 
_exptl_crystal.density_percent_sol   58.30 
_exptl_crystal.description           ? 
_exptl_crystal.F_000                 ? 
_exptl_crystal.preparation           ? 
# 
_exptl_crystal_grow.crystal_id      1 
_exptl_crystal_grow.method          'VAPOR DIFFUSION, HANGING DROP' 
_exptl_crystal_grow.temp            298 
_exptl_crystal_grow.temp_details    ? 
_exptl_crystal_grow.pH              ? 
_exptl_crystal_grow.pdbx_details    '1.8M Ammonium sulfate, VAPOR DIFFUSION, HANGING DROP, temperature 298K' 
_exptl_crystal_grow.pdbx_pH_range   . 
# 
_diffrn.id                     1 
_diffrn.ambient_temp           100 
_diffrn.ambient_temp_details   ? 
_diffrn.crystal_id             1 
# 
_diffrn_detector.diffrn_id              1 
_diffrn_detector.detector               'IMAGE PLATE' 
_diffrn_detector.type                   MARRESEARCH 
_diffrn_detector.pdbx_collection_date   2006-08-08 
_diffrn_detector.details                ? 
# 
_diffrn_radiation.diffrn_id                        1 
_diffrn_radiation.wavelength_id                    1 
_diffrn_radiation.pdbx_monochromatic_or_laue_m_l   M 
_diffrn_radiation.monochromator                    GRAPHITE 
_diffrn_radiation.pdbx_diffrn_protocol             'SINGLE WAVELENGTH' 
_diffrn_radiation.pdbx_scattering_type             x-ray 
# 
_diffrn_radiation_wavelength.id           1 
_diffrn_radiation_wavelength.wavelength   1.5418 
_diffrn_radiation_wavelength.wt           1.0 
# 
_diffrn_source.diffrn_id                   1 
_diffrn_source.source                      'ROTATING ANODE' 
_diffrn_source.type                        'RIGAKU MICROMAX-007' 
_diffrn_source.pdbx_synchrotron_site       ? 
_diffrn_source.pdbx_synchrotron_beamline   ? 
_diffrn_source.pdbx_wavelength             ? 
_diffrn_source.pdbx_wavelength_list        1.5418 
# 
_reflns.entry_id                     3ERF 
_reflns.observed_criterion_sigma_I   ? 
_reflns.observed_criterion_sigma_F   ? 
_reflns.d_resolution_low             40.00 
_reflns.d_resolution_high            2.23 
_reflns.number_obs                   15617 
_reflns.number_all                   ? 
_reflns.percent_possible_obs         ? 
_reflns.pdbx_Rmerge_I_obs            0.037 
_reflns.pdbx_Rsym_value              ? 
_reflns.pdbx_netI_over_sigmaI        22.3 
_reflns.B_iso_Wilson_estimate        42.0 
_reflns.pdbx_redundancy              3.7 
_reflns.R_free_details               ? 
_reflns.limit_h_max                  ? 
_reflns.limit_h_min                  ? 
_reflns.limit_k_max                  ? 
_reflns.limit_k_min                  ? 
_reflns.limit_l_max                  ? 
_reflns.limit_l_min                  ? 
_reflns.observed_criterion_F_max     ? 
_reflns.observed_criterion_F_min     ? 
_reflns.pdbx_chi_squared             ? 
_reflns.pdbx_scaling_rejects         ? 
_reflns.pdbx_diffrn_id               1 
_reflns.pdbx_ordinal                 1 
# 
_reflns_shell.d_res_high             2.23 
_reflns_shell.d_res_low              2.35 
_reflns_shell.percent_possible_all   ? 
_reflns_shell.Rmerge_I_obs           0.179 
_reflns_shell.pdbx_Rsym_value        ? 
_reflns_shell.meanI_over_sigI_obs    7.6 
_reflns_shell.pdbx_redundancy        3.6 
_reflns_shell.percent_possible_obs   ? 
_reflns_shell.number_unique_all      4265 
_reflns_shell.number_measured_all    ? 
_reflns_shell.number_measured_obs    ? 
_reflns_shell.number_unique_obs      ? 
_reflns_shell.pdbx_chi_squared       ? 
_reflns_shell.pdbx_diffrn_id         ? 
_reflns_shell.pdbx_ordinal           1 
# 
_refine.entry_id                                 3ERF 
_refine.ls_number_reflns_obs                     14817 
_refine.ls_number_reflns_all                     ? 
_refine.pdbx_ls_sigma_I                          ? 
_refine.pdbx_ls_sigma_F                          ? 
_refine.pdbx_data_cutoff_high_absF               ? 
_refine.pdbx_data_cutoff_low_absF                ? 
_refine.pdbx_data_cutoff_high_rms_absF           ? 
_refine.ls_d_res_low                             40.00 
_refine.ls_d_res_high                            2.23 
_refine.ls_percent_reflns_obs                    99.86 
_refine.ls_R_factor_obs                          0.21359 
_refine.ls_R_factor_all                          ? 
_refine.ls_R_factor_R_work                       0.21181 
_refine.ls_R_factor_R_free                       0.24803 
_refine.ls_R_factor_R_free_error                 ? 
_refine.ls_R_factor_R_free_error_details         ? 
_refine.ls_percent_reflns_R_free                 5.0 
_refine.ls_number_reflns_R_free                  780 
_refine.ls_number_parameters                     ? 
_refine.ls_number_restraints                     ? 
_refine.occupancy_min                            ? 
_refine.occupancy_max                            ? 
_refine.correlation_coeff_Fo_to_Fc               0.928 
_refine.correlation_coeff_Fo_to_Fc_free          0.921 
_refine.B_iso_mean                               37.966 
_refine.aniso_B[1][1]                            -1.51 
_refine.aniso_B[2][2]                            -1.51 
_refine.aniso_B[3][3]                            2.27 
_refine.aniso_B[1][2]                            -0.76 
_refine.aniso_B[1][3]                            0.00 
_refine.aniso_B[2][3]                            0.00 
_refine.solvent_model_details                    MASK 
_refine.solvent_model_param_ksol                 ? 
_refine.solvent_model_param_bsol                 ? 
_refine.pdbx_solvent_vdw_probe_radii             1.40 
_refine.pdbx_solvent_ion_probe_radii             0.80 
_refine.pdbx_solvent_shrinkage_radii             0.80 
_refine.pdbx_ls_cross_valid_method               THROUGHOUT 
_refine.details                                  'HYDROGENS HAVE BEEN ADDED IN THE RIDING POSITIONS' 
_refine.pdbx_starting_model                      ? 
_refine.pdbx_method_to_determine_struct          'MOLECULAR REPLACEMENT' 
_refine.pdbx_isotropic_thermal_model             ? 
_refine.pdbx_stereochemistry_target_values       'MAXIMUM LIKELIHOOD' 
_refine.pdbx_stereochem_target_val_spec_case     ? 
_refine.pdbx_R_Free_selection_details            RANDOM 
_refine.pdbx_overall_ESU_R                       0.230 
_refine.pdbx_overall_ESU_R_Free                  0.194 
_refine.overall_SU_ML                            ? 
_refine.overall_SU_B                             ? 
_refine.ls_redundancy_reflns_obs                 ? 
_refine.B_iso_min                                ? 
_refine.B_iso_max                                ? 
_refine.overall_SU_R_Cruickshank_DPI             ? 
_refine.overall_SU_R_free                        ? 
_refine.ls_wR_factor_R_free                      ? 
_refine.ls_wR_factor_R_work                      ? 
_refine.overall_FOM_free_R_set                   ? 
_refine.overall_FOM_work_R_set                   ? 
_refine.pdbx_refine_id                           'X-RAY DIFFRACTION' 
_refine.pdbx_overall_phase_error                 ? 
_refine.pdbx_diffrn_id                           1 
_refine.pdbx_TLS_residual_ADP_flag               ? 
_refine.pdbx_overall_SU_R_free_Cruickshank_DPI   ? 
_refine.pdbx_overall_SU_R_Blow_DPI               ? 
_refine.pdbx_overall_SU_R_free_Blow_DPI          ? 
# 
_refine_hist.pdbx_refine_id                   'X-RAY DIFFRACTION' 
_refine_hist.cycle_id                         LAST 
_refine_hist.pdbx_number_atoms_protein        1653 
_refine_hist.pdbx_number_atoms_nucleic_acid   0 
_refine_hist.pdbx_number_atoms_ligand         0 
_refine_hist.number_atoms_solvent             119 
_refine_hist.number_atoms_total               1772 
_refine_hist.d_res_high                       2.23 
_refine_hist.d_res_low                        40.00 
# 
loop_
_refine_ls_restr.type 
_refine_ls_restr.dev_ideal 
_refine_ls_restr.dev_ideal_target 
_refine_ls_restr.weight 
_refine_ls_restr.number 
_refine_ls_restr.pdbx_refine_id 
_refine_ls_restr.pdbx_restraint_function 
r_bond_refined_d             0.013  0.022  ? 1692 'X-RAY DIFFRACTION' ? 
r_bond_other_d               ?      ?      ? ?    'X-RAY DIFFRACTION' ? 
r_angle_refined_deg          1.285  1.977  ? 2295 'X-RAY DIFFRACTION' ? 
r_angle_other_deg            ?      ?      ? ?    'X-RAY DIFFRACTION' ? 
r_dihedral_angle_1_deg       5.233  5.000  ? 207  'X-RAY DIFFRACTION' ? 
r_dihedral_angle_2_deg       34.795 23.611 ? 72   'X-RAY DIFFRACTION' ? 
r_dihedral_angle_3_deg       14.525 15.000 ? 299  'X-RAY DIFFRACTION' ? 
r_dihedral_angle_4_deg       19.922 15.000 ? 11   'X-RAY DIFFRACTION' ? 
r_chiral_restr               0.088  0.200  ? 257  'X-RAY DIFFRACTION' ? 
r_gen_planes_refined         0.006  0.021  ? 1263 'X-RAY DIFFRACTION' ? 
r_gen_planes_other           ?      ?      ? ?    'X-RAY DIFFRACTION' ? 
r_nbd_refined                ?      ?      ? ?    'X-RAY DIFFRACTION' ? 
r_nbd_other                  ?      ?      ? ?    'X-RAY DIFFRACTION' ? 
r_nbtor_refined              ?      ?      ? ?    'X-RAY DIFFRACTION' ? 
r_nbtor_other                ?      ?      ? ?    'X-RAY DIFFRACTION' ? 
r_xyhbond_nbd_refined        ?      ?      ? ?    'X-RAY DIFFRACTION' ? 
r_xyhbond_nbd_other          ?      ?      ? ?    'X-RAY DIFFRACTION' ? 
r_metal_ion_refined          ?      ?      ? ?    'X-RAY DIFFRACTION' ? 
r_metal_ion_other            ?      ?      ? ?    'X-RAY DIFFRACTION' ? 
r_symmetry_vdw_refined       ?      ?      ? ?    'X-RAY DIFFRACTION' ? 
r_symmetry_vdw_other         ?      ?      ? ?    'X-RAY DIFFRACTION' ? 
r_symmetry_hbond_refined     ?      ?      ? ?    'X-RAY DIFFRACTION' ? 
r_symmetry_hbond_other       ?      ?      ? ?    'X-RAY DIFFRACTION' ? 
r_symmetry_metal_ion_refined ?      ?      ? ?    'X-RAY DIFFRACTION' ? 
r_symmetry_metal_ion_other   ?      ?      ? ?    'X-RAY DIFFRACTION' ? 
r_mcbond_it                  0.714  1.500  ? 1039 'X-RAY DIFFRACTION' ? 
r_mcbond_other               ?      ?      ? ?    'X-RAY DIFFRACTION' ? 
r_mcangle_it                 1.325  2.000  ? 1682 'X-RAY DIFFRACTION' ? 
r_scbond_it                  2.030  3.000  ? 653  'X-RAY DIFFRACTION' ? 
r_scangle_it                 3.364  4.500  ? 613  'X-RAY DIFFRACTION' ? 
r_rigid_bond_restr           ?      ?      ? ?    'X-RAY DIFFRACTION' ? 
r_sphericity_free            ?      ?      ? ?    'X-RAY DIFFRACTION' ? 
r_sphericity_bonded          ?      ?      ? ?    'X-RAY DIFFRACTION' ? 
# 
_refine_ls_shell.pdbx_total_number_of_bins_used   20 
_refine_ls_shell.d_res_high                       2.226 
_refine_ls_shell.d_res_low                        2.283 
_refine_ls_shell.number_reflns_R_work             1068 
_refine_ls_shell.R_factor_R_work                  0.215 
_refine_ls_shell.percent_reflns_obs               98.32 
_refine_ls_shell.R_factor_R_free                  0.299 
_refine_ls_shell.R_factor_R_free_error            ? 
_refine_ls_shell.percent_reflns_R_free            ? 
_refine_ls_shell.number_reflns_R_free             45 
_refine_ls_shell.number_reflns_all                ? 
_refine_ls_shell.R_factor_all                     ? 
_refine_ls_shell.number_reflns_obs                ? 
_refine_ls_shell.redundancy_reflns_obs            ? 
_refine_ls_shell.pdbx_refine_id                   'X-RAY DIFFRACTION' 
# 
_struct.entry_id                  3ERF 
_struct.title                     'Crystal structure of Gtt2 from Saccharomyces cerevisiae' 
_struct.pdbx_model_details        ? 
_struct.pdbx_CASP_flag            ? 
_struct.pdbx_model_type_details   ? 
# 
_struct_keywords.entry_id        3ERF 
_struct_keywords.pdbx_keywords   TRANSFERASE 
_struct_keywords.text            'Glutathione S-transferase, GST, Yeast, Transferase' 
# 
loop_
_struct_asym.id 
_struct_asym.pdbx_blank_PDB_chainid_flag 
_struct_asym.pdbx_modified 
_struct_asym.entity_id 
_struct_asym.details 
A N N 1 ? 
B N N 2 ? 
# 
_struct_ref.id                         1 
_struct_ref.db_name                    UNP 
_struct_ref.db_code                    GST2_YEAST 
_struct_ref.pdbx_db_accession          Q12390 
_struct_ref.entity_id                  1 
_struct_ref.pdbx_seq_one_letter_code   
;MNGRGFLIYNGGEKMKQKMIIYDTPAGPYPARVRIALAEKNMLSSVQFVRINLWKGEHKKPEFLAKNYSGTVPVLELDDG
TLIAECTAITEYIDALDGTPTLTGKTPLEKGVIHMMNKRAELELLDPVSVYFHHATPGLGPEVELYQNKEWGLRQRDKAL
HGMHYFDTVLRERPYVAGDSFSMADITVIAGLIFAAIVKLQVPEECEALRAWYKRMQQRPSVKKLLEIRSKSS
;
_struct_ref.pdbx_align_begin           1 
_struct_ref.pdbx_db_isoform            ? 
# 
_struct_ref_seq.align_id                      1 
_struct_ref_seq.ref_id                        1 
_struct_ref_seq.pdbx_PDB_id_code              3ERF 
_struct_ref_seq.pdbx_strand_id                A 
_struct_ref_seq.seq_align_beg                 1 
_struct_ref_seq.pdbx_seq_align_beg_ins_code   ? 
_struct_ref_seq.seq_align_end                 233 
_struct_ref_seq.pdbx_seq_align_end_ins_code   ? 
_struct_ref_seq.pdbx_db_accession             Q12390 
_struct_ref_seq.db_align_beg                  1 
_struct_ref_seq.pdbx_db_align_beg_ins_code    ? 
_struct_ref_seq.db_align_end                  233 
_struct_ref_seq.pdbx_db_align_end_ins_code    ? 
_struct_ref_seq.pdbx_auth_seq_align_beg       1 
_struct_ref_seq.pdbx_auth_seq_align_end       233 
# 
_pdbx_struct_assembly.id                   1 
_pdbx_struct_assembly.details              author_and_software_defined_assembly 
_pdbx_struct_assembly.method_details       PISA 
_pdbx_struct_assembly.oligomeric_details   dimeric 
_pdbx_struct_assembly.oligomeric_count     2 
# 
loop_
_pdbx_struct_assembly_prop.biol_id 
_pdbx_struct_assembly_prop.type 
_pdbx_struct_assembly_prop.value 
_pdbx_struct_assembly_prop.details 
1 'ABSA (A^2)' 3330  ? 
1 MORE         -23   ? 
1 'SSA (A^2)'  18100 ? 
# 
_pdbx_struct_assembly_gen.assembly_id       1 
_pdbx_struct_assembly_gen.oper_expression   1,2 
_pdbx_struct_assembly_gen.asym_id_list      A,B 
# 
loop_
_pdbx_struct_oper_list.id 
_pdbx_struct_oper_list.type 
_pdbx_struct_oper_list.name 
_pdbx_struct_oper_list.symmetry_operation 
_pdbx_struct_oper_list.matrix[1][1] 
_pdbx_struct_oper_list.matrix[1][2] 
_pdbx_struct_oper_list.matrix[1][3] 
_pdbx_struct_oper_list.vector[1] 
_pdbx_struct_oper_list.matrix[2][1] 
_pdbx_struct_oper_list.matrix[2][2] 
_pdbx_struct_oper_list.matrix[2][3] 
_pdbx_struct_oper_list.vector[2] 
_pdbx_struct_oper_list.matrix[3][1] 
_pdbx_struct_oper_list.matrix[3][2] 
_pdbx_struct_oper_list.matrix[3][3] 
_pdbx_struct_oper_list.vector[3] 
1 'identity operation'         1_555 x,y,z          1.0000000000 0.0000000000  0.0000000000 0.0000000000 0.0000000000  1.0000000000  0.0000000000  0.0000000000  0.0000000000 0.0000000000  1.0000000000  0.0000000000  
2 'crystal symmetry operation' 6_555 -x,-x+y,-z+1/3 0.2450824240 -0.6670871824 0.7035121154 3.2891644965 -0.6670871824 -0.6425896789 -0.3769259816 18.8117023602 0.7035121154 -0.3769259816 -0.6024927450 12.0165160385 
# 
loop_
_struct_conf.conf_type_id 
_struct_conf.id 
_struct_conf.pdbx_PDB_helix_id 
_struct_conf.beg_label_comp_id 
_struct_conf.beg_label_asym_id 
_struct_conf.beg_label_seq_id 
_struct_conf.pdbx_beg_PDB_ins_code 
_struct_conf.end_label_comp_id 
_struct_conf.end_label_asym_id 
_struct_conf.end_label_seq_id 
_struct_conf.pdbx_end_PDB_ins_code 
_struct_conf.beg_auth_comp_id 
_struct_conf.beg_auth_asym_id 
_struct_conf.beg_auth_seq_id 
_struct_conf.end_auth_comp_id 
_struct_conf.end_auth_asym_id 
_struct_conf.end_auth_seq_id 
_struct_conf.pdbx_PDB_helix_class 
_struct_conf.details 
_struct_conf.pdbx_PDB_helix_length 
HELX_P HELX_P1  1  GLY A 27  ? LYS A 40  ? GLY A 27  LYS A 40  1 ? 14 
HELX_P HELX_P2  2  ASN A 41  ? VAL A 46  ? ASN A 41  VAL A 46  5 ? 6  
HELX_P HELX_P3  3  ASN A 52  ? LYS A 59  ? ASN A 52  LYS A 59  5 ? 8  
HELX_P HELX_P4  4  LYS A 60  ? ALA A 65  ? LYS A 60  ALA A 65  1 ? 6  
HELX_P HELX_P5  5  GLU A 85  ? ASP A 97  ? GLU A 85  ASP A 97  1 ? 13 
HELX_P HELX_P6  6  THR A 106 ? LEU A 124 ? THR A 106 LEU A 124 1 ? 19 
HELX_P HELX_P7  7  LEU A 124 ? THR A 136 ? LEU A 124 THR A 136 1 ? 13 
HELX_P HELX_P8  8  ASN A 148 ? ARG A 171 ? ASN A 148 ARG A 171 1 ? 24 
HELX_P HELX_P9  9  SER A 182 ? VAL A 198 ? SER A 182 VAL A 198 1 ? 17 
HELX_P HELX_P10 10 CYS A 206 ? GLN A 217 ? CYS A 206 GLN A 217 1 ? 12 
HELX_P HELX_P11 11 ARG A 219 ? LEU A 226 ? ARG A 219 LEU A 226 1 ? 8  
# 
_struct_conf_type.id          HELX_P 
_struct_conf_type.criteria    ? 
_struct_conf_type.reference   ? 
# 
_struct_mon_prot_cis.pdbx_id                1 
_struct_mon_prot_cis.label_comp_id          VAL 
_struct_mon_prot_cis.label_seq_id           72 
_struct_mon_prot_cis.label_asym_id          A 
_struct_mon_prot_cis.label_alt_id           . 
_struct_mon_prot_cis.pdbx_PDB_ins_code      ? 
_struct_mon_prot_cis.auth_comp_id           VAL 
_struct_mon_prot_cis.auth_seq_id            72 
_struct_mon_prot_cis.auth_asym_id           A 
_struct_mon_prot_cis.pdbx_label_comp_id_2   PRO 
_struct_mon_prot_cis.pdbx_label_seq_id_2    73 
_struct_mon_prot_cis.pdbx_label_asym_id_2   A 
_struct_mon_prot_cis.pdbx_PDB_ins_code_2    ? 
_struct_mon_prot_cis.pdbx_auth_comp_id_2    PRO 
_struct_mon_prot_cis.pdbx_auth_seq_id_2     73 
_struct_mon_prot_cis.pdbx_auth_asym_id_2    A 
_struct_mon_prot_cis.pdbx_PDB_model_num     1 
_struct_mon_prot_cis.pdbx_omega_angle       6.39 
# 
_struct_sheet.id               A 
_struct_sheet.type             ? 
_struct_sheet.number_strands   4 
_struct_sheet.details          ? 
# 
loop_
_struct_sheet_order.sheet_id 
_struct_sheet_order.range_id_1 
_struct_sheet_order.range_id_2 
_struct_sheet_order.offset 
_struct_sheet_order.sense 
A 1 2 ? parallel      
A 2 3 ? anti-parallel 
A 3 4 ? anti-parallel 
# 
loop_
_struct_sheet_range.sheet_id 
_struct_sheet_range.id 
_struct_sheet_range.beg_label_comp_id 
_struct_sheet_range.beg_label_asym_id 
_struct_sheet_range.beg_label_seq_id 
_struct_sheet_range.pdbx_beg_PDB_ins_code 
_struct_sheet_range.end_label_comp_id 
_struct_sheet_range.end_label_asym_id 
_struct_sheet_range.end_label_seq_id 
_struct_sheet_range.pdbx_end_PDB_ins_code 
_struct_sheet_range.beg_auth_comp_id 
_struct_sheet_range.beg_auth_asym_id 
_struct_sheet_range.beg_auth_seq_id 
_struct_sheet_range.end_auth_comp_id 
_struct_sheet_range.end_auth_asym_id 
_struct_sheet_range.end_auth_seq_id 
A 1 GLN A 47 ? ARG A 50 ? GLN A 47 ARG A 50 
A 2 ILE A 20 ? ASP A 23 ? ILE A 20 ASP A 23 
A 3 VAL A 74 ? GLU A 76 ? VAL A 74 GLU A 76 
A 4 LEU A 82 ? ALA A 84 ? LEU A 82 ALA A 84 
# 
loop_
_pdbx_struct_sheet_hbond.sheet_id 
_pdbx_struct_sheet_hbond.range_id_1 
_pdbx_struct_sheet_hbond.range_id_2 
_pdbx_struct_sheet_hbond.range_1_label_atom_id 
_pdbx_struct_sheet_hbond.range_1_label_comp_id 
_pdbx_struct_sheet_hbond.range_1_label_asym_id 
_pdbx_struct_sheet_hbond.range_1_label_seq_id 
_pdbx_struct_sheet_hbond.range_1_PDB_ins_code 
_pdbx_struct_sheet_hbond.range_1_auth_atom_id 
_pdbx_struct_sheet_hbond.range_1_auth_comp_id 
_pdbx_struct_sheet_hbond.range_1_auth_asym_id 
_pdbx_struct_sheet_hbond.range_1_auth_seq_id 
_pdbx_struct_sheet_hbond.range_2_label_atom_id 
_pdbx_struct_sheet_hbond.range_2_label_comp_id 
_pdbx_struct_sheet_hbond.range_2_label_asym_id 
_pdbx_struct_sheet_hbond.range_2_label_seq_id 
_pdbx_struct_sheet_hbond.range_2_PDB_ins_code 
_pdbx_struct_sheet_hbond.range_2_auth_atom_id 
_pdbx_struct_sheet_hbond.range_2_auth_comp_id 
_pdbx_struct_sheet_hbond.range_2_auth_asym_id 
_pdbx_struct_sheet_hbond.range_2_auth_seq_id 
A 1 2 O VAL A 49 ? O VAL A 49 N ILE A 21 ? N ILE A 21 
A 2 3 N ILE A 20 ? N ILE A 20 O GLU A 76 ? O GLU A 76 
A 3 4 N LEU A 75 ? N LEU A 75 O ILE A 83 ? O ILE A 83 
# 
_pdbx_entry_details.entry_id                   3ERF 
_pdbx_entry_details.compound_details           ? 
_pdbx_entry_details.source_details             ? 
_pdbx_entry_details.nonpolymer_details         ? 
_pdbx_entry_details.sequence_details           ? 
_pdbx_entry_details.has_ligand_of_interest     ? 
_pdbx_entry_details.has_protein_modification   N 
# 
loop_
_pdbx_validate_torsion.id 
_pdbx_validate_torsion.PDB_model_num 
_pdbx_validate_torsion.auth_comp_id 
_pdbx_validate_torsion.auth_asym_id 
_pdbx_validate_torsion.auth_seq_id 
_pdbx_validate_torsion.PDB_ins_code 
_pdbx_validate_torsion.label_alt_id 
_pdbx_validate_torsion.phi 
_pdbx_validate_torsion.psi 
1 1 GLU A 85  ? ? 85.29   130.58 
2 1 LEU A 124 ? ? -132.97 -66.12 
# 
loop_
_pdbx_unobs_or_zero_occ_residues.id 
_pdbx_unobs_or_zero_occ_residues.PDB_model_num 
_pdbx_unobs_or_zero_occ_residues.polymer_flag 
_pdbx_unobs_or_zero_occ_residues.occupancy_flag 
_pdbx_unobs_or_zero_occ_residues.auth_asym_id 
_pdbx_unobs_or_zero_occ_residues.auth_comp_id 
_pdbx_unobs_or_zero_occ_residues.auth_seq_id 
_pdbx_unobs_or_zero_occ_residues.PDB_ins_code 
_pdbx_unobs_or_zero_occ_residues.label_asym_id 
_pdbx_unobs_or_zero_occ_residues.label_comp_id 
_pdbx_unobs_or_zero_occ_residues.label_seq_id 
1  1 Y 1 A MET 1   ? A MET 1   
2  1 Y 1 A ASN 2   ? A ASN 2   
3  1 Y 1 A GLY 3   ? A GLY 3   
4  1 Y 1 A ARG 4   ? A ARG 4   
5  1 Y 1 A GLY 5   ? A GLY 5   
6  1 Y 1 A PHE 6   ? A PHE 6   
7  1 Y 1 A LEU 7   ? A LEU 7   
8  1 Y 1 A ILE 8   ? A ILE 8   
9  1 Y 1 A TYR 9   ? A TYR 9   
10 1 Y 1 A ASN 10  ? A ASN 10  
11 1 Y 1 A GLY 11  ? A GLY 11  
12 1 Y 1 A GLY 12  ? A GLY 12  
13 1 Y 1 A GLU 13  ? A GLU 13  
14 1 Y 1 A LYS 14  ? A LYS 14  
15 1 Y 1 A MET 15  ? A MET 15  
16 1 Y 1 A LYS 16  ? A LYS 16  
17 1 Y 1 A GLN 17  ? A GLN 17  
18 1 Y 1 A LYS 18  ? A LYS 18  
19 1 Y 1 A GLU 227 ? A GLU 227 
20 1 Y 1 A ILE 228 ? A ILE 228 
21 1 Y 1 A ARG 229 ? A ARG 229 
22 1 Y 1 A SER 230 ? A SER 230 
23 1 Y 1 A LYS 231 ? A LYS 231 
24 1 Y 1 A SER 232 ? A SER 232 
25 1 Y 1 A SER 233 ? A SER 233 
# 
loop_
_chem_comp_atom.comp_id 
_chem_comp_atom.atom_id 
_chem_comp_atom.type_symbol 
_chem_comp_atom.pdbx_aromatic_flag 
_chem_comp_atom.pdbx_stereo_config 
_chem_comp_atom.pdbx_ordinal 
ALA N    N N N 1   
ALA CA   C N S 2   
ALA C    C N N 3   
ALA O    O N N 4   
ALA CB   C N N 5   
ALA OXT  O N N 6   
ALA H    H N N 7   
ALA H2   H N N 8   
ALA HA   H N N 9   
ALA HB1  H N N 10  
ALA HB2  H N N 11  
ALA HB3  H N N 12  
ALA HXT  H N N 13  
ARG N    N N N 14  
ARG CA   C N S 15  
ARG C    C N N 16  
ARG O    O N N 17  
ARG CB   C N N 18  
ARG CG   C N N 19  
ARG CD   C N N 20  
ARG NE   N N N 21  
ARG CZ   C N N 22  
ARG NH1  N N N 23  
ARG NH2  N N N 24  
ARG OXT  O N N 25  
ARG H    H N N 26  
ARG H2   H N N 27  
ARG HA   H N N 28  
ARG HB2  H N N 29  
ARG HB3  H N N 30  
ARG HG2  H N N 31  
ARG HG3  H N N 32  
ARG HD2  H N N 33  
ARG HD3  H N N 34  
ARG HE   H N N 35  
ARG HH11 H N N 36  
ARG HH12 H N N 37  
ARG HH21 H N N 38  
ARG HH22 H N N 39  
ARG HXT  H N N 40  
ASN N    N N N 41  
ASN CA   C N S 42  
ASN C    C N N 43  
ASN O    O N N 44  
ASN CB   C N N 45  
ASN CG   C N N 46  
ASN OD1  O N N 47  
ASN ND2  N N N 48  
ASN OXT  O N N 49  
ASN H    H N N 50  
ASN H2   H N N 51  
ASN HA   H N N 52  
ASN HB2  H N N 53  
ASN HB3  H N N 54  
ASN HD21 H N N 55  
ASN HD22 H N N 56  
ASN HXT  H N N 57  
ASP N    N N N 58  
ASP CA   C N S 59  
ASP C    C N N 60  
ASP O    O N N 61  
ASP CB   C N N 62  
ASP CG   C N N 63  
ASP OD1  O N N 64  
ASP OD2  O N N 65  
ASP OXT  O N N 66  
ASP H    H N N 67  
ASP H2   H N N 68  
ASP HA   H N N 69  
ASP HB2  H N N 70  
ASP HB3  H N N 71  
ASP HD2  H N N 72  
ASP HXT  H N N 73  
CYS N    N N N 74  
CYS CA   C N R 75  
CYS C    C N N 76  
CYS O    O N N 77  
CYS CB   C N N 78  
CYS SG   S N N 79  
CYS OXT  O N N 80  
CYS H    H N N 81  
CYS H2   H N N 82  
CYS HA   H N N 83  
CYS HB2  H N N 84  
CYS HB3  H N N 85  
CYS HG   H N N 86  
CYS HXT  H N N 87  
GLN N    N N N 88  
GLN CA   C N S 89  
GLN C    C N N 90  
GLN O    O N N 91  
GLN CB   C N N 92  
GLN CG   C N N 93  
GLN CD   C N N 94  
GLN OE1  O N N 95  
GLN NE2  N N N 96  
GLN OXT  O N N 97  
GLN H    H N N 98  
GLN H2   H N N 99  
GLN HA   H N N 100 
GLN HB2  H N N 101 
GLN HB3  H N N 102 
GLN HG2  H N N 103 
GLN HG3  H N N 104 
GLN HE21 H N N 105 
GLN HE22 H N N 106 
GLN HXT  H N N 107 
GLU N    N N N 108 
GLU CA   C N S 109 
GLU C    C N N 110 
GLU O    O N N 111 
GLU CB   C N N 112 
GLU CG   C N N 113 
GLU CD   C N N 114 
GLU OE1  O N N 115 
GLU OE2  O N N 116 
GLU OXT  O N N 117 
GLU H    H N N 118 
GLU H2   H N N 119 
GLU HA   H N N 120 
GLU HB2  H N N 121 
GLU HB3  H N N 122 
GLU HG2  H N N 123 
GLU HG3  H N N 124 
GLU HE2  H N N 125 
GLU HXT  H N N 126 
GLY N    N N N 127 
GLY CA   C N N 128 
GLY C    C N N 129 
GLY O    O N N 130 
GLY OXT  O N N 131 
GLY H    H N N 132 
GLY H2   H N N 133 
GLY HA2  H N N 134 
GLY HA3  H N N 135 
GLY HXT  H N N 136 
HIS N    N N N 137 
HIS CA   C N S 138 
HIS C    C N N 139 
HIS O    O N N 140 
HIS CB   C N N 141 
HIS CG   C Y N 142 
HIS ND1  N Y N 143 
HIS CD2  C Y N 144 
HIS CE1  C Y N 145 
HIS NE2  N Y N 146 
HIS OXT  O N N 147 
HIS H    H N N 148 
HIS H2   H N N 149 
HIS HA   H N N 150 
HIS HB2  H N N 151 
HIS HB3  H N N 152 
HIS HD1  H N N 153 
HIS HD2  H N N 154 
HIS HE1  H N N 155 
HIS HE2  H N N 156 
HIS HXT  H N N 157 
HOH O    O N N 158 
HOH H1   H N N 159 
HOH H2   H N N 160 
ILE N    N N N 161 
ILE CA   C N S 162 
ILE C    C N N 163 
ILE O    O N N 164 
ILE CB   C N S 165 
ILE CG1  C N N 166 
ILE CG2  C N N 167 
ILE CD1  C N N 168 
ILE OXT  O N N 169 
ILE H    H N N 170 
ILE H2   H N N 171 
ILE HA   H N N 172 
ILE HB   H N N 173 
ILE HG12 H N N 174 
ILE HG13 H N N 175 
ILE HG21 H N N 176 
ILE HG22 H N N 177 
ILE HG23 H N N 178 
ILE HD11 H N N 179 
ILE HD12 H N N 180 
ILE HD13 H N N 181 
ILE HXT  H N N 182 
LEU N    N N N 183 
LEU CA   C N S 184 
LEU C    C N N 185 
LEU O    O N N 186 
LEU CB   C N N 187 
LEU CG   C N N 188 
LEU CD1  C N N 189 
LEU CD2  C N N 190 
LEU OXT  O N N 191 
LEU H    H N N 192 
LEU H2   H N N 193 
LEU HA   H N N 194 
LEU HB2  H N N 195 
LEU HB3  H N N 196 
LEU HG   H N N 197 
LEU HD11 H N N 198 
LEU HD12 H N N 199 
LEU HD13 H N N 200 
LEU HD21 H N N 201 
LEU HD22 H N N 202 
LEU HD23 H N N 203 
LEU HXT  H N N 204 
LYS N    N N N 205 
LYS CA   C N S 206 
LYS C    C N N 207 
LYS O    O N N 208 
LYS CB   C N N 209 
LYS CG   C N N 210 
LYS CD   C N N 211 
LYS CE   C N N 212 
LYS NZ   N N N 213 
LYS OXT  O N N 214 
LYS H    H N N 215 
LYS H2   H N N 216 
LYS HA   H N N 217 
LYS HB2  H N N 218 
LYS HB3  H N N 219 
LYS HG2  H N N 220 
LYS HG3  H N N 221 
LYS HD2  H N N 222 
LYS HD3  H N N 223 
LYS HE2  H N N 224 
LYS HE3  H N N 225 
LYS HZ1  H N N 226 
LYS HZ2  H N N 227 
LYS HZ3  H N N 228 
LYS HXT  H N N 229 
MET N    N N N 230 
MET CA   C N S 231 
MET C    C N N 232 
MET O    O N N 233 
MET CB   C N N 234 
MET CG   C N N 235 
MET SD   S N N 236 
MET CE   C N N 237 
MET OXT  O N N 238 
MET H    H N N 239 
MET H2   H N N 240 
MET HA   H N N 241 
MET HB2  H N N 242 
MET HB3  H N N 243 
MET HG2  H N N 244 
MET HG3  H N N 245 
MET HE1  H N N 246 
MET HE2  H N N 247 
MET HE3  H N N 248 
MET HXT  H N N 249 
PHE N    N N N 250 
PHE CA   C N S 251 
PHE C    C N N 252 
PHE O    O N N 253 
PHE CB   C N N 254 
PHE CG   C Y N 255 
PHE CD1  C Y N 256 
PHE CD2  C Y N 257 
PHE CE1  C Y N 258 
PHE CE2  C Y N 259 
PHE CZ   C Y N 260 
PHE OXT  O N N 261 
PHE H    H N N 262 
PHE H2   H N N 263 
PHE HA   H N N 264 
PHE HB2  H N N 265 
PHE HB3  H N N 266 
PHE HD1  H N N 267 
PHE HD2  H N N 268 
PHE HE1  H N N 269 
PHE HE2  H N N 270 
PHE HZ   H N N 271 
PHE HXT  H N N 272 
PRO N    N N N 273 
PRO CA   C N S 274 
PRO C    C N N 275 
PRO O    O N N 276 
PRO CB   C N N 277 
PRO CG   C N N 278 
PRO CD   C N N 279 
PRO OXT  O N N 280 
PRO H    H N N 281 
PRO HA   H N N 282 
PRO HB2  H N N 283 
PRO HB3  H N N 284 
PRO HG2  H N N 285 
PRO HG3  H N N 286 
PRO HD2  H N N 287 
PRO HD3  H N N 288 
PRO HXT  H N N 289 
SER N    N N N 290 
SER CA   C N S 291 
SER C    C N N 292 
SER O    O N N 293 
SER CB   C N N 294 
SER OG   O N N 295 
SER OXT  O N N 296 
SER H    H N N 297 
SER H2   H N N 298 
SER HA   H N N 299 
SER HB2  H N N 300 
SER HB3  H N N 301 
SER HG   H N N 302 
SER HXT  H N N 303 
THR N    N N N 304 
THR CA   C N S 305 
THR C    C N N 306 
THR O    O N N 307 
THR CB   C N R 308 
THR OG1  O N N 309 
THR CG2  C N N 310 
THR OXT  O N N 311 
THR H    H N N 312 
THR H2   H N N 313 
THR HA   H N N 314 
THR HB   H N N 315 
THR HG1  H N N 316 
THR HG21 H N N 317 
THR HG22 H N N 318 
THR HG23 H N N 319 
THR HXT  H N N 320 
TRP N    N N N 321 
TRP CA   C N S 322 
TRP C    C N N 323 
TRP O    O N N 324 
TRP CB   C N N 325 
TRP CG   C Y N 326 
TRP CD1  C Y N 327 
TRP CD2  C Y N 328 
TRP NE1  N Y N 329 
TRP CE2  C Y N 330 
TRP CE3  C Y N 331 
TRP CZ2  C Y N 332 
TRP CZ3  C Y N 333 
TRP CH2  C Y N 334 
TRP OXT  O N N 335 
TRP H    H N N 336 
TRP H2   H N N 337 
TRP HA   H N N 338 
TRP HB2  H N N 339 
TRP HB3  H N N 340 
TRP HD1  H N N 341 
TRP HE1  H N N 342 
TRP HE3  H N N 343 
TRP HZ2  H N N 344 
TRP HZ3  H N N 345 
TRP HH2  H N N 346 
TRP HXT  H N N 347 
TYR N    N N N 348 
TYR CA   C N S 349 
TYR C    C N N 350 
TYR O    O N N 351 
TYR CB   C N N 352 
TYR CG   C Y N 353 
TYR CD1  C Y N 354 
TYR CD2  C Y N 355 
TYR CE1  C Y N 356 
TYR CE2  C Y N 357 
TYR CZ   C Y N 358 
TYR OH   O N N 359 
TYR OXT  O N N 360 
TYR H    H N N 361 
TYR H2   H N N 362 
TYR HA   H N N 363 
TYR HB2  H N N 364 
TYR HB3  H N N 365 
TYR HD1  H N N 366 
TYR HD2  H N N 367 
TYR HE1  H N N 368 
TYR HE2  H N N 369 
TYR HH   H N N 370 
TYR HXT  H N N 371 
VAL N    N N N 372 
VAL CA   C N S 373 
VAL C    C N N 374 
VAL O    O N N 375 
VAL CB   C N N 376 
VAL CG1  C N N 377 
VAL CG2  C N N 378 
VAL OXT  O N N 379 
VAL H    H N N 380 
VAL H2   H N N 381 
VAL HA   H N N 382 
VAL HB   H N N 383 
VAL HG11 H N N 384 
VAL HG12 H N N 385 
VAL HG13 H N N 386 
VAL HG21 H N N 387 
VAL HG22 H N N 388 
VAL HG23 H N N 389 
VAL HXT  H N N 390 
# 
loop_
_chem_comp_bond.comp_id 
_chem_comp_bond.atom_id_1 
_chem_comp_bond.atom_id_2 
_chem_comp_bond.value_order 
_chem_comp_bond.pdbx_aromatic_flag 
_chem_comp_bond.pdbx_stereo_config 
_chem_comp_bond.pdbx_ordinal 
ALA N   CA   sing N N 1   
ALA N   H    sing N N 2   
ALA N   H2   sing N N 3   
ALA CA  C    sing N N 4   
ALA CA  CB   sing N N 5   
ALA CA  HA   sing N N 6   
ALA C   O    doub N N 7   
ALA C   OXT  sing N N 8   
ALA CB  HB1  sing N N 9   
ALA CB  HB2  sing N N 10  
ALA CB  HB3  sing N N 11  
ALA OXT HXT  sing N N 12  
ARG N   CA   sing N N 13  
ARG N   H    sing N N 14  
ARG N   H2   sing N N 15  
ARG CA  C    sing N N 16  
ARG CA  CB   sing N N 17  
ARG CA  HA   sing N N 18  
ARG C   O    doub N N 19  
ARG C   OXT  sing N N 20  
ARG CB  CG   sing N N 21  
ARG CB  HB2  sing N N 22  
ARG CB  HB3  sing N N 23  
ARG CG  CD   sing N N 24  
ARG CG  HG2  sing N N 25  
ARG CG  HG3  sing N N 26  
ARG CD  NE   sing N N 27  
ARG CD  HD2  sing N N 28  
ARG CD  HD3  sing N N 29  
ARG NE  CZ   sing N N 30  
ARG NE  HE   sing N N 31  
ARG CZ  NH1  sing N N 32  
ARG CZ  NH2  doub N N 33  
ARG NH1 HH11 sing N N 34  
ARG NH1 HH12 sing N N 35  
ARG NH2 HH21 sing N N 36  
ARG NH2 HH22 sing N N 37  
ARG OXT HXT  sing N N 38  
ASN N   CA   sing N N 39  
ASN N   H    sing N N 40  
ASN N   H2   sing N N 41  
ASN CA  C    sing N N 42  
ASN CA  CB   sing N N 43  
ASN CA  HA   sing N N 44  
ASN C   O    doub N N 45  
ASN C   OXT  sing N N 46  
ASN CB  CG   sing N N 47  
ASN CB  HB2  sing N N 48  
ASN CB  HB3  sing N N 49  
ASN CG  OD1  doub N N 50  
ASN CG  ND2  sing N N 51  
ASN ND2 HD21 sing N N 52  
ASN ND2 HD22 sing N N 53  
ASN OXT HXT  sing N N 54  
ASP N   CA   sing N N 55  
ASP N   H    sing N N 56  
ASP N   H2   sing N N 57  
ASP CA  C    sing N N 58  
ASP CA  CB   sing N N 59  
ASP CA  HA   sing N N 60  
ASP C   O    doub N N 61  
ASP C   OXT  sing N N 62  
ASP CB  CG   sing N N 63  
ASP CB  HB2  sing N N 64  
ASP CB  HB3  sing N N 65  
ASP CG  OD1  doub N N 66  
ASP CG  OD2  sing N N 67  
ASP OD2 HD2  sing N N 68  
ASP OXT HXT  sing N N 69  
CYS N   CA   sing N N 70  
CYS N   H    sing N N 71  
CYS N   H2   sing N N 72  
CYS CA  C    sing N N 73  
CYS CA  CB   sing N N 74  
CYS CA  HA   sing N N 75  
CYS C   O    doub N N 76  
CYS C   OXT  sing N N 77  
CYS CB  SG   sing N N 78  
CYS CB  HB2  sing N N 79  
CYS CB  HB3  sing N N 80  
CYS SG  HG   sing N N 81  
CYS OXT HXT  sing N N 82  
GLN N   CA   sing N N 83  
GLN N   H    sing N N 84  
GLN N   H2   sing N N 85  
GLN CA  C    sing N N 86  
GLN CA  CB   sing N N 87  
GLN CA  HA   sing N N 88  
GLN C   O    doub N N 89  
GLN C   OXT  sing N N 90  
GLN CB  CG   sing N N 91  
GLN CB  HB2  sing N N 92  
GLN CB  HB3  sing N N 93  
GLN CG  CD   sing N N 94  
GLN CG  HG2  sing N N 95  
GLN CG  HG3  sing N N 96  
GLN CD  OE1  doub N N 97  
GLN CD  NE2  sing N N 98  
GLN NE2 HE21 sing N N 99  
GLN NE2 HE22 sing N N 100 
GLN OXT HXT  sing N N 101 
GLU N   CA   sing N N 102 
GLU N   H    sing N N 103 
GLU N   H2   sing N N 104 
GLU CA  C    sing N N 105 
GLU CA  CB   sing N N 106 
GLU CA  HA   sing N N 107 
GLU C   O    doub N N 108 
GLU C   OXT  sing N N 109 
GLU CB  CG   sing N N 110 
GLU CB  HB2  sing N N 111 
GLU CB  HB3  sing N N 112 
GLU CG  CD   sing N N 113 
GLU CG  HG2  sing N N 114 
GLU CG  HG3  sing N N 115 
GLU CD  OE1  doub N N 116 
GLU CD  OE2  sing N N 117 
GLU OE2 HE2  sing N N 118 
GLU OXT HXT  sing N N 119 
GLY N   CA   sing N N 120 
GLY N   H    sing N N 121 
GLY N   H2   sing N N 122 
GLY CA  C    sing N N 123 
GLY CA  HA2  sing N N 124 
GLY CA  HA3  sing N N 125 
GLY C   O    doub N N 126 
GLY C   OXT  sing N N 127 
GLY OXT HXT  sing N N 128 
HIS N   CA   sing N N 129 
HIS N   H    sing N N 130 
HIS N   H2   sing N N 131 
HIS CA  C    sing N N 132 
HIS CA  CB   sing N N 133 
HIS CA  HA   sing N N 134 
HIS C   O    doub N N 135 
HIS C   OXT  sing N N 136 
HIS CB  CG   sing N N 137 
HIS CB  HB2  sing N N 138 
HIS CB  HB3  sing N N 139 
HIS CG  ND1  sing Y N 140 
HIS CG  CD2  doub Y N 141 
HIS ND1 CE1  doub Y N 142 
HIS ND1 HD1  sing N N 143 
HIS CD2 NE2  sing Y N 144 
HIS CD2 HD2  sing N N 145 
HIS CE1 NE2  sing Y N 146 
HIS CE1 HE1  sing N N 147 
HIS NE2 HE2  sing N N 148 
HIS OXT HXT  sing N N 149 
HOH O   H1   sing N N 150 
HOH O   H2   sing N N 151 
ILE N   CA   sing N N 152 
ILE N   H    sing N N 153 
ILE N   H2   sing N N 154 
ILE CA  C    sing N N 155 
ILE CA  CB   sing N N 156 
ILE CA  HA   sing N N 157 
ILE C   O    doub N N 158 
ILE C   OXT  sing N N 159 
ILE CB  CG1  sing N N 160 
ILE CB  CG2  sing N N 161 
ILE CB  HB   sing N N 162 
ILE CG1 CD1  sing N N 163 
ILE CG1 HG12 sing N N 164 
ILE CG1 HG13 sing N N 165 
ILE CG2 HG21 sing N N 166 
ILE CG2 HG22 sing N N 167 
ILE CG2 HG23 sing N N 168 
ILE CD1 HD11 sing N N 169 
ILE CD1 HD12 sing N N 170 
ILE CD1 HD13 sing N N 171 
ILE OXT HXT  sing N N 172 
LEU N   CA   sing N N 173 
LEU N   H    sing N N 174 
LEU N   H2   sing N N 175 
LEU CA  C    sing N N 176 
LEU CA  CB   sing N N 177 
LEU CA  HA   sing N N 178 
LEU C   O    doub N N 179 
LEU C   OXT  sing N N 180 
LEU CB  CG   sing N N 181 
LEU CB  HB2  sing N N 182 
LEU CB  HB3  sing N N 183 
LEU CG  CD1  sing N N 184 
LEU CG  CD2  sing N N 185 
LEU CG  HG   sing N N 186 
LEU CD1 HD11 sing N N 187 
LEU CD1 HD12 sing N N 188 
LEU CD1 HD13 sing N N 189 
LEU CD2 HD21 sing N N 190 
LEU CD2 HD22 sing N N 191 
LEU CD2 HD23 sing N N 192 
LEU OXT HXT  sing N N 193 
LYS N   CA   sing N N 194 
LYS N   H    sing N N 195 
LYS N   H2   sing N N 196 
LYS CA  C    sing N N 197 
LYS CA  CB   sing N N 198 
LYS CA  HA   sing N N 199 
LYS C   O    doub N N 200 
LYS C   OXT  sing N N 201 
LYS CB  CG   sing N N 202 
LYS CB  HB2  sing N N 203 
LYS CB  HB3  sing N N 204 
LYS CG  CD   sing N N 205 
LYS CG  HG2  sing N N 206 
LYS CG  HG3  sing N N 207 
LYS CD  CE   sing N N 208 
LYS CD  HD2  sing N N 209 
LYS CD  HD3  sing N N 210 
LYS CE  NZ   sing N N 211 
LYS CE  HE2  sing N N 212 
LYS CE  HE3  sing N N 213 
LYS NZ  HZ1  sing N N 214 
LYS NZ  HZ2  sing N N 215 
LYS NZ  HZ3  sing N N 216 
LYS OXT HXT  sing N N 217 
MET N   CA   sing N N 218 
MET N   H    sing N N 219 
MET N   H2   sing N N 220 
MET CA  C    sing N N 221 
MET CA  CB   sing N N 222 
MET CA  HA   sing N N 223 
MET C   O    doub N N 224 
MET C   OXT  sing N N 225 
MET CB  CG   sing N N 226 
MET CB  HB2  sing N N 227 
MET CB  HB3  sing N N 228 
MET CG  SD   sing N N 229 
MET CG  HG2  sing N N 230 
MET CG  HG3  sing N N 231 
MET SD  CE   sing N N 232 
MET CE  HE1  sing N N 233 
MET CE  HE2  sing N N 234 
MET CE  HE3  sing N N 235 
MET OXT HXT  sing N N 236 
PHE N   CA   sing N N 237 
PHE N   H    sing N N 238 
PHE N   H2   sing N N 239 
PHE CA  C    sing N N 240 
PHE CA  CB   sing N N 241 
PHE CA  HA   sing N N 242 
PHE C   O    doub N N 243 
PHE C   OXT  sing N N 244 
PHE CB  CG   sing N N 245 
PHE CB  HB2  sing N N 246 
PHE CB  HB3  sing N N 247 
PHE CG  CD1  doub Y N 248 
PHE CG  CD2  sing Y N 249 
PHE CD1 CE1  sing Y N 250 
PHE CD1 HD1  sing N N 251 
PHE CD2 CE2  doub Y N 252 
PHE CD2 HD2  sing N N 253 
PHE CE1 CZ   doub Y N 254 
PHE CE1 HE1  sing N N 255 
PHE CE2 CZ   sing Y N 256 
PHE CE2 HE2  sing N N 257 
PHE CZ  HZ   sing N N 258 
PHE OXT HXT  sing N N 259 
PRO N   CA   sing N N 260 
PRO N   CD   sing N N 261 
PRO N   H    sing N N 262 
PRO CA  C    sing N N 263 
PRO CA  CB   sing N N 264 
PRO CA  HA   sing N N 265 
PRO C   O    doub N N 266 
PRO C   OXT  sing N N 267 
PRO CB  CG   sing N N 268 
PRO CB  HB2  sing N N 269 
PRO CB  HB3  sing N N 270 
PRO CG  CD   sing N N 271 
PRO CG  HG2  sing N N 272 
PRO CG  HG3  sing N N 273 
PRO CD  HD2  sing N N 274 
PRO CD  HD3  sing N N 275 
PRO OXT HXT  sing N N 276 
SER N   CA   sing N N 277 
SER N   H    sing N N 278 
SER N   H2   sing N N 279 
SER CA  C    sing N N 280 
SER CA  CB   sing N N 281 
SER CA  HA   sing N N 282 
SER C   O    doub N N 283 
SER C   OXT  sing N N 284 
SER CB  OG   sing N N 285 
SER CB  HB2  sing N N 286 
SER CB  HB3  sing N N 287 
SER OG  HG   sing N N 288 
SER OXT HXT  sing N N 289 
THR N   CA   sing N N 290 
THR N   H    sing N N 291 
THR N   H2   sing N N 292 
THR CA  C    sing N N 293 
THR CA  CB   sing N N 294 
THR CA  HA   sing N N 295 
THR C   O    doub N N 296 
THR C   OXT  sing N N 297 
THR CB  OG1  sing N N 298 
THR CB  CG2  sing N N 299 
THR CB  HB   sing N N 300 
THR OG1 HG1  sing N N 301 
THR CG2 HG21 sing N N 302 
THR CG2 HG22 sing N N 303 
THR CG2 HG23 sing N N 304 
THR OXT HXT  sing N N 305 
TRP N   CA   sing N N 306 
TRP N   H    sing N N 307 
TRP N   H2   sing N N 308 
TRP CA  C    sing N N 309 
TRP CA  CB   sing N N 310 
TRP CA  HA   sing N N 311 
TRP C   O    doub N N 312 
TRP C   OXT  sing N N 313 
TRP CB  CG   sing N N 314 
TRP CB  HB2  sing N N 315 
TRP CB  HB3  sing N N 316 
TRP CG  CD1  doub Y N 317 
TRP CG  CD2  sing Y N 318 
TRP CD1 NE1  sing Y N 319 
TRP CD1 HD1  sing N N 320 
TRP CD2 CE2  doub Y N 321 
TRP CD2 CE3  sing Y N 322 
TRP NE1 CE2  sing Y N 323 
TRP NE1 HE1  sing N N 324 
TRP CE2 CZ2  sing Y N 325 
TRP CE3 CZ3  doub Y N 326 
TRP CE3 HE3  sing N N 327 
TRP CZ2 CH2  doub Y N 328 
TRP CZ2 HZ2  sing N N 329 
TRP CZ3 CH2  sing Y N 330 
TRP CZ3 HZ3  sing N N 331 
TRP CH2 HH2  sing N N 332 
TRP OXT HXT  sing N N 333 
TYR N   CA   sing N N 334 
TYR N   H    sing N N 335 
TYR N   H2   sing N N 336 
TYR CA  C    sing N N 337 
TYR CA  CB   sing N N 338 
TYR CA  HA   sing N N 339 
TYR C   O    doub N N 340 
TYR C   OXT  sing N N 341 
TYR CB  CG   sing N N 342 
TYR CB  HB2  sing N N 343 
TYR CB  HB3  sing N N 344 
TYR CG  CD1  doub Y N 345 
TYR CG  CD2  sing Y N 346 
TYR CD1 CE1  sing Y N 347 
TYR CD1 HD1  sing N N 348 
TYR CD2 CE2  doub Y N 349 
TYR CD2 HD2  sing N N 350 
TYR CE1 CZ   doub Y N 351 
TYR CE1 HE1  sing N N 352 
TYR CE2 CZ   sing Y N 353 
TYR CE2 HE2  sing N N 354 
TYR CZ  OH   sing N N 355 
TYR OH  HH   sing N N 356 
TYR OXT HXT  sing N N 357 
VAL N   CA   sing N N 358 
VAL N   H    sing N N 359 
VAL N   H2   sing N N 360 
VAL CA  C    sing N N 361 
VAL CA  CB   sing N N 362 
VAL CA  HA   sing N N 363 
VAL C   O    doub N N 364 
VAL C   OXT  sing N N 365 
VAL CB  CG1  sing N N 366 
VAL CB  CG2  sing N N 367 
VAL CB  HB   sing N N 368 
VAL CG1 HG11 sing N N 369 
VAL CG1 HG12 sing N N 370 
VAL CG1 HG13 sing N N 371 
VAL CG2 HG21 sing N N 372 
VAL CG2 HG22 sing N N 373 
VAL CG2 HG23 sing N N 374 
VAL OXT HXT  sing N N 375 
# 
_atom_sites.entry_id                    3ERF 
_atom_sites.fract_transf_matrix[1][1]   0.00224295 
_atom_sites.fract_transf_matrix[1][2]   -0.00712951 
_atom_sites.fract_transf_matrix[1][3]   -0.01073095 
_atom_sites.fract_transf_matrix[2][1]   -0.00781395 
_atom_sites.fract_transf_matrix[2][2]   0.00122270 
_atom_sites.fract_transf_matrix[2][3]   -0.01041418 
_atom_sites.fract_transf_matrix[3][1]   0.00853293 
_atom_sites.fract_transf_matrix[3][2]   0.01047071 
_atom_sites.fract_transf_matrix[3][3]   -0.00517308 
_atom_sites.fract_transf_vector[1]      0.127860 
_atom_sites.fract_transf_vector[2]      0.452312 
_atom_sites.fract_transf_vector[3]      0.085226 
# 
loop_
_atom_type.symbol 
C 
N 
O 
S 
# 
loop_
_atom_site.group_PDB 
_atom_site.id 
_atom_site.type_symbol 
_atom_site.label_atom_id 
_atom_site.label_alt_id 
_atom_site.label_comp_id 
_atom_site.label_asym_id 
_atom_site.label_entity_id 
_atom_site.label_seq_id 
_atom_site.pdbx_PDB_ins_code 
_atom_site.Cartn_x 
_atom_site.Cartn_y 
_atom_site.Cartn_z 
_atom_site.occupancy 
_atom_site.B_iso_or_equiv 
_atom_site.pdbx_formal_charge 
_atom_site.auth_seq_id 
_atom_site.auth_comp_id 
_atom_site.auth_asym_id 
_atom_site.auth_atom_id 
_atom_site.pdbx_PDB_model_num 
ATOM   1    N N   . MET A 1 19  ? 0.700   -13.710 15.838  1.00 48.36 ? 19  MET A N   1 
ATOM   2    C CA  . MET A 1 19  ? 0.151   -12.414 15.300  1.00 48.03 ? 19  MET A CA  1 
ATOM   3    C C   . MET A 1 19  ? -1.093  -12.586 14.432  1.00 47.40 ? 19  MET A C   1 
ATOM   4    O O   . MET A 1 19  ? -1.197  -13.521 13.648  1.00 47.50 ? 19  MET A O   1 
ATOM   5    C CB  . MET A 1 19  ? 1.220   -11.673 14.497  1.00 48.34 ? 19  MET A CB  1 
ATOM   6    C CG  . MET A 1 19  ? 2.501   -11.382 15.273  1.00 49.31 ? 19  MET A CG  1 
ATOM   7    S SD  . MET A 1 19  ? 3.569   -10.224 14.420  1.00 53.05 ? 19  MET A SD  1 
ATOM   8    C CE  . MET A 1 19  ? 3.908   -11.038 12.863  1.00 51.89 ? 19  MET A CE  1 
ATOM   9    N N   . ILE A 1 20  ? -2.035  -11.663 14.576  1.00 46.75 ? 20  ILE A N   1 
ATOM   10   C CA  . ILE A 1 20  ? -3.237  -11.647 13.746  1.00 46.20 ? 20  ILE A CA  1 
ATOM   11   C C   . ILE A 1 20  ? -3.259  -10.408 12.820  1.00 45.71 ? 20  ILE A C   1 
ATOM   12   O O   . ILE A 1 20  ? -2.958  -9.281  13.263  1.00 45.32 ? 20  ILE A O   1 
ATOM   13   C CB  . ILE A 1 20  ? -4.516  -11.703 14.638  1.00 46.37 ? 20  ILE A CB  1 
ATOM   14   C CG1 . ILE A 1 20  ? -4.640  -13.080 15.306  1.00 47.19 ? 20  ILE A CG1 1 
ATOM   15   C CG2 . ILE A 1 20  ? -5.779  -11.407 13.843  1.00 46.60 ? 20  ILE A CG2 1 
ATOM   16   C CD1 . ILE A 1 20  ? -5.511  -13.071 16.554  1.00 48.79 ? 20  ILE A CD1 1 
ATOM   17   N N   . ILE A 1 21  ? -3.603  -10.625 11.548  1.00 44.91 ? 21  ILE A N   1 
ATOM   18   C CA  . ILE A 1 21  ? -3.871  -9.529  10.606  1.00 44.06 ? 21  ILE A CA  1 
ATOM   19   C C   . ILE A 1 21  ? -5.351  -9.516  10.233  1.00 44.00 ? 21  ILE A C   1 
ATOM   20   O O   . ILE A 1 21  ? -5.890  -10.530 9.788   1.00 43.77 ? 21  ILE A O   1 
ATOM   21   C CB  . ILE A 1 21  ? -2.988  -9.628  9.323   1.00 44.20 ? 21  ILE A CB  1 
ATOM   22   C CG1 . ILE A 1 21  ? -1.520  -9.320  9.646   1.00 43.30 ? 21  ILE A CG1 1 
ATOM   23   C CG2 . ILE A 1 21  ? -3.514  -8.702  8.198   1.00 43.57 ? 21  ILE A CG2 1 
ATOM   24   C CD1 . ILE A 1 21  ? -1.204  -7.826  9.763   1.00 46.12 ? 21  ILE A CD1 1 
ATOM   25   N N   . TYR A 1 22  ? -6.013  -8.379  10.458  1.00 43.63 ? 22  TYR A N   1 
ATOM   26   C CA  . TYR A 1 22  ? -7.391  -8.159  9.984   1.00 43.23 ? 22  TYR A CA  1 
ATOM   27   C C   . TYR A 1 22  ? -7.333  -7.391  8.658   1.00 43.60 ? 22  TYR A C   1 
ATOM   28   O O   . TYR A 1 22  ? -6.875  -6.238  8.628   1.00 43.22 ? 22  TYR A O   1 
ATOM   29   C CB  . TYR A 1 22  ? -8.209  -7.370  11.007  1.00 42.57 ? 22  TYR A CB  1 
ATOM   30   C CG  . TYR A 1 22  ? -8.299  -8.013  12.386  1.00 43.82 ? 22  TYR A CG  1 
ATOM   31   C CD1 . TYR A 1 22  ? -9.289  -8.960  12.683  1.00 44.77 ? 22  TYR A CD1 1 
ATOM   32   C CD2 . TYR A 1 22  ? -7.405  -7.663  13.396  1.00 43.67 ? 22  TYR A CD2 1 
ATOM   33   C CE1 . TYR A 1 22  ? -9.382  -9.543  13.956  1.00 46.00 ? 22  TYR A CE1 1 
ATOM   34   C CE2 . TYR A 1 22  ? -7.482  -8.235  14.661  1.00 45.73 ? 22  TYR A CE2 1 
ATOM   35   C CZ  . TYR A 1 22  ? -8.465  -9.179  14.935  1.00 46.50 ? 22  TYR A CZ  1 
ATOM   36   O OH  . TYR A 1 22  ? -8.518  -9.734  16.194  1.00 47.23 ? 22  TYR A OH  1 
ATOM   37   N N   . ASP A 1 23  ? -7.750  -8.044  7.567   1.00 43.48 ? 23  ASP A N   1 
ATOM   38   C CA  . ASP A 1 23  ? -7.742  -7.424  6.237   1.00 44.18 ? 23  ASP A CA  1 
ATOM   39   C C   . ASP A 1 23  ? -8.703  -8.088  5.248   1.00 44.61 ? 23  ASP A C   1 
ATOM   40   O O   . ASP A 1 23  ? -9.592  -8.835  5.640   1.00 44.66 ? 23  ASP A O   1 
ATOM   41   C CB  . ASP A 1 23  ? -6.293  -7.255  5.667   1.00 43.75 ? 23  ASP A CB  1 
ATOM   42   C CG  . ASP A 1 23  ? -5.699  -8.551  5.072   1.00 43.61 ? 23  ASP A CG  1 
ATOM   43   O OD1 . ASP A 1 23  ? -6.425  -9.543  4.841   1.00 43.75 ? 23  ASP A OD1 1 
ATOM   44   O OD2 . ASP A 1 23  ? -4.479  -8.562  4.795   1.00 42.20 ? 23  ASP A OD2 1 
ATOM   45   N N   . THR A 1 24  ? -8.524  -7.753  3.973   1.00 45.19 ? 24  THR A N   1 
ATOM   46   C CA  . THR A 1 24  ? -9.163  -8.416  2.853   1.00 45.72 ? 24  THR A CA  1 
ATOM   47   C C   . THR A 1 24  ? -8.021  -8.763  1.881   1.00 45.39 ? 24  THR A C   1 
ATOM   48   O O   . THR A 1 24  ? -7.142  -7.922  1.645   1.00 44.96 ? 24  THR A O   1 
ATOM   49   C CB  . THR A 1 24  ? -10.245 -7.515  2.184   1.00 45.96 ? 24  THR A CB  1 
ATOM   50   O OG1 . THR A 1 24  ? -10.881 -8.232  1.114   1.00 48.38 ? 24  THR A OG1 1 
ATOM   51   C CG2 . THR A 1 24  ? -9.648  -6.223  1.624   1.00 45.24 ? 24  THR A CG2 1 
ATOM   52   N N   . PRO A 1 25  ? -7.998  -10.015 1.350   1.00 44.92 ? 25  PRO A N   1 
ATOM   53   C CA  . PRO A 1 25  ? -6.858  -10.492 0.542   1.00 44.19 ? 25  PRO A CA  1 
ATOM   54   C C   . PRO A 1 25  ? -6.517  -9.645  -0.690  1.00 43.47 ? 25  PRO A C   1 
ATOM   55   O O   . PRO A 1 25  ? -5.331  -9.494  -1.011  1.00 43.68 ? 25  PRO A O   1 
ATOM   56   C CB  . PRO A 1 25  ? -7.298  -11.901 0.101   1.00 44.64 ? 25  PRO A CB  1 
ATOM   57   C CG  . PRO A 1 25  ? -8.264  -12.335 1.161   1.00 45.04 ? 25  PRO A CG  1 
ATOM   58   C CD  . PRO A 1 25  ? -8.996  -11.079 1.574   1.00 44.58 ? 25  PRO A CD  1 
ATOM   59   N N   . ALA A 1 26  ? -7.533  -9.116  -1.372  1.00 42.22 ? 26  ALA A N   1 
ATOM   60   C CA  . ALA A 1 26  ? -7.326  -8.369  -2.623  1.00 41.27 ? 26  ALA A CA  1 
ATOM   61   C C   . ALA A 1 26  ? -7.184  -6.837  -2.445  1.00 40.06 ? 26  ALA A C   1 
ATOM   62   O O   . ALA A 1 26  ? -7.052  -6.086  -3.433  1.00 39.69 ? 26  ALA A O   1 
ATOM   63   C CB  . ALA A 1 26  ? -8.460  -8.709  -3.646  1.00 42.22 ? 26  ALA A CB  1 
ATOM   64   N N   . GLY A 1 27  ? -7.183  -6.383  -1.194  1.00 37.96 ? 27  GLY A N   1 
ATOM   65   C CA  . GLY A 1 27  ? -7.019  -4.960  -0.900  1.00 36.61 ? 27  GLY A CA  1 
ATOM   66   C C   . GLY A 1 27  ? -5.613  -4.435  -1.191  1.00 35.18 ? 27  GLY A C   1 
ATOM   67   O O   . GLY A 1 27  ? -4.622  -4.992  -0.685  1.00 35.20 ? 27  GLY A O   1 
ATOM   68   N N   . PRO A 1 28  ? -5.500  -3.372  -2.014  1.00 33.75 ? 28  PRO A N   1 
ATOM   69   C CA  . PRO A 1 28  ? -4.155  -2.836  -2.296  1.00 32.93 ? 28  PRO A CA  1 
ATOM   70   C C   . PRO A 1 28  ? -3.398  -2.386  -1.031  1.00 32.37 ? 28  PRO A C   1 
ATOM   71   O O   . PRO A 1 28  ? -2.147  -2.493  -0.972  1.00 31.23 ? 28  PRO A O   1 
ATOM   72   C CB  . PRO A 1 28  ? -4.433  -1.629  -3.192  1.00 33.11 ? 28  PRO A CB  1 
ATOM   73   C CG  . PRO A 1 28  ? -5.783  -1.910  -3.793  1.00 32.93 ? 28  PRO A CG  1 
ATOM   74   C CD  . PRO A 1 28  ? -6.550  -2.633  -2.736  1.00 33.51 ? 28  PRO A CD  1 
ATOM   75   N N   . TYR A 1 29  ? -4.126  -1.876  -0.036  1.00 31.57 ? 29  TYR A N   1 
ATOM   76   C CA  . TYR A 1 29  ? -3.457  -1.468  1.217   1.00 31.68 ? 29  TYR A CA  1 
ATOM   77   C C   . TYR A 1 29  ? -3.002  -2.721  1.991   1.00 31.35 ? 29  TYR A C   1 
ATOM   78   O O   . TYR A 1 29  ? -1.835  -2.800  2.371   1.00 30.35 ? 29  TYR A O   1 
ATOM   79   C CB  . TYR A 1 29  ? -4.298  -0.495  2.070   1.00 30.88 ? 29  TYR A CB  1 
ATOM   80   C CG  . TYR A 1 29  ? -4.320  0.928   1.532   1.00 31.92 ? 29  TYR A CG  1 
ATOM   81   C CD1 . TYR A 1 29  ? -3.361  1.868   1.948   1.00 31.49 ? 29  TYR A CD1 1 
ATOM   82   C CD2 . TYR A 1 29  ? -5.302  1.349   0.614   1.00 31.27 ? 29  TYR A CD2 1 
ATOM   83   C CE1 . TYR A 1 29  ? -3.372  3.172   1.473   1.00 30.68 ? 29  TYR A CE1 1 
ATOM   84   C CE2 . TYR A 1 29  ? -5.313  2.675   0.124   1.00 31.55 ? 29  TYR A CE2 1 
ATOM   85   C CZ  . TYR A 1 29  ? -4.355  3.569   0.558   1.00 31.79 ? 29  TYR A CZ  1 
ATOM   86   O OH  . TYR A 1 29  ? -4.356  4.876   0.110   1.00 32.96 ? 29  TYR A OH  1 
ATOM   87   N N   . PRO A 1 30  ? -3.914  -3.711  2.188   1.00 31.63 ? 30  PRO A N   1 
ATOM   88   C CA  . PRO A 1 30  ? -3.479  -5.009  2.706   1.00 32.16 ? 30  PRO A CA  1 
ATOM   89   C C   . PRO A 1 30  ? -2.285  -5.599  1.955   1.00 32.10 ? 30  PRO A C   1 
ATOM   90   O O   . PRO A 1 30  ? -1.458  -6.260  2.571   1.00 32.42 ? 30  PRO A O   1 
ATOM   91   C CB  . PRO A 1 30  ? -4.705  -5.888  2.519   1.00 32.12 ? 30  PRO A CB  1 
ATOM   92   C CG  . PRO A 1 30  ? -5.878  -4.926  2.686   1.00 33.05 ? 30  PRO A CG  1 
ATOM   93   C CD  . PRO A 1 30  ? -5.389  -3.589  2.171   1.00 31.70 ? 30  PRO A CD  1 
ATOM   94   N N   . ALA A 1 31  ? -2.202  -5.351  0.649   1.00 31.73 ? 31  ALA A N   1 
ATOM   95   C CA  . ALA A 1 31  ? -1.082  -5.817  -0.169  1.00 31.87 ? 31  ALA A CA  1 
ATOM   96   C C   . ALA A 1 31  ? 0.285   -5.373  0.368   1.00 31.53 ? 31  ALA A C   1 
ATOM   97   O O   . ALA A 1 31  ? 1.241   -6.145  0.334   1.00 31.77 ? 31  ALA A O   1 
ATOM   98   C CB  . ALA A 1 31  ? -1.266  -5.380  -1.661  1.00 31.81 ? 31  ALA A CB  1 
ATOM   99   N N   . ARG A 1 32  ? 0.373   -4.134  0.862   1.00 30.74 ? 32  ARG A N   1 
ATOM   100  C CA  . ARG A 1 32  ? 1.632   -3.570  1.370   1.00 30.32 ? 32  ARG A CA  1 
ATOM   101  C C   . ARG A 1 32  ? 2.197   -4.336  2.565   1.00 31.01 ? 32  ARG A C   1 
ATOM   102  O O   . ARG A 1 32  ? 3.418   -4.488  2.712   1.00 30.84 ? 32  ARG A O   1 
ATOM   103  C CB  . ARG A 1 32  ? 1.433   -2.118  1.789   1.00 30.12 ? 32  ARG A CB  1 
ATOM   104  C CG  . ARG A 1 32  ? 0.981   -1.177  0.654   1.00 26.90 ? 32  ARG A CG  1 
ATOM   105  C CD  . ARG A 1 32  ? 0.594   0.152   1.238   1.00 25.50 ? 32  ARG A CD  1 
ATOM   106  N NE  . ARG A 1 32  ? 1.747   0.841   1.810   1.00 23.77 ? 32  ARG A NE  1 
ATOM   107  C CZ  . ARG A 1 32  ? 1.695   2.042   2.367   1.00 24.99 ? 32  ARG A CZ  1 
ATOM   108  N NH1 . ARG A 1 32  ? 0.531   2.689   2.427   1.00 22.25 ? 32  ARG A NH1 1 
ATOM   109  N NH2 . ARG A 1 32  ? 2.803   2.602   2.861   1.00 24.99 ? 32  ARG A NH2 1 
ATOM   110  N N   . VAL A 1 33  ? 1.299   -4.794  3.434   1.00 30.77 ? 33  VAL A N   1 
ATOM   111  C CA  . VAL A 1 33  ? 1.693   -5.564  4.596   1.00 31.70 ? 33  VAL A CA  1 
ATOM   112  C C   . VAL A 1 33  ? 1.958   -7.051  4.247   1.00 32.56 ? 33  VAL A C   1 
ATOM   113  O O   . VAL A 1 33  ? 2.936   -7.639  4.720   1.00 32.98 ? 33  VAL A O   1 
ATOM   114  C CB  . VAL A 1 33  ? 0.655   -5.371  5.731   1.00 31.61 ? 33  VAL A CB  1 
ATOM   115  C CG1 . VAL A 1 33  ? 0.829   -6.389  6.823   1.00 31.08 ? 33  VAL A CG1 1 
ATOM   116  C CG2 . VAL A 1 33  ? 0.782   -3.966  6.285   1.00 29.83 ? 33  VAL A CG2 1 
ATOM   117  N N   . ARG A 1 34  ? 1.114   -7.631  3.397   1.00 32.16 ? 34  ARG A N   1 
ATOM   118  C CA  . ARG A 1 34  ? 1.328   -9.009  2.967   1.00 33.08 ? 34  ARG A CA  1 
ATOM   119  C C   . ARG A 1 34  ? 2.649   -9.183  2.210   1.00 33.48 ? 34  ARG A C   1 
ATOM   120  O O   . ARG A 1 34  ? 3.381   -10.140 2.469   1.00 33.43 ? 34  ARG A O   1 
ATOM   121  C CB  . ARG A 1 34  ? 0.153   -9.531  2.146   1.00 32.57 ? 34  ARG A CB  1 
ATOM   122  C CG  . ARG A 1 34  ? -1.101  -9.758  2.956   1.00 33.11 ? 34  ARG A CG  1 
ATOM   123  C CD  . ARG A 1 34  ? -2.270  -10.111 2.046   1.00 34.27 ? 34  ARG A CD  1 
ATOM   124  N NE  . ARG A 1 34  ? -3.483  -10.444 2.787   1.00 34.23 ? 34  ARG A NE  1 
ATOM   125  C CZ  . ARG A 1 34  ? -4.015  -11.665 2.845   1.00 38.20 ? 34  ARG A CZ  1 
ATOM   126  N NH1 . ARG A 1 34  ? -3.426  -12.671 2.206   1.00 38.65 ? 34  ARG A NH1 1 
ATOM   127  N NH2 . ARG A 1 34  ? -5.138  -11.886 3.534   1.00 37.67 ? 34  ARG A NH2 1 
ATOM   128  N N   . ILE A 1 35  ? 2.950   -8.263  1.294   1.00 33.04 ? 35  ILE A N   1 
ATOM   129  C CA  . ILE A 1 35  ? 4.250   -8.255  0.609   1.00 33.25 ? 35  ILE A CA  1 
ATOM   130  C C   . ILE A 1 35  ? 5.427   -8.111  1.572   1.00 33.92 ? 35  ILE A C   1 
ATOM   131  O O   . ILE A 1 35  ? 6.409   -8.842  1.438   1.00 34.06 ? 35  ILE A O   1 
ATOM   132  C CB  . ILE A 1 35  ? 4.341   -7.154  -0.480  1.00 32.91 ? 35  ILE A CB  1 
ATOM   133  C CG1 . ILE A 1 35  ? 3.286   -7.393  -1.569  1.00 32.95 ? 35  ILE A CG1 1 
ATOM   134  C CG2 . ILE A 1 35  ? 5.779   -7.040  -1.061  1.00 31.54 ? 35  ILE A CG2 1 
ATOM   135  C CD1 . ILE A 1 35  ? 3.179   -6.211  -2.618  1.00 32.44 ? 35  ILE A CD1 1 
ATOM   136  N N   . ALA A 1 36  ? 5.335   -7.177  2.528   1.00 34.25 ? 36  ALA A N   1 
ATOM   137  C CA  . ALA A 1 36  ? 6.417   -6.959  3.500   1.00 34.89 ? 36  ALA A CA  1 
ATOM   138  C C   . ALA A 1 36  ? 6.615   -8.187  4.393   1.00 35.53 ? 36  ALA A C   1 
ATOM   139  O O   . ALA A 1 36  ? 7.743   -8.530  4.747   1.00 35.33 ? 36  ALA A O   1 
ATOM   140  C CB  . ALA A 1 36  ? 6.159   -5.711  4.354   1.00 32.93 ? 36  ALA A CB  1 
ATOM   141  N N   . LEU A 1 37  ? 5.504   -8.809  4.768   1.00 36.65 ? 37  LEU A N   1 
ATOM   142  C CA  . LEU A 1 37  ? 5.525   -10.052 5.522   1.00 38.00 ? 37  LEU A CA  1 
ATOM   143  C C   . LEU A 1 37  ? 6.279   -11.161 4.768   1.00 39.35 ? 37  LEU A C   1 
ATOM   144  O O   . LEU A 1 37  ? 7.147   -11.814 5.350   1.00 39.71 ? 37  LEU A O   1 
ATOM   145  C CB  . LEU A 1 37  ? 4.099   -10.511 5.837   1.00 37.02 ? 37  LEU A CB  1 
ATOM   146  C CG  . LEU A 1 37  ? 3.363   -9.807  6.982   1.00 36.11 ? 37  LEU A CG  1 
ATOM   147  C CD1 . LEU A 1 37  ? 1.919   -10.236 6.978   1.00 34.09 ? 37  LEU A CD1 1 
ATOM   148  C CD2 . LEU A 1 37  ? 3.996   -10.082 8.344   1.00 32.79 ? 37  LEU A CD2 1 
ATOM   149  N N   . ALA A 1 38  ? 5.965   -11.355 3.484   1.00 40.29 ? 38  ALA A N   1 
ATOM   150  C CA  . ALA A 1 38  ? 6.691   -12.321 2.652   1.00 41.82 ? 38  ALA A CA  1 
ATOM   151  C C   . ALA A 1 38  ? 8.180   -11.977 2.491   1.00 42.96 ? 38  ALA A C   1 
ATOM   152  O O   . ALA A 1 38  ? 9.028   -12.870 2.474   1.00 43.82 ? 38  ALA A O   1 
ATOM   153  C CB  . ALA A 1 38  ? 6.033   -12.474 1.305   1.00 41.40 ? 38  ALA A CB  1 
ATOM   154  N N   . GLU A 1 39  ? 8.488   -10.688 2.389   1.00 43.78 ? 39  GLU A N   1 
ATOM   155  C CA  . GLU A 1 39  ? 9.864   -10.192 2.274   1.00 44.94 ? 39  GLU A CA  1 
ATOM   156  C C   . GLU A 1 39  ? 10.664  -10.458 3.556   1.00 45.46 ? 39  GLU A C   1 
ATOM   157  O O   . GLU A 1 39  ? 11.897  -10.523 3.521   1.00 45.34 ? 39  GLU A O   1 
ATOM   158  C CB  . GLU A 1 39  ? 9.839   -8.688  1.963   1.00 44.67 ? 39  GLU A CB  1 
ATOM   159  C CG  . GLU A 1 39  ? 10.924  -8.167  1.011   1.00 47.37 ? 39  GLU A CG  1 
ATOM   160  C CD  . GLU A 1 39  ? 10.828  -8.685  -0.431  1.00 47.70 ? 39  GLU A CD  1 
ATOM   161  O OE1 . GLU A 1 39  ? 9.745   -8.960  -0.959  1.00 48.46 ? 39  GLU A OE1 1 
ATOM   162  O OE2 . GLU A 1 39  ? 11.873  -8.813  -1.065  1.00 51.38 ? 39  GLU A OE2 1 
ATOM   163  N N   . LYS A 1 40  ? 9.950   -10.598 4.678   1.00 45.95 ? 40  LYS A N   1 
ATOM   164  C CA  . LYS A 1 40  ? 10.570  -10.862 5.983   1.00 46.66 ? 40  LYS A CA  1 
ATOM   165  C C   . LYS A 1 40  ? 10.487  -12.335 6.398   1.00 47.60 ? 40  LYS A C   1 
ATOM   166  O O   . LYS A 1 40  ? 10.913  -12.688 7.498   1.00 47.52 ? 40  LYS A O   1 
ATOM   167  C CB  . LYS A 1 40  ? 9.955   -9.987  7.095   1.00 46.18 ? 40  LYS A CB  1 
ATOM   168  C CG  . LYS A 1 40  ? 10.253  -8.482  7.007   1.00 44.21 ? 40  LYS A CG  1 
ATOM   169  C CD  . LYS A 1 40  ? 11.727  -8.162  6.994   1.00 43.81 ? 40  LYS A CD  1 
ATOM   170  C CE  . LYS A 1 40  ? 12.402  -8.512  8.311   1.00 42.95 ? 40  LYS A CE  1 
ATOM   171  N NZ  . LYS A 1 40  ? 13.591  -7.666  8.521   1.00 43.68 ? 40  LYS A NZ  1 
ATOM   172  N N   . ASN A 1 41  ? 9.934   -13.165 5.514   1.00 48.91 ? 41  ASN A N   1 
ATOM   173  C CA  . ASN A 1 41  ? 9.705   -14.592 5.753   1.00 50.67 ? 41  ASN A CA  1 
ATOM   174  C C   . ASN A 1 41  ? 8.838   -14.832 6.971   1.00 51.18 ? 41  ASN A C   1 
ATOM   175  O O   . ASN A 1 41  ? 9.170   -15.663 7.815   1.00 51.90 ? 41  ASN A O   1 
ATOM   176  C CB  . ASN A 1 41  ? 11.039  -15.350 5.878   1.00 51.04 ? 41  ASN A CB  1 
ATOM   177  C CG  . ASN A 1 41  ? 11.828  -15.363 4.573   1.00 52.71 ? 41  ASN A CG  1 
ATOM   178  O OD1 . ASN A 1 41  ? 11.301  -15.739 3.515   1.00 54.58 ? 41  ASN A OD1 1 
ATOM   179  N ND2 . ASN A 1 41  ? 13.098  -14.956 4.642   1.00 52.47 ? 41  ASN A ND2 1 
ATOM   180  N N   . MET A 1 42  ? 7.724   -14.108 7.057   1.00 51.53 ? 42  MET A N   1 
ATOM   181  C CA  . MET A 1 42  ? 6.892   -14.126 8.259   1.00 51.71 ? 42  MET A CA  1 
ATOM   182  C C   . MET A 1 42  ? 5.434   -14.469 8.001   1.00 52.07 ? 42  MET A C   1 
ATOM   183  O O   . MET A 1 42  ? 4.632   -14.498 8.938   1.00 51.62 ? 42  MET A O   1 
ATOM   184  C CB  . MET A 1 42  ? 6.959   -12.780 8.975   1.00 51.51 ? 42  MET A CB  1 
ATOM   185  C CG  . MET A 1 42  ? 8.186   -12.556 9.797   1.00 52.45 ? 42  MET A CG  1 
ATOM   186  S SD  . MET A 1 42  ? 8.132   -10.911 10.508  1.00 54.20 ? 42  MET A SD  1 
ATOM   187  C CE  . MET A 1 42  ? 9.883   -10.631 10.826  1.00 53.94 ? 42  MET A CE  1 
ATOM   188  N N   . LEU A 1 43  ? 5.086   -14.734 6.742   1.00 52.68 ? 43  LEU A N   1 
ATOM   189  C CA  . LEU A 1 43  ? 3.701   -15.053 6.410   1.00 53.46 ? 43  LEU A CA  1 
ATOM   190  C C   . LEU A 1 43  ? 3.093   -16.135 7.313   1.00 54.06 ? 43  LEU A C   1 
ATOM   191  O O   . LEU A 1 43  ? 1.919   -16.039 7.689   1.00 54.33 ? 43  LEU A O   1 
ATOM   192  C CB  . LEU A 1 43  ? 3.548   -15.423 4.930   1.00 53.40 ? 43  LEU A CB  1 
ATOM   193  C CG  . LEU A 1 43  ? 3.354   -14.284 3.911   1.00 53.67 ? 43  LEU A CG  1 
ATOM   194  C CD1 . LEU A 1 43  ? 3.155   -14.873 2.525   1.00 53.38 ? 43  LEU A CD1 1 
ATOM   195  C CD2 . LEU A 1 43  ? 2.176   -13.365 4.241   1.00 52.42 ? 43  LEU A CD2 1 
ATOM   196  N N   . SER A 1 44  ? 3.896   -17.140 7.675   1.00 54.54 ? 44  SER A N   1 
ATOM   197  C CA  . SER A 1 44  ? 3.414   -18.266 8.493   1.00 54.91 ? 44  SER A CA  1 
ATOM   198  C C   . SER A 1 44  ? 3.215   -17.908 9.969   1.00 54.99 ? 44  SER A C   1 
ATOM   199  O O   . SER A 1 44  ? 2.452   -18.567 10.669  1.00 55.19 ? 44  SER A O   1 
ATOM   200  C CB  . SER A 1 44  ? 4.312   -19.506 8.327   1.00 55.15 ? 44  SER A CB  1 
ATOM   201  O OG  . SER A 1 44  ? 5.690   -19.167 8.309   0.50 55.04 ? 44  SER A OG  1 
ATOM   202  N N   . SER A 1 45  ? 3.887   -16.857 10.434  1.00 55.11 ? 45  SER A N   1 
ATOM   203  C CA  . SER A 1 45  ? 3.699   -16.348 11.805  1.00 54.88 ? 45  SER A CA  1 
ATOM   204  C C   . SER A 1 45  ? 2.381   -15.589 11.986  1.00 54.18 ? 45  SER A C   1 
ATOM   205  O O   . SER A 1 45  ? 2.074   -15.122 13.086  1.00 53.94 ? 45  SER A O   1 
ATOM   206  C CB  . SER A 1 45  ? 4.873   -15.454 12.211  1.00 55.11 ? 45  SER A CB  1 
ATOM   207  O OG  . SER A 1 45  ? 6.107   -16.123 12.000  1.00 56.06 ? 45  SER A OG  1 
ATOM   208  N N   . VAL A 1 46  ? 1.603   -15.496 10.906  1.00 53.54 ? 46  VAL A N   1 
ATOM   209  C CA  . VAL A 1 46  ? 0.417   -14.656 10.872  1.00 52.72 ? 46  VAL A CA  1 
ATOM   210  C C   . VAL A 1 46  ? -0.840  -15.451 10.600  1.00 52.43 ? 46  VAL A C   1 
ATOM   211  O O   . VAL A 1 46  ? -0.893  -16.231 9.648   1.00 52.40 ? 46  VAL A O   1 
ATOM   212  C CB  . VAL A 1 46  ? 0.520   -13.571 9.766   1.00 52.85 ? 46  VAL A CB  1 
ATOM   213  C CG1 . VAL A 1 46  ? -0.789  -12.794 9.663   1.00 52.21 ? 46  VAL A CG1 1 
ATOM   214  C CG2 . VAL A 1 46  ? 1.661   -12.630 10.047  1.00 52.24 ? 46  VAL A CG2 1 
ATOM   215  N N   . GLN A 1 47  ? -1.856  -15.224 11.429  1.00 52.12 ? 47  GLN A N   1 
ATOM   216  C CA  . GLN A 1 47  ? -3.210  -15.683 11.143  1.00 52.28 ? 47  GLN A CA  1 
ATOM   217  C C   . GLN A 1 47  ? -4.012  -14.512 10.541  1.00 52.23 ? 47  GLN A C   1 
ATOM   218  O O   . GLN A 1 47  ? -4.192  -13.479 11.193  1.00 52.09 ? 47  GLN A O   1 
ATOM   219  C CB  . GLN A 1 47  ? -3.889  -16.185 12.423  1.00 51.99 ? 47  GLN A CB  1 
ATOM   220  C CG  . GLN A 1 47  ? -5.314  -16.685 12.218  1.00 53.28 ? 47  GLN A CG  1 
ATOM   221  C CD  . GLN A 1 47  ? -6.125  -16.740 13.507  1.00 55.40 ? 47  GLN A CD  1 
ATOM   222  O OE1 . GLN A 1 47  ? -5.580  -16.885 14.611  1.00 55.99 ? 47  GLN A OE1 1 
ATOM   223  N NE2 . GLN A 1 47  ? -7.443  -16.633 13.368  1.00 55.61 ? 47  GLN A NE2 1 
ATOM   224  N N   . PHE A 1 48  ? -4.487  -14.685 9.309   1.00 52.23 ? 48  PHE A N   1 
ATOM   225  C CA  . PHE A 1 48  ? -5.294  -13.675 8.627   1.00 52.46 ? 48  PHE A CA  1 
ATOM   226  C C   . PHE A 1 48  ? -6.775  -13.868 8.934   1.00 52.64 ? 48  PHE A C   1 
ATOM   227  O O   . PHE A 1 48  ? -7.306  -14.973 8.821   1.00 52.96 ? 48  PHE A O   1 
ATOM   228  C CB  . PHE A 1 48  ? -5.063  -13.713 7.103   1.00 52.32 ? 48  PHE A CB  1 
ATOM   229  C CG  . PHE A 1 48  ? -3.686  -13.252 6.677   1.00 51.69 ? 48  PHE A CG  1 
ATOM   230  C CD1 . PHE A 1 48  ? -2.642  -14.158 6.548   1.00 50.94 ? 48  PHE A CD1 1 
ATOM   231  C CD2 . PHE A 1 48  ? -3.443  -11.911 6.393   1.00 51.69 ? 48  PHE A CD2 1 
ATOM   232  C CE1 . PHE A 1 48  ? -1.373  -13.735 6.152   1.00 50.82 ? 48  PHE A CE1 1 
ATOM   233  C CE2 . PHE A 1 48  ? -2.172  -11.477 5.998   1.00 50.79 ? 48  PHE A CE2 1 
ATOM   234  C CZ  . PHE A 1 48  ? -1.140  -12.391 5.873   1.00 50.02 ? 48  PHE A CZ  1 
ATOM   235  N N   . VAL A 1 49  ? -7.426  -12.787 9.344   1.00 52.86 ? 49  VAL A N   1 
ATOM   236  C CA  . VAL A 1 49  ? -8.874  -12.779 9.581   1.00 53.03 ? 49  VAL A CA  1 
ATOM   237  C C   . VAL A 1 49  ? -9.510  -11.862 8.543   1.00 53.40 ? 49  VAL A C   1 
ATOM   238  O O   . VAL A 1 49  ? -9.096  -10.710 8.371   1.00 53.20 ? 49  VAL A O   1 
ATOM   239  C CB  . VAL A 1 49  ? -9.244  -12.310 11.026  1.00 52.87 ? 49  VAL A CB  1 
ATOM   240  C CG1 . VAL A 1 49  ? -10.768 -12.149 11.185  1.00 52.75 ? 49  VAL A CG1 1 
ATOM   241  C CG2 . VAL A 1 49  ? -8.674  -13.266 12.080  1.00 51.86 ? 49  VAL A CG2 1 
ATOM   242  N N   . ARG A 1 50  ? -10.499 -12.394 7.834   1.00 53.84 ? 50  ARG A N   1 
ATOM   243  C CA  . ARG A 1 50  ? -11.152 -11.671 6.759   1.00 54.38 ? 50  ARG A CA  1 
ATOM   244  C C   . ARG A 1 50  ? -12.096 -10.584 7.308   1.00 54.30 ? 50  ARG A C   1 
ATOM   245  O O   . ARG A 1 50  ? -12.914 -10.839 8.199   1.00 54.34 ? 50  ARG A O   1 
ATOM   246  C CB  . ARG A 1 50  ? -11.862 -12.664 5.828   1.00 54.62 ? 50  ARG A CB  1 
ATOM   247  C CG  . ARG A 1 50  ? -12.888 -12.083 4.877   1.00 57.46 ? 50  ARG A CG  1 
ATOM   248  C CD  . ARG A 1 50  ? -12.277 -11.211 3.774   1.00 60.77 ? 50  ARG A CD  1 
ATOM   249  N NE  . ARG A 1 50  ? -13.337 -10.707 2.903   1.00 64.10 ? 50  ARG A NE  1 
ATOM   250  C CZ  . ARG A 1 50  ? -13.597 -11.158 1.674   1.00 66.20 ? 50  ARG A CZ  1 
ATOM   251  N NH1 . ARG A 1 50  ? -12.844 -12.114 1.128   1.00 66.80 ? 50  ARG A NH1 1 
ATOM   252  N NH2 . ARG A 1 50  ? -14.605 -10.634 0.984   1.00 65.42 ? 50  ARG A NH2 1 
ATOM   253  N N   . ILE A 1 51  ? -11.925 -9.366  6.798   1.00 53.83 ? 51  ILE A N   1 
ATOM   254  C CA  . ILE A 1 51  ? -12.821 -8.250  7.070   1.00 53.71 ? 51  ILE A CA  1 
ATOM   255  C C   . ILE A 1 51  ? -13.632 -8.001  5.806   1.00 54.29 ? 51  ILE A C   1 
ATOM   256  O O   . ILE A 1 51  ? -13.065 -7.859  4.713   1.00 54.23 ? 51  ILE A O   1 
ATOM   257  C CB  . ILE A 1 51  ? -12.046 -6.967  7.466   1.00 53.20 ? 51  ILE A CB  1 
ATOM   258  C CG1 . ILE A 1 51  ? -11.283 -7.174  8.776   1.00 52.53 ? 51  ILE A CG1 1 
ATOM   259  C CG2 . ILE A 1 51  ? -12.980 -5.751  7.530   1.00 52.97 ? 51  ILE A CG2 1 
ATOM   260  C CD1 . ILE A 1 51  ? -12.178 -7.386  10.024  1.00 52.63 ? 51  ILE A CD1 1 
ATOM   261  N N   . ASN A 1 52  ? -14.951 -7.951  5.961   1.00 54.58 ? 52  ASN A N   1 
ATOM   262  C CA  . ASN A 1 52  ? -15.862 -7.947  4.825   1.00 55.87 ? 52  ASN A CA  1 
ATOM   263  C C   . ASN A 1 52  ? -16.162 -6.526  4.343   1.00 55.52 ? 52  ASN A C   1 
ATOM   264  O O   . ASN A 1 52  ? -17.207 -5.973  4.677   1.00 55.43 ? 52  ASN A O   1 
ATOM   265  C CB  . ASN A 1 52  ? -17.158 -8.687  5.189   1.00 56.22 ? 52  ASN A CB  1 
ATOM   266  C CG  . ASN A 1 52  ? -16.910 -10.132 5.653   1.00 59.98 ? 52  ASN A CG  1 
ATOM   267  O OD1 . ASN A 1 52  ? -16.450 -10.978 4.869   1.00 64.00 ? 52  ASN A OD1 1 
ATOM   268  N ND2 . ASN A 1 52  ? -17.224 -10.422 6.930   1.00 60.97 ? 52  ASN A ND2 1 
ATOM   269  N N   . LEU A 1 53  ? -15.235 -5.952  3.570   1.00 55.76 ? 53  LEU A N   1 
ATOM   270  C CA  . LEU A 1 53  ? -15.340 -4.568  3.048   1.00 55.83 ? 53  LEU A CA  1 
ATOM   271  C C   . LEU A 1 53  ? -16.611 -4.301  2.253   1.00 55.53 ? 53  LEU A C   1 
ATOM   272  O O   . LEU A 1 53  ? -17.172 -3.201  2.320   1.00 55.05 ? 53  LEU A O   1 
ATOM   273  C CB  . LEU A 1 53  ? -14.117 -4.188  2.188   1.00 55.80 ? 53  LEU A CB  1 
ATOM   274  C CG  . LEU A 1 53  ? -12.688 -4.033  2.750   1.00 56.61 ? 53  LEU A CG  1 
ATOM   275  C CD1 . LEU A 1 53  ? -11.801 -3.268  1.752   1.00 55.62 ? 53  LEU A CD1 1 
ATOM   276  C CD2 . LEU A 1 53  ? -12.624 -3.356  4.119   1.00 55.67 ? 53  LEU A CD2 1 
ATOM   277  N N   . TRP A 1 54  ? -17.057 -5.317  1.511   1.00 55.79 ? 54  TRP A N   1 
ATOM   278  C CA  . TRP A 1 54  ? -18.263 -5.229  0.688   1.00 56.14 ? 54  TRP A CA  1 
ATOM   279  C C   . TRP A 1 54  ? -19.523 -5.068  1.539   1.00 55.77 ? 54  TRP A C   1 
ATOM   280  O O   . TRP A 1 54  ? -20.552 -4.598  1.036   1.00 55.68 ? 54  TRP A O   1 
ATOM   281  C CB  . TRP A 1 54  ? -18.398 -6.428  -0.282  1.00 56.57 ? 54  TRP A CB  1 
ATOM   282  C CG  . TRP A 1 54  ? -17.249 -6.568  -1.264  1.00 58.32 ? 54  TRP A CG  1 
ATOM   283  C CD1 . TRP A 1 54  ? -16.406 -7.642  -1.394  1.00 61.02 ? 54  TRP A CD1 1 
ATOM   284  C CD2 . TRP A 1 54  ? -16.810 -5.598  -2.234  1.00 60.23 ? 54  TRP A CD2 1 
ATOM   285  N NE1 . TRP A 1 54  ? -15.469 -7.398  -2.377  1.00 61.92 ? 54  TRP A NE1 1 
ATOM   286  C CE2 . TRP A 1 54  ? -15.696 -6.153  -2.907  1.00 61.18 ? 54  TRP A CE2 1 
ATOM   287  C CE3 . TRP A 1 54  ? -17.247 -4.313  -2.597  1.00 60.74 ? 54  TRP A CE3 1 
ATOM   288  C CZ2 . TRP A 1 54  ? -15.016 -5.470  -3.920  1.00 61.23 ? 54  TRP A CZ2 1 
ATOM   289  C CZ3 . TRP A 1 54  ? -16.570 -3.635  -3.602  1.00 59.87 ? 54  TRP A CZ3 1 
ATOM   290  C CH2 . TRP A 1 54  ? -15.466 -4.214  -4.250  1.00 60.87 ? 54  TRP A CH2 1 
ATOM   291  N N   . LYS A 1 55  ? -19.431 -5.441  2.823   1.00 55.36 ? 55  LYS A N   1 
ATOM   292  C CA  . LYS A 1 55  ? -20.546 -5.284  3.783   1.00 54.89 ? 55  LYS A CA  1 
ATOM   293  C C   . LYS A 1 55  ? -20.418 -4.051  4.706   1.00 54.20 ? 55  LYS A C   1 
ATOM   294  O O   . LYS A 1 55  ? -21.261 -3.828  5.590   1.00 53.68 ? 55  LYS A O   1 
ATOM   295  C CB  . LYS A 1 55  ? -20.722 -6.565  4.622   1.00 55.10 ? 55  LYS A CB  1 
ATOM   296  C CG  . LYS A 1 55  ? -21.306 -7.751  3.853   1.00 56.23 ? 55  LYS A CG  1 
ATOM   297  C CD  . LYS A 1 55  ? -21.717 -8.884  4.796   1.00 57.36 ? 55  LYS A CD  1 
ATOM   298  C CE  . LYS A 1 55  ? -21.871 -10.204 4.034   1.00 58.61 ? 55  LYS A CE  1 
ATOM   299  N NZ  . LYS A 1 55  ? -22.642 -11.241 4.790   1.00 57.73 ? 55  LYS A NZ  1 
ATOM   300  N N   . GLY A 1 56  ? -19.363 -3.258  4.504   1.00 53.66 ? 56  GLY A N   1 
ATOM   301  C CA  . GLY A 1 56  ? -19.079 -2.094  5.355   1.00 52.63 ? 56  GLY A CA  1 
ATOM   302  C C   . GLY A 1 56  ? -18.688 -2.464  6.777   1.00 52.16 ? 56  GLY A C   1 
ATOM   303  O O   . GLY A 1 56  ? -18.978 -1.721  7.720   1.00 51.99 ? 56  GLY A O   1 
ATOM   304  N N   . GLU A 1 57  ? -18.036 -3.619  6.928   1.00 51.79 ? 57  GLU A N   1 
ATOM   305  C CA  . GLU A 1 57  ? -17.629 -4.143  8.241   1.00 51.75 ? 57  GLU A CA  1 
ATOM   306  C C   . GLU A 1 57  ? -16.556 -3.258  8.886   1.00 51.56 ? 57  GLU A C   1 
ATOM   307  O O   . GLU A 1 57  ? -16.517 -3.101  10.117  1.00 51.64 ? 57  GLU A O   1 
ATOM   308  C CB  . GLU A 1 57  ? -17.146 -5.602  8.138   1.00 51.40 ? 57  GLU A CB  1 
ATOM   309  C CG  . GLU A 1 57  ? -17.084 -6.303  9.501   1.00 52.85 ? 57  GLU A CG  1 
ATOM   310  C CD  . GLU A 1 57  ? -16.417 -7.677  9.475   1.00 53.98 ? 57  GLU A CD  1 
ATOM   311  O OE1 . GLU A 1 57  ? -16.299 -8.276  8.378   1.00 53.05 ? 57  GLU A OE1 1 
ATOM   312  O OE2 . GLU A 1 57  ? -16.016 -8.155  10.570  1.00 53.83 ? 57  GLU A OE2 1 
ATOM   313  N N   . HIS A 1 58  ? -15.716 -2.670  8.031   1.00 51.31 ? 58  HIS A N   1 
ATOM   314  C CA  . HIS A 1 58  ? -14.706 -1.667  8.402   1.00 51.25 ? 58  HIS A CA  1 
ATOM   315  C C   . HIS A 1 58  ? -15.264 -0.331  8.958   1.00 51.37 ? 58  HIS A C   1 
ATOM   316  O O   . HIS A 1 58  ? -14.536 0.429   9.620   1.00 51.19 ? 58  HIS A O   1 
ATOM   317  C CB  . HIS A 1 58  ? -13.752 -1.414  7.210   1.00 51.26 ? 58  HIS A CB  1 
ATOM   318  C CG  . HIS A 1 58  ? -14.419 -0.849  5.990   1.00 50.19 ? 58  HIS A CG  1 
ATOM   319  N ND1 . HIS A 1 58  ? -15.440 -1.495  5.326   1.00 49.04 ? 58  HIS A ND1 1 
ATOM   320  C CD2 . HIS A 1 58  ? -14.186 0.291   5.296   1.00 50.51 ? 58  HIS A CD2 1 
ATOM   321  C CE1 . HIS A 1 58  ? -15.824 -0.767  4.292   1.00 49.45 ? 58  HIS A CE1 1 
ATOM   322  N NE2 . HIS A 1 58  ? -15.080 0.325   4.253   1.00 50.46 ? 58  HIS A NE2 1 
ATOM   323  N N   . LYS A 1 59  ? -16.543 -0.058  8.695   1.00 51.58 ? 59  LYS A N   1 
ATOM   324  C CA  . LYS A 1 59  ? -17.219 1.154   9.205   1.00 52.08 ? 59  LYS A CA  1 
ATOM   325  C C   . LYS A 1 59  ? -18.195 0.852   10.361  1.00 52.26 ? 59  LYS A C   1 
ATOM   326  O O   . LYS A 1 59  ? -18.867 1.751   10.864  1.00 52.51 ? 59  LYS A O   1 
ATOM   327  C CB  . LYS A 1 59  ? -17.935 1.925   8.076   1.00 51.76 ? 59  LYS A CB  1 
ATOM   328  C CG  . LYS A 1 59  ? -17.046 2.325   6.878   1.00 52.25 ? 59  LYS A CG  1 
ATOM   329  C CD  . LYS A 1 59  ? -17.835 3.124   5.839   1.00 51.81 ? 59  LYS A CD  1 
ATOM   330  C CE  . LYS A 1 59  ? -16.924 3.610   4.702   1.00 53.64 ? 59  LYS A CE  1 
ATOM   331  N NZ  . LYS A 1 59  ? -17.469 4.808   3.934   1.00 51.61 ? 59  LYS A NZ  1 
ATOM   332  N N   . LYS A 1 60  ? -18.267 -0.409  10.779  1.00 52.77 ? 60  LYS A N   1 
ATOM   333  C CA  . LYS A 1 60  ? -19.111 -0.801  11.919  1.00 53.36 ? 60  LYS A CA  1 
ATOM   334  C C   . LYS A 1 60  ? -18.361 -0.698  13.265  1.00 53.36 ? 60  LYS A C   1 
ATOM   335  O O   . LYS A 1 60  ? -17.133 -0.668  13.276  1.00 52.84 ? 60  LYS A O   1 
ATOM   336  C CB  . LYS A 1 60  ? -19.710 -2.193  11.685  1.00 53.43 ? 60  LYS A CB  1 
ATOM   337  C CG  . LYS A 1 60  ? -20.918 -2.138  10.757  1.00 55.19 ? 60  LYS A CG  1 
ATOM   338  C CD  . LYS A 1 60  ? -21.412 -3.521  10.355  1.00 57.75 ? 60  LYS A CD  1 
ATOM   339  C CE  . LYS A 1 60  ? -22.652 -3.414  9.465   1.00 58.74 ? 60  LYS A CE  1 
ATOM   340  N NZ  . LYS A 1 60  ? -23.158 -4.762  9.111   1.00 59.18 ? 60  LYS A NZ  1 
ATOM   341  N N   . PRO A 1 61  ? -19.100 -0.628  14.401  1.00 53.76 ? 61  PRO A N   1 
ATOM   342  C CA  . PRO A 1 61  ? -18.460 -0.319  15.694  1.00 53.97 ? 61  PRO A CA  1 
ATOM   343  C C   . PRO A 1 61  ? -17.411 -1.332  16.157  1.00 53.98 ? 61  PRO A C   1 
ATOM   344  O O   . PRO A 1 61  ? -16.429 -0.936  16.788  1.00 54.15 ? 61  PRO A O   1 
ATOM   345  C CB  . PRO A 1 61  ? -19.645 -0.278  16.680  1.00 54.14 ? 61  PRO A CB  1 
ATOM   346  C CG  . PRO A 1 61  ? -20.846 -0.031  15.817  1.00 54.08 ? 61  PRO A CG  1 
ATOM   347  C CD  . PRO A 1 61  ? -20.559 -0.799  14.558  1.00 53.88 ? 61  PRO A CD  1 
ATOM   348  N N   . GLU A 1 62  ? -17.626 -2.614  15.844  1.00 54.05 ? 62  GLU A N   1 
ATOM   349  C CA  . GLU A 1 62  ? -16.722 -3.691  16.252  1.00 54.06 ? 62  GLU A CA  1 
ATOM   350  C C   . GLU A 1 62  ? -15.329 -3.467  15.681  1.00 53.23 ? 62  GLU A C   1 
ATOM   351  O O   . GLU A 1 62  ? -14.341 -3.501  16.414  1.00 53.72 ? 62  GLU A O   1 
ATOM   352  C CB  . GLU A 1 62  ? -17.269 -5.064  15.825  1.00 54.67 ? 62  GLU A CB  1 
ATOM   353  C CG  . GLU A 1 62  ? -16.545 -6.268  16.456  1.00 56.75 ? 62  GLU A CG  1 
ATOM   354  C CD  . GLU A 1 62  ? -17.304 -7.589  16.301  1.00 60.12 ? 62  GLU A CD  1 
ATOM   355  O OE1 . GLU A 1 62  ? -17.823 -7.875  15.188  1.00 61.14 ? 62  GLU A OE1 1 
ATOM   356  O OE2 . GLU A 1 62  ? -17.379 -8.349  17.298  1.00 60.67 ? 62  GLU A OE2 1 
ATOM   357  N N   . PHE A 1 63  ? -15.251 -3.214  14.381  1.00 52.10 ? 63  PHE A N   1 
ATOM   358  C CA  . PHE A 1 63  ? -13.961 -2.971  13.753  1.00 51.11 ? 63  PHE A CA  1 
ATOM   359  C C   . PHE A 1 63  ? -13.371 -1.597  14.112  1.00 50.53 ? 63  PHE A C   1 
ATOM   360  O O   . PHE A 1 63  ? -12.159 -1.471  14.320  1.00 50.20 ? 63  PHE A O   1 
ATOM   361  C CB  . PHE A 1 63  ? -14.033 -3.157  12.236  1.00 51.19 ? 63  PHE A CB  1 
ATOM   362  C CG  . PHE A 1 63  ? -12.703 -3.060  11.573  1.00 51.49 ? 63  PHE A CG  1 
ATOM   363  C CD1 . PHE A 1 63  ? -11.829 -4.137  11.602  1.00 51.19 ? 63  PHE A CD1 1 
ATOM   364  C CD2 . PHE A 1 63  ? -12.298 -1.868  10.972  1.00 50.85 ? 63  PHE A CD2 1 
ATOM   365  C CE1 . PHE A 1 63  ? -10.579 -4.049  11.017  1.00 50.92 ? 63  PHE A CE1 1 
ATOM   366  C CE2 . PHE A 1 63  ? -11.049 -1.767  10.378  1.00 50.80 ? 63  PHE A CE2 1 
ATOM   367  C CZ  . PHE A 1 63  ? -10.186 -2.860  10.401  1.00 51.14 ? 63  PHE A CZ  1 
ATOM   368  N N   . LEU A 1 64  ? -14.220 -0.577  14.197  1.00 49.61 ? 64  LEU A N   1 
ATOM   369  C CA  . LEU A 1 64  ? -13.763 0.752   14.584  1.00 49.18 ? 64  LEU A CA  1 
ATOM   370  C C   . LEU A 1 64  ? -13.092 0.755   15.950  1.00 48.97 ? 64  LEU A C   1 
ATOM   371  O O   . LEU A 1 64  ? -12.241 1.601   16.216  1.00 49.24 ? 64  LEU A O   1 
ATOM   372  C CB  . LEU A 1 64  ? -14.908 1.762   14.545  1.00 49.24 ? 64  LEU A CB  1 
ATOM   373  C CG  . LEU A 1 64  ? -15.355 2.140   13.129  1.00 49.80 ? 64  LEU A CG  1 
ATOM   374  C CD1 . LEU A 1 64  ? -16.606 3.044   13.178  1.00 50.06 ? 64  LEU A CD1 1 
ATOM   375  C CD2 . LEU A 1 64  ? -14.223 2.793   12.335  1.00 48.89 ? 64  LEU A CD2 1 
ATOM   376  N N   . ALA A 1 65  ? -13.472 -0.195  16.807  1.00 48.06 ? 65  ALA A N   1 
ATOM   377  C CA  . ALA A 1 65  ? -12.823 -0.378  18.093  1.00 47.52 ? 65  ALA A CA  1 
ATOM   378  C C   . ALA A 1 65  ? -11.407 -0.931  17.931  1.00 47.00 ? 65  ALA A C   1 
ATOM   379  O O   . ALA A 1 65  ? -10.578 -0.783  18.837  1.00 47.41 ? 65  ALA A O   1 
ATOM   380  C CB  . ALA A 1 65  ? -13.660 -1.295  19.004  1.00 47.86 ? 65  ALA A CB  1 
ATOM   381  N N   . LYS A 1 66  ? -11.144 -1.576  16.792  1.00 45.84 ? 66  LYS A N   1 
ATOM   382  C CA  . LYS A 1 66  ? -9.811  -2.061  16.451  1.00 45.09 ? 66  LYS A CA  1 
ATOM   383  C C   . LYS A 1 66  ? -9.006  -0.928  15.801  1.00 44.33 ? 66  LYS A C   1 
ATOM   384  O O   . LYS A 1 66  ? -7.793  -0.789  16.038  1.00 44.11 ? 66  LYS A O   1 
ATOM   385  C CB  . LYS A 1 66  ? -9.872  -3.262  15.479  1.00 45.36 ? 66  LYS A CB  1 
ATOM   386  C CG  . LYS A 1 66  ? -10.648 -4.504  15.947  1.00 46.28 ? 66  LYS A CG  1 
ATOM   387  C CD  . LYS A 1 66  ? -9.789  -5.397  16.822  1.00 46.79 ? 66  LYS A CD  1 
ATOM   388  C CE  . LYS A 1 66  ? -10.468 -6.730  17.145  1.00 47.57 ? 66  LYS A CE  1 
ATOM   389  N NZ  . LYS A 1 66  ? -9.901  -7.282  18.443  1.00 48.49 ? 66  LYS A NZ  1 
ATOM   390  N N   . ASN A 1 67  ? -9.695  -0.143  14.968  1.00 42.96 ? 67  ASN A N   1 
ATOM   391  C CA  . ASN A 1 67  ? -9.089  0.951   14.238  1.00 41.41 ? 67  ASN A CA  1 
ATOM   392  C C   . ASN A 1 67  ? -10.035 2.139   14.012  1.00 40.50 ? 67  ASN A C   1 
ATOM   393  O O   . ASN A 1 67  ? -10.825 2.141   13.065  1.00 39.20 ? 67  ASN A O   1 
ATOM   394  C CB  . ASN A 1 67  ? -8.560  0.435   12.892  1.00 41.71 ? 67  ASN A CB  1 
ATOM   395  C CG  . ASN A 1 67  ? -7.718  1.447   12.182  1.00 39.95 ? 67  ASN A CG  1 
ATOM   396  O OD1 . ASN A 1 67  ? -7.368  2.492   12.748  1.00 39.27 ? 67  ASN A OD1 1 
ATOM   397  N ND2 . ASN A 1 67  ? -7.392  1.168   10.922  1.00 41.69 ? 67  ASN A ND2 1 
ATOM   398  N N   . TYR A 1 68  ? -9.931  3.155   14.876  1.00 39.88 ? 68  TYR A N   1 
ATOM   399  C CA  . TYR A 1 68  ? -10.683 4.402   14.717  1.00 39.27 ? 68  TYR A CA  1 
ATOM   400  C C   . TYR A 1 68  ? -10.773 4.887   13.253  1.00 39.34 ? 68  TYR A C   1 
ATOM   401  O O   . TYR A 1 68  ? -11.846 5.313   12.800  1.00 39.93 ? 68  TYR A O   1 
ATOM   402  C CB  . TYR A 1 68  ? -10.087 5.518   15.582  1.00 39.06 ? 68  TYR A CB  1 
ATOM   403  C CG  . TYR A 1 68  ? -10.747 6.880   15.347  1.00 39.16 ? 68  TYR A CG  1 
ATOM   404  C CD1 . TYR A 1 68  ? -12.006 7.183   15.897  1.00 37.63 ? 68  TYR A CD1 1 
ATOM   405  C CD2 . TYR A 1 68  ? -10.120 7.849   14.566  1.00 38.96 ? 68  TYR A CD2 1 
ATOM   406  C CE1 . TYR A 1 68  ? -12.616 8.420   15.684  1.00 38.23 ? 68  TYR A CE1 1 
ATOM   407  C CE2 . TYR A 1 68  ? -10.721 9.093   14.346  1.00 41.47 ? 68  TYR A CE2 1 
ATOM   408  C CZ  . TYR A 1 68  ? -11.976 9.373   14.907  1.00 39.54 ? 68  TYR A CZ  1 
ATOM   409  O OH  . TYR A 1 68  ? -12.551 10.605  14.672  1.00 35.81 ? 68  TYR A OH  1 
ATOM   410  N N   . SER A 1 69  ? -9.654  4.832   12.523  1.00 38.35 ? 69  SER A N   1 
ATOM   411  C CA  . SER A 1 69  ? -9.625  5.319   11.129  1.00 38.04 ? 69  SER A CA  1 
ATOM   412  C C   . SER A 1 69  ? -10.406 4.451   10.142  1.00 37.76 ? 69  SER A C   1 
ATOM   413  O O   . SER A 1 69  ? -10.650 4.862   9.017   1.00 38.12 ? 69  SER A O   1 
ATOM   414  C CB  . SER A 1 69  ? -8.171  5.572   10.670  1.00 37.64 ? 69  SER A CB  1 
ATOM   415  O OG  . SER A 1 69  ? -7.607  6.619   11.464  1.00 34.79 ? 69  SER A OG  1 
ATOM   416  N N   . GLY A 1 70  ? -10.815 3.258   10.573  1.00 38.00 ? 70  GLY A N   1 
ATOM   417  C CA  . GLY A 1 70  ? -11.695 2.388   9.773   1.00 37.61 ? 70  GLY A CA  1 
ATOM   418  C C   . GLY A 1 70  ? -11.053 1.755   8.548   1.00 37.76 ? 70  GLY A C   1 
ATOM   419  O O   . GLY A 1 70  ? -11.732 1.457   7.558   1.00 38.25 ? 70  GLY A O   1 
ATOM   420  N N   . THR A 1 71  ? -9.744  1.551   8.603   1.00 37.10 ? 71  THR A N   1 
ATOM   421  C CA  . THR A 1 71  ? -9.046  0.952   7.485   1.00 37.37 ? 71  THR A CA  1 
ATOM   422  C C   . THR A 1 71  ? -8.374  -0.354  7.842   1.00 36.57 ? 71  THR A C   1 
ATOM   423  O O   . THR A 1 71  ? -8.030  -0.602  9.016   1.00 35.67 ? 71  THR A O   1 
ATOM   424  C CB  . THR A 1 71  ? -7.993  1.911   6.855   1.00 37.46 ? 71  THR A CB  1 
ATOM   425  O OG1 . THR A 1 71  ? -7.054  2.311   7.858   1.00 38.44 ? 71  THR A OG1 1 
ATOM   426  C CG2 . THR A 1 71  ? -8.669  3.132   6.283   1.00 39.14 ? 71  THR A CG2 1 
ATOM   427  N N   . VAL A 1 72  ? -8.216  -1.181  6.804   1.00 36.35 ? 72  VAL A N   1 
ATOM   428  C CA  . VAL A 1 72  ? -7.414  -2.414  6.853   1.00 36.26 ? 72  VAL A CA  1 
ATOM   429  C C   . VAL A 1 72  ? -6.081  -2.147  6.142   1.00 36.05 ? 72  VAL A C   1 
ATOM   430  O O   . VAL A 1 72  ? -6.043  -1.349  5.197   1.00 34.86 ? 72  VAL A O   1 
ATOM   431  C CB  . VAL A 1 72  ? -8.153  -3.600  6.196   1.00 36.26 ? 72  VAL A CB  1 
ATOM   432  C CG1 . VAL A 1 72  ? -9.214  -4.156  7.146   1.00 36.38 ? 72  VAL A CG1 1 
ATOM   433  C CG2 . VAL A 1 72  ? -8.797  -3.176  4.870   1.00 35.99 ? 72  VAL A CG2 1 
ATOM   434  N N   . PRO A 1 73  ? -4.990  -2.823  6.568   1.00 36.06 ? 73  PRO A N   1 
ATOM   435  C CA  . PRO A 1 73  ? -4.933  -3.902  7.568   1.00 36.31 ? 73  PRO A CA  1 
ATOM   436  C C   . PRO A 1 73  ? -4.704  -3.412  8.987   1.00 35.94 ? 73  PRO A C   1 
ATOM   437  O O   . PRO A 1 73  ? -4.321  -2.272  9.197   1.00 35.81 ? 73  PRO A O   1 
ATOM   438  C CB  . PRO A 1 73  ? -3.718  -4.729  7.113   1.00 36.03 ? 73  PRO A CB  1 
ATOM   439  C CG  . PRO A 1 73  ? -2.783  -3.685  6.566   1.00 36.68 ? 73  PRO A CG  1 
ATOM   440  C CD  . PRO A 1 73  ? -3.680  -2.629  5.910   1.00 35.77 ? 73  PRO A CD  1 
ATOM   441  N N   . VAL A 1 74  ? -4.959  -4.291  9.944   1.00 36.40 ? 74  VAL A N   1 
ATOM   442  C CA  . VAL A 1 74  ? -4.655  -4.059  11.346  1.00 36.55 ? 74  VAL A CA  1 
ATOM   443  C C   . VAL A 1 74  ? -3.942  -5.307  11.864  1.00 37.41 ? 74  VAL A C   1 
ATOM   444  O O   . VAL A 1 74  ? -4.356  -6.434  11.584  1.00 36.72 ? 74  VAL A O   1 
ATOM   445  C CB  . VAL A 1 74  ? -5.925  -3.800  12.201  1.00 37.22 ? 74  VAL A CB  1 
ATOM   446  C CG1 . VAL A 1 74  ? -5.550  -3.526  13.677  1.00 35.45 ? 74  VAL A CG1 1 
ATOM   447  C CG2 . VAL A 1 74  ? -6.765  -2.635  11.630  1.00 36.67 ? 74  VAL A CG2 1 
ATOM   448  N N   . LEU A 1 75  ? -2.870  -5.082  12.616  1.00 38.22 ? 75  LEU A N   1 
ATOM   449  C CA  . LEU A 1 75  ? -2.109  -6.145  13.226  1.00 39.88 ? 75  LEU A CA  1 
ATOM   450  C C   . LEU A 1 75  ? -2.510  -6.227  14.699  1.00 41.06 ? 75  LEU A C   1 
ATOM   451  O O   . LEU A 1 75  ? -2.570  -5.197  15.387  1.00 40.93 ? 75  LEU A O   1 
ATOM   452  C CB  . LEU A 1 75  ? -0.605  -5.854  13.089  1.00 39.34 ? 75  LEU A CB  1 
ATOM   453  C CG  . LEU A 1 75  ? 0.442   -6.742  13.755  1.00 40.54 ? 75  LEU A CG  1 
ATOM   454  C CD1 . LEU A 1 75  ? 0.437   -8.167  13.164  1.00 41.19 ? 75  LEU A CD1 1 
ATOM   455  C CD2 . LEU A 1 75  ? 1.835   -6.094  13.656  1.00 38.31 ? 75  LEU A CD2 1 
ATOM   456  N N   . GLU A 1 76  ? -2.808  -7.443  15.163  1.00 42.50 ? 76  GLU A N   1 
ATOM   457  C CA  . GLU A 1 76  ? -3.080  -7.698  16.590  1.00 43.93 ? 76  GLU A CA  1 
ATOM   458  C C   . GLU A 1 76  ? -1.992  -8.604  17.125  1.00 44.14 ? 76  GLU A C   1 
ATOM   459  O O   . GLU A 1 76  ? -1.794  -9.711  16.621  1.00 44.39 ? 76  GLU A O   1 
ATOM   460  C CB  . GLU A 1 76  ? -4.460  -8.342  16.808  1.00 44.32 ? 76  GLU A CB  1 
ATOM   461  C CG  . GLU A 1 76  ? -4.734  -8.735  18.292  1.00 47.53 ? 76  GLU A CG  1 
ATOM   462  C CD  . GLU A 1 76  ? -6.152  -9.262  18.535  1.00 51.52 ? 76  GLU A CD  1 
ATOM   463  O OE1 . GLU A 1 76  ? -7.116  -8.671  18.000  1.00 50.45 ? 76  GLU A OE1 1 
ATOM   464  O OE2 . GLU A 1 76  ? -6.303  -10.266 19.279  1.00 54.36 ? 76  GLU A OE2 1 
ATOM   465  N N   . LEU A 1 77  ? -1.269  -8.108  18.122  1.00 44.89 ? 77  LEU A N   1 
ATOM   466  C CA  . LEU A 1 77  ? -0.225  -8.873  18.796  1.00 45.86 ? 77  LEU A CA  1 
ATOM   467  C C   . LEU A 1 77  ? -0.849  -9.835  19.791  1.00 46.47 ? 77  LEU A C   1 
ATOM   468  O O   . LEU A 1 77  ? -2.025  -9.676  20.162  1.00 46.47 ? 77  LEU A O   1 
ATOM   469  C CB  . LEU A 1 77  ? 0.747   -7.938  19.528  1.00 45.66 ? 77  LEU A CB  1 
ATOM   470  C CG  . LEU A 1 77  ? 1.436   -6.874  18.669  1.00 46.24 ? 77  LEU A CG  1 
ATOM   471  C CD1 . LEU A 1 77  ? 2.519   -6.131  19.458  1.00 45.91 ? 77  LEU A CD1 1 
ATOM   472  C CD2 . LEU A 1 77  ? 2.000   -7.500  17.361  1.00 46.17 ? 77  LEU A CD2 1 
ATOM   473  N N   . ASP A 1 78  ? -0.057  -10.819 20.227  1.00 47.16 ? 78  ASP A N   1 
ATOM   474  C CA  . ASP A 1 78  ? -0.545  -11.865 21.131  1.00 47.75 ? 78  ASP A CA  1 
ATOM   475  C C   . ASP A 1 78  ? -1.125  -11.324 22.455  1.00 47.83 ? 78  ASP A C   1 
ATOM   476  O O   . ASP A 1 78  ? -2.104  -11.862 22.964  1.00 48.31 ? 78  ASP A O   1 
ATOM   477  C CB  . ASP A 1 78  ? 0.526   -12.937 21.365  1.00 48.23 ? 78  ASP A CB  1 
ATOM   478  C CG  . ASP A 1 78  ? -0.038  -14.189 22.004  0.50 48.60 ? 78  ASP A CG  1 
ATOM   479  O OD1 . ASP A 1 78  ? -0.007  -14.289 23.251  0.50 49.82 ? 78  ASP A OD1 1 
ATOM   480  O OD2 . ASP A 1 78  ? -0.528  -15.065 21.264  0.50 48.63 ? 78  ASP A OD2 1 
ATOM   481  N N   . ASP A 1 79  ? -0.548  -10.251 22.992  1.00 47.88 ? 79  ASP A N   1 
ATOM   482  C CA  . ASP A 1 79  ? -1.042  -9.629  24.232  1.00 48.06 ? 79  ASP A CA  1 
ATOM   483  C C   . ASP A 1 79  ? -2.231  -8.660  24.010  1.00 47.38 ? 79  ASP A C   1 
ATOM   484  O O   . ASP A 1 79  ? -2.547  -7.844  24.891  1.00 47.65 ? 79  ASP A O   1 
ATOM   485  C CB  . ASP A 1 79  ? 0.109   -8.867  24.911  1.00 48.33 ? 79  ASP A CB  1 
ATOM   486  C CG  . ASP A 1 79  ? 0.584   -7.688  24.072  1.00 50.12 ? 79  ASP A CG  1 
ATOM   487  O OD1 . ASP A 1 79  ? -0.003  -7.470  22.980  1.00 51.01 ? 79  ASP A OD1 1 
ATOM   488  O OD2 . ASP A 1 79  ? 1.537   -6.988  24.485  1.00 50.67 ? 79  ASP A OD2 1 
ATOM   489  N N   . GLY A 1 80  ? -2.855  -8.716  22.829  1.00 46.52 ? 80  GLY A N   1 
ATOM   490  C CA  . GLY A 1 80  ? -3.962  -7.812  22.478  1.00 44.62 ? 80  GLY A CA  1 
ATOM   491  C C   . GLY A 1 80  ? -3.614  -6.480  21.814  1.00 43.67 ? 80  GLY A C   1 
ATOM   492  O O   . GLY A 1 80  ? -4.513  -5.824  21.284  1.00 43.12 ? 80  GLY A O   1 
ATOM   493  N N   . THR A 1 81  ? -2.335  -6.078  21.839  1.00 42.42 ? 81  THR A N   1 
ATOM   494  C CA  . THR A 1 81  ? -1.901  -4.804  21.231  1.00 42.19 ? 81  THR A CA  1 
ATOM   495  C C   . THR A 1 81  ? -2.314  -4.697  19.744  1.00 40.44 ? 81  THR A C   1 
ATOM   496  O O   . THR A 1 81  ? -2.171  -5.635  18.975  1.00 39.97 ? 81  THR A O   1 
ATOM   497  C CB  . THR A 1 81  ? -0.377  -4.557  21.341  1.00 42.57 ? 81  THR A CB  1 
ATOM   498  O OG1 . THR A 1 81  ? 0.091   -4.873  22.661  1.00 44.10 ? 81  THR A OG1 1 
ATOM   499  C CG2 . THR A 1 81  ? -0.063  -3.099  21.051  1.00 43.32 ? 81  THR A CG2 1 
ATOM   500  N N   . LEU A 1 82  ? -2.857  -3.552  19.375  1.00 39.05 ? 82  LEU A N   1 
ATOM   501  C CA  . LEU A 1 82  ? -3.323  -3.310  18.020  1.00 38.07 ? 82  LEU A CA  1 
ATOM   502  C C   . LEU A 1 82  ? -2.410  -2.271  17.367  1.00 36.99 ? 82  LEU A C   1 
ATOM   503  O O   . LEU A 1 82  ? -2.167  -1.183  17.920  1.00 36.45 ? 82  LEU A O   1 
ATOM   504  C CB  . LEU A 1 82  ? -4.779  -2.823  18.029  1.00 38.20 ? 82  LEU A CB  1 
ATOM   505  C CG  . LEU A 1 82  ? -5.862  -3.857  18.365  1.00 39.68 ? 82  LEU A CG  1 
ATOM   506  C CD1 . LEU A 1 82  ? -7.168  -3.210  18.895  1.00 40.79 ? 82  LEU A CD1 1 
ATOM   507  C CD2 . LEU A 1 82  ? -6.119  -4.716  17.144  1.00 39.24 ? 82  LEU A CD2 1 
ATOM   508  N N   . ILE A 1 83  ? -1.889  -2.620  16.195  1.00 35.22 ? 83  ILE A N   1 
ATOM   509  C CA  . ILE A 1 83  ? -1.080  -1.676  15.410  1.00 33.36 ? 83  ILE A CA  1 
ATOM   510  C C   . ILE A 1 83  ? -1.723  -1.541  14.036  1.00 32.59 ? 83  ILE A C   1 
ATOM   511  O O   . ILE A 1 83  ? -1.847  -2.532  13.275  1.00 32.55 ? 83  ILE A O   1 
ATOM   512  C CB  . ILE A 1 83  ? 0.392   -2.126  15.324  1.00 33.20 ? 83  ILE A CB  1 
ATOM   513  C CG1 . ILE A 1 83  ? 0.985   -2.152  16.732  1.00 32.50 ? 83  ILE A CG1 1 
ATOM   514  C CG2 . ILE A 1 83  ? 1.191   -1.207  14.416  1.00 31.95 ? 83  ILE A CG2 1 
ATOM   515  C CD1 . ILE A 1 83  ? 2.445   -2.451  16.832  1.00 31.27 ? 83  ILE A CD1 1 
ATOM   516  N N   . ALA A 1 84  ? -2.165  -0.327  13.734  1.00 30.89 ? 84  ALA A N   1 
ATOM   517  C CA  . ALA A 1 84  ? -2.860  -0.068  12.478  1.00 30.20 ? 84  ALA A CA  1 
ATOM   518  C C   . ALA A 1 84  ? -1.979  0.784   11.570  1.00 29.65 ? 84  ALA A C   1 
ATOM   519  O O   . ALA A 1 84  ? -1.020  1.375   12.046  1.00 29.24 ? 84  ALA A O   1 
ATOM   520  C CB  . ALA A 1 84  ? -4.211  0.628   12.736  1.00 29.34 ? 84  ALA A CB  1 
ATOM   521  N N   . GLU A 1 85  ? -2.329  0.858   10.273  1.00 29.90 ? 85  GLU A N   1 
ATOM   522  C CA  . GLU A 1 85  ? -1.604  1.691   9.282   1.00 29.65 ? 85  GLU A CA  1 
ATOM   523  C C   . GLU A 1 85  ? -0.395  0.941   8.696   1.00 29.22 ? 85  GLU A C   1 
ATOM   524  O O   . GLU A 1 85  ? 0.405   0.354   9.432   1.00 29.19 ? 85  GLU A O   1 
ATOM   525  C CB  . GLU A 1 85  ? -1.190  3.052   9.873   1.00 29.56 ? 85  GLU A CB  1 
ATOM   526  C CG  . GLU A 1 85  ? -2.335  3.883   10.487  1.00 31.30 ? 85  GLU A CG  1 
ATOM   527  C CD  . GLU A 1 85  ? -3.435  4.219   9.473   1.00 34.08 ? 85  GLU A CD  1 
ATOM   528  O OE1 . GLU A 1 85  ? -3.079  4.449   8.293   1.00 33.87 ? 85  GLU A OE1 1 
ATOM   529  O OE2 . GLU A 1 85  ? -4.637  4.231   9.854   1.00 33.64 ? 85  GLU A OE2 1 
ATOM   530  N N   . CYS A 1 86  ? -0.290  0.941   7.365   1.00 28.65 ? 86  CYS A N   1 
ATOM   531  C CA  . CYS A 1 86  ? 0.730   0.160   6.654   1.00 27.82 ? 86  CYS A CA  1 
ATOM   532  C C   . CYS A 1 86  ? 2.162   0.491   7.031   1.00 26.96 ? 86  CYS A C   1 
ATOM   533  O O   . CYS A 1 86  ? 2.965   -0.417  7.236   1.00 26.77 ? 86  CYS A O   1 
ATOM   534  C CB  . CYS A 1 86  ? 0.535   0.280   5.148   1.00 27.52 ? 86  CYS A CB  1 
ATOM   535  S SG  . CYS A 1 86  ? -1.054  -0.352  4.680   1.00 28.51 ? 86  CYS A SG  1 
ATOM   536  N N   . THR A 1 87  ? 2.479   1.782   7.136   1.00 26.89 ? 87  THR A N   1 
ATOM   537  C CA  . THR A 1 87  ? 3.807   2.215   7.531   1.00 26.98 ? 87  THR A CA  1 
ATOM   538  C C   . THR A 1 87  ? 4.192   1.728   8.948   1.00 28.16 ? 87  THR A C   1 
ATOM   539  O O   . THR A 1 87  ? 5.332   1.231   9.139   1.00 27.31 ? 87  THR A O   1 
ATOM   540  C CB  . THR A 1 87  ? 3.970   3.734   7.439   1.00 27.12 ? 87  THR A CB  1 
ATOM   541  O OG1 . THR A 1 87  ? 3.783   4.136   6.084   1.00 26.98 ? 87  THR A OG1 1 
ATOM   542  C CG2 . THR A 1 87  ? 5.364   4.161   7.881   1.00 26.89 ? 87  THR A CG2 1 
ATOM   543  N N   . ALA A 1 88  ? 3.257   1.856   9.913   1.00 27.31 ? 88  ALA A N   1 
ATOM   544  C CA  . ALA A 1 88  ? 3.507   1.427   11.304  1.00 27.33 ? 88  ALA A CA  1 
ATOM   545  C C   . ALA A 1 88  ? 3.693   -0.080  11.419  1.00 27.63 ? 88  ALA A C   1 
ATOM   546  O O   . ALA A 1 88  ? 4.598   -0.539  12.142  1.00 28.02 ? 88  ALA A O   1 
ATOM   547  C CB  . ALA A 1 88  ? 2.393   1.872   12.226  1.00 26.63 ? 88  ALA A CB  1 
ATOM   548  N N   . ILE A 1 89  ? 2.857   -0.835  10.707  1.00 27.10 ? 89  ILE A N   1 
ATOM   549  C CA  . ILE A 1 89  ? 2.948   -2.299  10.714  1.00 27.72 ? 89  ILE A CA  1 
ATOM   550  C C   . ILE A 1 89  ? 4.261   -2.778  10.093  1.00 28.43 ? 89  ILE A C   1 
ATOM   551  O O   . ILE A 1 89  ? 4.891   -3.703  10.612  1.00 29.66 ? 89  ILE A O   1 
ATOM   552  C CB  . ILE A 1 89  ? 1.727   -2.983  10.037  1.00 27.08 ? 89  ILE A CB  1 
ATOM   553  C CG1 . ILE A 1 89  ? 0.441   -2.723  10.838  1.00 26.00 ? 89  ILE A CG1 1 
ATOM   554  C CG2 . ILE A 1 89  ? 1.949   -4.512  9.887   1.00 27.03 ? 89  ILE A CG2 1 
ATOM   555  C CD1 . ILE A 1 89  ? -0.845  -3.035  10.056  1.00 21.44 ? 89  ILE A CD1 1 
ATOM   556  N N   . THR A 1 90  ? 4.648   -2.164  8.975   1.00 28.80 ? 90  THR A N   1 
ATOM   557  C CA  . THR A 1 90  ? 5.894   -2.483  8.284   1.00 29.07 ? 90  THR A CA  1 
ATOM   558  C C   . THR A 1 90  ? 7.084   -2.174  9.193   1.00 30.14 ? 90  THR A C   1 
ATOM   559  O O   . THR A 1 90  ? 8.033   -2.957  9.268   1.00 29.42 ? 90  THR A O   1 
ATOM   560  C CB  . THR A 1 90  ? 6.038   -1.691  6.940   1.00 28.88 ? 90  THR A CB  1 
ATOM   561  O OG1 . THR A 1 90  ? 4.890   -1.909  6.110   1.00 27.58 ? 90  THR A OG1 1 
ATOM   562  C CG2 . THR A 1 90  ? 7.291   -2.100  6.182   1.00 29.17 ? 90  THR A CG2 1 
ATOM   563  N N   . GLU A 1 91  ? 7.042   -1.029  9.874   1.00 31.60 ? 91  GLU A N   1 
ATOM   564  C CA  . GLU A 1 91  ? 8.109   -0.658  10.794  1.00 33.45 ? 91  GLU A CA  1 
ATOM   565  C C   . GLU A 1 91  ? 8.221   -1.667  11.963  1.00 34.54 ? 91  GLU A C   1 
ATOM   566  O O   . GLU A 1 91  ? 9.336   -2.031  12.389  1.00 34.01 ? 91  GLU A O   1 
ATOM   567  C CB  . GLU A 1 91  ? 7.915   0.796   11.232  1.00 34.51 ? 91  GLU A CB  1 
ATOM   568  C CG  . GLU A 1 91  ? 9.073   1.456   11.987  1.00 38.95 ? 91  GLU A CG  1 
ATOM   569  C CD  . GLU A 1 91  ? 10.298  1.862   11.137  1.00 41.39 ? 91  GLU A CD  1 
ATOM   570  O OE1 . GLU A 1 91  ? 10.186  2.561   10.110  1.00 39.07 ? 91  GLU A OE1 1 
ATOM   571  O OE2 . GLU A 1 91  ? 11.418  1.523   11.574  1.00 48.00 ? 91  GLU A OE2 1 
ATOM   572  N N   . TYR A 1 92  ? 7.073   -2.156  12.445  1.00 35.24 ? 92  TYR A N   1 
ATOM   573  C CA  . TYR A 1 92  ? 7.047   -3.138  13.515  1.00 36.20 ? 92  TYR A CA  1 
ATOM   574  C C   . TYR A 1 92  ? 7.692   -4.464  13.073  1.00 36.55 ? 92  TYR A C   1 
ATOM   575  O O   . TYR A 1 92  ? 8.625   -4.936  13.712  1.00 36.32 ? 92  TYR A O   1 
ATOM   576  C CB  . TYR A 1 92  ? 5.612   -3.398  14.005  1.00 36.20 ? 92  TYR A CB  1 
ATOM   577  C CG  . TYR A 1 92  ? 5.549   -4.490  15.057  1.00 38.51 ? 92  TYR A CG  1 
ATOM   578  C CD1 . TYR A 1 92  ? 5.777   -4.203  16.405  1.00 39.51 ? 92  TYR A CD1 1 
ATOM   579  C CD2 . TYR A 1 92  ? 5.272   -5.809  14.702  1.00 40.28 ? 92  TYR A CD2 1 
ATOM   580  C CE1 . TYR A 1 92  ? 5.739   -5.199  17.371  1.00 40.46 ? 92  TYR A CE1 1 
ATOM   581  C CE2 . TYR A 1 92  ? 5.232   -6.821  15.661  1.00 41.78 ? 92  TYR A CE2 1 
ATOM   582  C CZ  . TYR A 1 92  ? 5.471   -6.507  16.991  1.00 42.44 ? 92  TYR A CZ  1 
ATOM   583  O OH  . TYR A 1 92  ? 5.432   -7.511  17.940  1.00 44.95 ? 92  TYR A OH  1 
ATOM   584  N N   . ILE A 1 93  ? 7.179   -5.058  11.996  1.00 36.75 ? 93  ILE A N   1 
ATOM   585  C CA  . ILE A 1 93  ? 7.672   -6.349  11.533  1.00 37.65 ? 93  ILE A CA  1 
ATOM   586  C C   . ILE A 1 93  ? 9.122   -6.305  11.034  1.00 38.41 ? 93  ILE A C   1 
ATOM   587  O O   . ILE A 1 93  ? 9.877   -7.239  11.282  1.00 38.94 ? 93  ILE A O   1 
ATOM   588  C CB  . ILE A 1 93  ? 6.734   -7.004  10.487  1.00 38.03 ? 93  ILE A CB  1 
ATOM   589  C CG1 . ILE A 1 93  ? 6.667   -6.184  9.196   1.00 38.62 ? 93  ILE A CG1 1 
ATOM   590  C CG2 . ILE A 1 93  ? 5.341   -7.193  11.064  1.00 36.75 ? 93  ILE A CG2 1 
ATOM   591  C CD1 . ILE A 1 93  ? 6.389   -7.055  7.974   1.00 39.70 ? 93  ILE A CD1 1 
ATOM   592  N N   . ASP A 1 94  ? 9.525   -5.221  10.371  1.00 38.50 ? 94  ASP A N   1 
ATOM   593  C CA  . ASP A 1 94  ? 10.928  -5.063  9.937   1.00 39.44 ? 94  ASP A CA  1 
ATOM   594  C C   . ASP A 1 94  ? 11.960  -5.075  11.080  1.00 40.95 ? 94  ASP A C   1 
ATOM   595  O O   . ASP A 1 94  ? 13.143  -5.404  10.871  1.00 41.57 ? 94  ASP A O   1 
ATOM   596  C CB  . ASP A 1 94  ? 11.110  -3.773  9.124   1.00 38.11 ? 94  ASP A CB  1 
ATOM   597  C CG  . ASP A 1 94  ? 12.313  -3.826  8.175   1.00 36.10 ? 94  ASP A CG  1 
ATOM   598  O OD1 . ASP A 1 94  ? 12.636  -4.903  7.624   1.00 32.85 ? 94  ASP A OD1 1 
ATOM   599  O OD2 . ASP A 1 94  ? 12.919  -2.767  7.943   1.00 33.13 ? 94  ASP A OD2 1 
ATOM   600  N N   . ALA A 1 95  ? 11.520  -4.662  12.264  1.00 42.20 ? 95  ALA A N   1 
ATOM   601  C CA  . ALA A 1 95  ? 12.402  -4.454  13.401  1.00 43.26 ? 95  ALA A CA  1 
ATOM   602  C C   . ALA A 1 95  ? 12.498  -5.710  14.269  1.00 44.56 ? 95  ALA A C   1 
ATOM   603  O O   . ALA A 1 95  ? 13.401  -5.813  15.104  1.00 44.48 ? 95  ALA A O   1 
ATOM   604  C CB  . ALA A 1 95  ? 11.902  -3.293  14.222  1.00 42.53 ? 95  ALA A CB  1 
ATOM   605  N N   . LEU A 1 96  ? 11.562  -6.638  14.045  1.00 46.02 ? 96  LEU A N   1 
ATOM   606  C CA  . LEU A 1 96  ? 11.377  -7.864  14.829  1.00 48.07 ? 96  LEU A CA  1 
ATOM   607  C C   . LEU A 1 96  ? 12.595  -8.767  14.903  1.00 49.31 ? 96  LEU A C   1 
ATOM   608  O O   . LEU A 1 96  ? 13.027  -9.146  15.998  1.00 49.77 ? 96  LEU A O   1 
ATOM   609  C CB  . LEU A 1 96  ? 10.196  -8.682  14.297  1.00 47.70 ? 96  LEU A CB  1 
ATOM   610  C CG  . LEU A 1 96  ? 8.831   -8.513  14.977  1.00 48.46 ? 96  LEU A CG  1 
ATOM   611  C CD1 . LEU A 1 96  ? 7.874   -9.645  14.563  1.00 47.17 ? 96  LEU A CD1 1 
ATOM   612  C CD2 . LEU A 1 96  ? 8.939   -8.414  16.517  1.00 48.87 ? 96  LEU A CD2 1 
ATOM   613  N N   . ASP A 1 97  ? 13.137  -9.120  13.741  1.00 50.69 ? 97  ASP A N   1 
ATOM   614  C CA  . ASP A 1 97  ? 14.333  -9.951  13.693  1.00 51.54 ? 97  ASP A CA  1 
ATOM   615  C C   . ASP A 1 97  ? 15.631  -9.154  13.925  1.00 51.85 ? 97  ASP A C   1 
ATOM   616  O O   . ASP A 1 97  ? 16.727  -9.702  13.790  1.00 52.62 ? 97  ASP A O   1 
ATOM   617  C CB  . ASP A 1 97  ? 14.376  -10.762 12.386  1.00 51.85 ? 97  ASP A CB  1 
ATOM   618  C CG  . ASP A 1 97  ? 14.614  -9.892  11.135  1.00 53.33 ? 97  ASP A CG  1 
ATOM   619  O OD1 . ASP A 1 97  ? 14.879  -8.661  11.248  1.00 54.72 ? 97  ASP A OD1 1 
ATOM   620  O OD2 . ASP A 1 97  ? 14.534  -10.466 10.022  1.00 52.82 ? 97  ASP A OD2 1 
ATOM   621  N N   . GLY A 1 98  ? 15.512  -7.872  14.279  1.00 51.58 ? 98  GLY A N   1 
ATOM   622  C CA  . GLY A 1 98  ? 16.682  -7.023  14.571  1.00 50.77 ? 98  GLY A CA  1 
ATOM   623  C C   . GLY A 1 98  ? 17.520  -6.613  13.361  1.00 50.68 ? 98  GLY A C   1 
ATOM   624  O O   . GLY A 1 98  ? 18.480  -5.826  13.483  1.00 50.81 ? 98  GLY A O   1 
ATOM   625  N N   . THR A 1 99  ? 17.175  -7.130  12.186  1.00 49.89 ? 99  THR A N   1 
ATOM   626  C CA  . THR A 1 99  ? 17.909  -6.760  10.986  1.00 49.75 ? 99  THR A CA  1 
ATOM   627  C C   . THR A 1 99  ? 16.989  -6.192  9.885   1.00 48.55 ? 99  THR A C   1 
ATOM   628  O O   . THR A 1 99  ? 16.486  -6.932  9.022   1.00 49.09 ? 99  THR A O   1 
ATOM   629  C CB  . THR A 1 99  ? 18.870  -7.900  10.525  1.00 50.03 ? 99  THR A CB  1 
ATOM   630  O OG1 . THR A 1 99  ? 19.440  -7.590  9.243   1.00 51.58 ? 99  THR A OG1 1 
ATOM   631  C CG2 . THR A 1 99  ? 18.159  -9.236  10.479  1.00 50.99 ? 99  THR A CG2 1 
ATOM   632  N N   . PRO A 1 100 ? 16.758  -4.863  9.926   1.00 47.32 ? 100 PRO A N   1 
ATOM   633  C CA  . PRO A 1 100 ? 15.776  -4.189  9.043   1.00 46.08 ? 100 PRO A CA  1 
ATOM   634  C C   . PRO A 1 100 ? 16.186  -4.195  7.578   1.00 44.40 ? 100 PRO A C   1 
ATOM   635  O O   . PRO A 1 100 ? 17.269  -3.714  7.239   1.00 44.73 ? 100 PRO A O   1 
ATOM   636  C CB  . PRO A 1 100 ? 15.759  -2.751  9.569   1.00 46.13 ? 100 PRO A CB  1 
ATOM   637  C CG  . PRO A 1 100 ? 17.102  -2.573  10.242  1.00 46.88 ? 100 PRO A CG  1 
ATOM   638  C CD  . PRO A 1 100 ? 17.416  -3.912  10.844  1.00 46.94 ? 100 PRO A CD  1 
ATOM   639  N N   . THR A 1 101 ? 15.329  -4.732  6.719   1.00 42.27 ? 101 THR A N   1 
ATOM   640  C CA  . THR A 1 101 ? 15.639  -4.784  5.290   1.00 40.72 ? 101 THR A CA  1 
ATOM   641  C C   . THR A 1 101 ? 14.729  -3.892  4.432   1.00 40.02 ? 101 THR A C   1 
ATOM   642  O O   . THR A 1 101 ? 14.984  -3.707  3.225   1.00 39.83 ? 101 THR A O   1 
ATOM   643  C CB  . THR A 1 101 ? 15.599  -6.223  4.745   1.00 40.79 ? 101 THR A CB  1 
ATOM   644  O OG1 . THR A 1 101 ? 14.305  -6.803  4.982   1.00 41.45 ? 101 THR A OG1 1 
ATOM   645  C CG2 . THR A 1 101 ? 16.707  -7.096  5.390   1.00 40.23 ? 101 THR A CG2 1 
ATOM   646  N N   . LEU A 1 102 ? 13.680  -3.339  5.053   1.00 37.99 ? 102 LEU A N   1 
ATOM   647  C CA  . LEU A 1 102 ? 12.675  -2.545  4.329   1.00 36.40 ? 102 LEU A CA  1 
ATOM   648  C C   . LEU A 1 102 ? 12.616  -1.095  4.734   1.00 35.43 ? 102 LEU A C   1 
ATOM   649  O O   . LEU A 1 102 ? 12.181  -0.265  3.938   1.00 35.97 ? 102 LEU A O   1 
ATOM   650  C CB  . LEU A 1 102 ? 11.287  -3.163  4.487   1.00 36.00 ? 102 LEU A CB  1 
ATOM   651  C CG  . LEU A 1 102 ? 11.200  -4.613  4.033   1.00 35.17 ? 102 LEU A CG  1 
ATOM   652  C CD1 . LEU A 1 102 ? 9.904   -5.270  4.534   1.00 33.72 ? 102 LEU A CD1 1 
ATOM   653  C CD2 . LEU A 1 102 ? 11.334  -4.700  2.512   1.00 33.33 ? 102 LEU A CD2 1 
ATOM   654  N N   . THR A 1 103 ? 13.053  -0.783  5.959   1.00 34.34 ? 103 THR A N   1 
ATOM   655  C CA  . THR A 1 103 ? 12.831  0.544   6.544   1.00 32.72 ? 103 THR A CA  1 
ATOM   656  C C   . THR A 1 103 ? 14.112  1.334   6.792   1.00 33.27 ? 103 THR A C   1 
ATOM   657  O O   . THR A 1 103 ? 14.043  2.519   7.147   1.00 32.59 ? 103 THR A O   1 
ATOM   658  C CB  . THR A 1 103 ? 11.993  0.487   7.860   1.00 32.49 ? 103 THR A CB  1 
ATOM   659  O OG1 . THR A 1 103 ? 12.667  -0.312  8.847   1.00 31.27 ? 103 THR A OG1 1 
ATOM   660  C CG2 . THR A 1 103 ? 10.618  -0.090  7.620   1.00 30.82 ? 103 THR A CG2 1 
ATOM   661  N N   . GLY A 1 104 ? 15.276  0.696   6.598   1.00 33.47 ? 104 GLY A N   1 
ATOM   662  C CA  . GLY A 1 104 ? 16.558  1.411   6.650   1.00 34.65 ? 104 GLY A CA  1 
ATOM   663  C C   . GLY A 1 104 ? 17.418  1.167   7.878   1.00 36.25 ? 104 GLY A C   1 
ATOM   664  O O   . GLY A 1 104 ? 16.919  1.110   9.001   1.00 35.92 ? 104 GLY A O   1 
ATOM   665  N N   . LYS A 1 105 ? 18.726  1.025   7.655   1.00 37.87 ? 105 LYS A N   1 
ATOM   666  C CA  . LYS A 1 105 ? 19.690  0.819   8.738   1.00 39.22 ? 105 LYS A CA  1 
ATOM   667  C C   . LYS A 1 105 ? 20.270  2.140   9.217   1.00 39.12 ? 105 LYS A C   1 
ATOM   668  O O   . LYS A 1 105 ? 20.236  2.450   10.422  1.00 40.46 ? 105 LYS A O   1 
ATOM   669  C CB  . LYS A 1 105 ? 20.818  -0.099  8.269   1.00 40.52 ? 105 LYS A CB  1 
ATOM   670  C CG  . LYS A 1 105 ? 20.343  -1.413  7.628   1.00 44.42 ? 105 LYS A CG  1 
ATOM   671  C CD  . LYS A 1 105 ? 21.457  -2.072  6.776   1.00 50.11 ? 105 LYS A CD  1 
ATOM   672  C CE  . LYS A 1 105 ? 21.005  -3.411  6.153   1.00 53.16 ? 105 LYS A CE  1 
ATOM   673  N NZ  . LYS A 1 105 ? 22.146  -4.110  5.456   1.00 54.14 ? 105 LYS A NZ  1 
ATOM   674  N N   . THR A 1 106 ? 20.799  2.924   8.287   1.00 37.78 ? 106 THR A N   1 
ATOM   675  C CA  . THR A 1 106 ? 21.480  4.161   8.626   1.00 36.74 ? 106 THR A CA  1 
ATOM   676  C C   . THR A 1 106 ? 20.468  5.321   8.739   1.00 36.45 ? 106 THR A C   1 
ATOM   677  O O   . THR A 1 106 ? 19.339  5.194   8.249   1.00 36.32 ? 106 THR A O   1 
ATOM   678  C CB  . THR A 1 106 ? 22.504  4.532   7.536   1.00 36.96 ? 106 THR A CB  1 
ATOM   679  O OG1 . THR A 1 106 ? 21.806  4.756   6.304   1.00 37.01 ? 106 THR A OG1 1 
ATOM   680  C CG2 . THR A 1 106 ? 23.593  3.410   7.349   1.00 35.66 ? 106 THR A CG2 1 
ATOM   681  N N   . PRO A 1 107 ? 20.875  6.455   9.356   1.00 35.40 ? 107 PRO A N   1 
ATOM   682  C CA  . PRO A 1 107 ? 20.000  7.621   9.384   1.00 35.73 ? 107 PRO A CA  1 
ATOM   683  C C   . PRO A 1 107 ? 19.576  8.080   7.982   1.00 35.82 ? 107 PRO A C   1 
ATOM   684  O O   . PRO A 1 107 ? 18.411  8.459   7.783   1.00 34.57 ? 107 PRO A O   1 
ATOM   685  C CB  . PRO A 1 107 ? 20.870  8.694   10.044  1.00 35.34 ? 107 PRO A CB  1 
ATOM   686  C CG  . PRO A 1 107 ? 21.781  7.921   10.939  1.00 35.18 ? 107 PRO A CG  1 
ATOM   687  C CD  . PRO A 1 107 ? 22.056  6.637   10.230  1.00 35.25 ? 107 PRO A CD  1 
ATOM   688  N N   . LEU A 1 108 ? 20.510  8.039   7.028   1.00 35.48 ? 108 LEU A N   1 
ATOM   689  C CA  . LEU A 1 108 ? 20.211  8.419   5.651   1.00 35.59 ? 108 LEU A CA  1 
ATOM   690  C C   . LEU A 1 108 ? 19.123  7.528   5.051   1.00 35.17 ? 108 LEU A C   1 
ATOM   691  O O   . LEU A 1 108 ? 18.174  8.038   4.470   1.00 35.31 ? 108 LEU A O   1 
ATOM   692  C CB  . LEU A 1 108 ? 21.479  8.355   4.781   1.00 36.65 ? 108 LEU A CB  1 
ATOM   693  C CG  . LEU A 1 108 ? 21.351  8.603   3.266   1.00 37.70 ? 108 LEU A CG  1 
ATOM   694  C CD1 . LEU A 1 108 ? 20.661  9.926   2.987   1.00 39.94 ? 108 LEU A CD1 1 
ATOM   695  C CD2 . LEU A 1 108 ? 22.743  8.594   2.608   1.00 39.69 ? 108 LEU A CD2 1 
ATOM   696  N N   . GLU A 1 109 ? 19.293  6.209   5.184   1.00 33.99 ? 109 GLU A N   1 
ATOM   697  C CA  . GLU A 1 109 ? 18.395  5.227   4.608   1.00 33.62 ? 109 GLU A CA  1 
ATOM   698  C C   . GLU A 1 109 ? 16.976  5.364   5.161   1.00 33.07 ? 109 GLU A C   1 
ATOM   699  O O   . GLU A 1 109 ? 15.999  5.218   4.427   1.00 32.41 ? 109 GLU A O   1 
ATOM   700  C CB  . GLU A 1 109 ? 18.892  3.797   4.880   1.00 33.49 ? 109 GLU A CB  1 
ATOM   701  C CG  . GLU A 1 109 ? 20.023  3.300   3.957   1.00 37.31 ? 109 GLU A CG  1 
ATOM   702  C CD  . GLU A 1 109 ? 20.660  1.970   4.406   1.00 40.50 ? 109 GLU A CD  1 
ATOM   703  O OE1 . GLU A 1 109 ? 20.263  1.392   5.452   1.00 40.23 ? 109 GLU A OE1 1 
ATOM   704  O OE2 . GLU A 1 109 ? 21.582  1.499   3.696   1.00 42.45 ? 109 GLU A OE2 1 
ATOM   705  N N   . LYS A 1 110 ? 16.876  5.598   6.463   1.00 31.79 ? 110 LYS A N   1 
ATOM   706  C CA  . LYS A 1 110 ? 15.589  5.721   7.109   1.00 31.77 ? 110 LYS A CA  1 
ATOM   707  C C   . LYS A 1 110 ? 14.927  7.001   6.573   1.00 31.16 ? 110 LYS A C   1 
ATOM   708  O O   . LYS A 1 110 ? 13.765  6.991   6.208   1.00 31.20 ? 110 LYS A O   1 
ATOM   709  C CB  . LYS A 1 110 ? 15.761  5.800   8.634   1.00 30.80 ? 110 LYS A CB  1 
ATOM   710  C CG  . LYS A 1 110 ? 16.177  4.490   9.305   1.00 32.20 ? 110 LYS A CG  1 
ATOM   711  C CD  . LYS A 1 110 ? 16.622  4.755   10.749  1.00 33.36 ? 110 LYS A CD  1 
ATOM   712  C CE  . LYS A 1 110 ? 16.786  3.446   11.524  1.00 37.88 ? 110 LYS A CE  1 
ATOM   713  N NZ  . LYS A 1 110 ? 17.505  3.667   12.821  0.50 36.06 ? 110 LYS A NZ  1 
ATOM   714  N N   . GLY A 1 111 ? 15.680  8.093   6.557   1.00 30.32 ? 111 GLY A N   1 
ATOM   715  C CA  . GLY A 1 111 ? 15.211  9.339   6.009   1.00 30.54 ? 111 GLY A CA  1 
ATOM   716  C C   . GLY A 1 111 ? 14.725  9.202   4.566   1.00 29.80 ? 111 GLY A C   1 
ATOM   717  O O   . GLY A 1 111 ? 13.620  9.631   4.255   1.00 30.08 ? 111 GLY A O   1 
ATOM   718  N N   . VAL A 1 112 ? 15.533  8.610   3.684   1.00 28.40 ? 112 VAL A N   1 
ATOM   719  C CA  . VAL A 1 112 ? 15.165  8.530   2.253   1.00 27.34 ? 112 VAL A CA  1 
ATOM   720  C C   . VAL A 1 112 ? 14.028  7.540   1.973   1.00 26.51 ? 112 VAL A C   1 
ATOM   721  O O   . VAL A 1 112 ? 13.151  7.794   1.137   1.00 26.44 ? 112 VAL A O   1 
ATOM   722  C CB  . VAL A 1 112 ? 16.399  8.177   1.348   1.00 27.90 ? 112 VAL A CB  1 
ATOM   723  C CG1 . VAL A 1 112 ? 16.015  8.265   -0.135  1.00 28.80 ? 112 VAL A CG1 1 
ATOM   724  C CG2 . VAL A 1 112 ? 17.543  9.135   1.615   1.00 26.41 ? 112 VAL A CG2 1 
ATOM   725  N N   . ILE A 1 113 ? 14.055  6.396   2.637   1.00 24.72 ? 113 ILE A N   1 
ATOM   726  C CA  . ILE A 1 113 ? 12.976  5.454   2.481   1.00 24.55 ? 113 ILE A CA  1 
ATOM   727  C C   . ILE A 1 113 ? 11.629  6.019   2.992   1.00 24.65 ? 113 ILE A C   1 
ATOM   728  O O   . ILE A 1 113 ? 10.610  5.852   2.324   1.00 23.06 ? 113 ILE A O   1 
ATOM   729  C CB  . ILE A 1 113 ? 13.285  4.136   3.178   1.00 24.60 ? 113 ILE A CB  1 
ATOM   730  C CG1 . ILE A 1 113 ? 14.513  3.494   2.499   1.00 25.80 ? 113 ILE A CG1 1 
ATOM   731  C CG2 . ILE A 1 113 ? 12.084  3.213   3.131   1.00 23.44 ? 113 ILE A CG2 1 
ATOM   732  C CD1 . ILE A 1 113 ? 15.066  2.200   3.252   1.00 26.31 ? 113 ILE A CD1 1 
ATOM   733  N N   . HIS A 1 114 ? 11.635  6.685   4.152   1.00 24.13 ? 114 HIS A N   1 
ATOM   734  C CA  . HIS A 1 114 ? 10.400  7.327   4.652   1.00 25.22 ? 114 HIS A CA  1 
ATOM   735  C C   . HIS A 1 114 ? 9.921   8.483   3.747   1.00 25.23 ? 114 HIS A C   1 
ATOM   736  O O   . HIS A 1 114 ? 8.728   8.645   3.555   1.00 24.97 ? 114 HIS A O   1 
ATOM   737  C CB  . HIS A 1 114 ? 10.532  7.784   6.114   1.00 24.63 ? 114 HIS A CB  1 
ATOM   738  C CG  . HIS A 1 114 ? 10.211  6.703   7.097   1.00 27.25 ? 114 HIS A CG  1 
ATOM   739  N ND1 . HIS A 1 114 ? 8.913   6.350   7.416   1.00 27.70 ? 114 HIS A ND1 1 
ATOM   740  C CD2 . HIS A 1 114 ? 11.012  5.856   7.788   1.00 27.17 ? 114 HIS A CD2 1 
ATOM   741  C CE1 . HIS A 1 114 ? 8.930   5.352   8.284   1.00 29.91 ? 114 HIS A CE1 1 
ATOM   742  N NE2 . HIS A 1 114 ? 10.190  5.052   8.549   1.00 29.31 ? 114 HIS A NE2 1 
ATOM   743  N N   . MET A 1 115 ? 10.837  9.268   3.190   1.00 25.03 ? 115 MET A N   1 
ATOM   744  C CA  . MET A 1 115 ? 10.417  10.342  2.271   1.00 26.48 ? 115 MET A CA  1 
ATOM   745  C C   . MET A 1 115 ? 9.703   9.756   1.060   1.00 26.40 ? 115 MET A C   1 
ATOM   746  O O   . MET A 1 115 ? 8.578   10.160  0.733   1.00 25.89 ? 115 MET A O   1 
ATOM   747  C CB  . MET A 1 115 ? 11.601  11.190  1.814   1.00 26.67 ? 115 MET A CB  1 
ATOM   748  C CG  . MET A 1 115 ? 11.345  11.932  0.505   1.00 28.48 ? 115 MET A CG  1 
ATOM   749  S SD  . MET A 1 115 ? 12.760  12.929  0.005   1.00 29.97 ? 115 MET A SD  1 
ATOM   750  C CE  . MET A 1 115 ? 12.996  12.396  -1.664  1.00 39.13 ? 115 MET A CE  1 
ATOM   751  N N   . MET A 1 116 ? 10.340  8.761   0.437   1.00 26.10 ? 116 MET A N   1 
ATOM   752  C CA  . MET A 1 116 ? 9.810   8.174   -0.793  1.00 25.91 ? 116 MET A CA  1 
ATOM   753  C C   . MET A 1 116 ? 8.533   7.385   -0.502  1.00 25.44 ? 116 MET A C   1 
ATOM   754  O O   . MET A 1 116 ? 7.641   7.331   -1.332  1.00 25.25 ? 116 MET A O   1 
ATOM   755  C CB  . MET A 1 116 ? 10.870  7.275   -1.474  1.00 25.96 ? 116 MET A CB  1 
ATOM   756  C CG  . MET A 1 116 ? 12.154  8.015   -1.905  1.00 25.37 ? 116 MET A CG  1 
ATOM   757  S SD  . MET A 1 116 ? 11.871  9.514   -2.871  1.00 28.76 ? 116 MET A SD  1 
ATOM   758  C CE  . MET A 1 116 ? 10.787  8.931   -4.137  1.00 27.49 ? 116 MET A CE  1 
ATOM   759  N N   . ASN A 1 117 ? 8.477   6.743   0.660   1.00 24.70 ? 117 ASN A N   1 
ATOM   760  C CA  . ASN A 1 117 ? 7.286   6.023   1.089   1.00 24.60 ? 117 ASN A CA  1 
ATOM   761  C C   . ASN A 1 117 ? 6.095   6.990   1.255   1.00 23.73 ? 117 ASN A C   1 
ATOM   762  O O   . ASN A 1 117 ? 5.020   6.733   0.756   1.00 23.05 ? 117 ASN A O   1 
ATOM   763  C CB  . ASN A 1 117 ? 7.556   5.272   2.397   1.00 24.40 ? 117 ASN A CB  1 
ATOM   764  C CG  . ASN A 1 117 ? 6.313   4.547   2.916   1.00 27.12 ? 117 ASN A CG  1 
ATOM   765  O OD1 . ASN A 1 117 ? 5.825   3.616   2.293   1.00 25.96 ? 117 ASN A OD1 1 
ATOM   766  N ND2 . ASN A 1 117 ? 5.818   4.968   4.083   1.00 30.52 ? 117 ASN A ND2 1 
ATOM   767  N N   . LYS A 1 118 ? 6.330   8.126   1.912   1.00 23.89 ? 118 LYS A N   1 
ATOM   768  C CA  . LYS A 1 118 ? 5.311   9.149   2.136   1.00 24.20 ? 118 LYS A CA  1 
ATOM   769  C C   . LYS A 1 118 ? 4.870   9.802   0.823   1.00 24.65 ? 118 LYS A C   1 
ATOM   770  O O   . LYS A 1 118 ? 3.689   10.022  0.598   1.00 24.93 ? 118 LYS A O   1 
ATOM   771  C CB  . LYS A 1 118 ? 5.855   10.238  3.063   1.00 23.34 ? 118 LYS A CB  1 
ATOM   772  C CG  . LYS A 1 118 ? 4.837   11.347  3.391   1.00 26.39 ? 118 LYS A CG  1 
ATOM   773  C CD  . LYS A 1 118 ? 3.830   10.889  4.431   1.00 30.92 ? 118 LYS A CD  1 
ATOM   774  C CE  . LYS A 1 118 ? 2.501   11.679  4.439   1.00 32.18 ? 118 LYS A CE  1 
ATOM   775  N NZ  . LYS A 1 118 ? 2.773   13.135  4.520   1.00 38.58 ? 118 LYS A NZ  1 
ATOM   776  N N   . ARG A 1 119 ? 5.842   10.103  -0.033  1.00 24.75 ? 119 ARG A N   1 
ATOM   777  C CA  . ARG A 1 119 ? 5.586   10.614  -1.363  1.00 25.81 ? 119 ARG A CA  1 
ATOM   778  C C   . ARG A 1 119 ? 4.785   9.632   -2.259  1.00 25.45 ? 119 ARG A C   1 
ATOM   779  O O   . ARG A 1 119 ? 3.900   10.072  -2.987  1.00 26.12 ? 119 ARG A O   1 
ATOM   780  C CB  . ARG A 1 119 ? 6.900   10.996  -2.011  1.00 25.87 ? 119 ARG A CB  1 
ATOM   781  C CG  . ARG A 1 119 ? 6.758   11.818  -3.233  1.00 27.67 ? 119 ARG A CG  1 
ATOM   782  C CD  . ARG A 1 119 ? 8.147   12.301  -3.611  1.00 31.65 ? 119 ARG A CD  1 
ATOM   783  N NE  . ARG A 1 119 ? 8.575   13.394  -2.744  1.00 32.16 ? 119 ARG A NE  1 
ATOM   784  C CZ  . ARG A 1 119 ? 9.819   13.849  -2.676  1.00 32.50 ? 119 ARG A CZ  1 
ATOM   785  N NH1 . ARG A 1 119 ? 10.776  13.306  -3.424  1.00 32.64 ? 119 ARG A NH1 1 
ATOM   786  N NH2 . ARG A 1 119 ? 10.089  14.861  -1.874  1.00 30.71 ? 119 ARG A NH2 1 
ATOM   787  N N   . ALA A 1 120 ? 5.077   8.329   -2.193  1.00 23.58 ? 120 ALA A N   1 
ATOM   788  C CA  . ALA A 1 120 ? 4.266   7.337   -2.888  1.00 23.30 ? 120 ALA A CA  1 
ATOM   789  C C   . ALA A 1 120 ? 2.822   7.302   -2.365  1.00 22.93 ? 120 ALA A C   1 
ATOM   790  O O   . ALA A 1 120 ? 1.882   7.120   -3.139  1.00 22.88 ? 120 ALA A O   1 
ATOM   791  C CB  . ALA A 1 120 ? 4.911   5.917   -2.780  1.00 22.57 ? 120 ALA A CB  1 
ATOM   792  N N   . GLU A 1 121 ? 2.652   7.469   -1.057  1.00 22.27 ? 121 GLU A N   1 
ATOM   793  C CA  . GLU A 1 121 ? 1.308   7.565   -0.477  1.00 23.00 ? 121 GLU A CA  1 
ATOM   794  C C   . GLU A 1 121 ? 0.587   8.800   -0.987  1.00 22.93 ? 121 GLU A C   1 
ATOM   795  O O   . GLU A 1 121 ? -0.482  8.697   -1.541  1.00 23.64 ? 121 GLU A O   1 
ATOM   796  C CB  . GLU A 1 121 ? 1.365   7.567   1.060   1.00 22.49 ? 121 GLU A CB  1 
ATOM   797  C CG  . GLU A 1 121 ? 1.780   6.239   1.673   1.00 22.86 ? 121 GLU A CG  1 
ATOM   798  C CD  . GLU A 1 121 ? 1.760   6.266   3.208   1.00 24.54 ? 121 GLU A CD  1 
ATOM   799  O OE1 . GLU A 1 121 ? 1.665   7.365   3.781   1.00 27.15 ? 121 GLU A OE1 1 
ATOM   800  O OE2 . GLU A 1 121 ? 1.802   5.193   3.829   1.00 22.96 ? 121 GLU A OE2 1 
ATOM   801  N N   . LEU A 1 122 ? 1.207   9.957   -0.810  1.00 23.61 ? 122 LEU A N   1 
ATOM   802  C CA  . LEU A 1 122 ? 0.638   11.235  -1.192  1.00 24.58 ? 122 LEU A CA  1 
ATOM   803  C C   . LEU A 1 122 ? 0.365   11.381  -2.690  1.00 24.79 ? 122 LEU A C   1 
ATOM   804  O O   . LEU A 1 122 ? -0.653  11.970  -3.068  1.00 24.27 ? 122 LEU A O   1 
ATOM   805  C CB  . LEU A 1 122 ? 1.602   12.361  -0.816  1.00 24.66 ? 122 LEU A CB  1 
ATOM   806  C CG  . LEU A 1 122 ? 1.893   12.780  0.609   1.00 27.22 ? 122 LEU A CG  1 
ATOM   807  C CD1 . LEU A 1 122 ? 3.083   13.779  0.574   1.00 26.81 ? 122 LEU A CD1 1 
ATOM   808  C CD2 . LEU A 1 122 ? 0.624   13.430  1.216   1.00 28.39 ? 122 LEU A CD2 1 
ATOM   809  N N   . GLU A 1 123 ? 1.281   10.889  -3.531  1.00 24.38 ? 123 GLU A N   1 
ATOM   810  C CA  . GLU A 1 123 ? 1.254   11.282  -4.945  1.00 24.72 ? 123 GLU A CA  1 
ATOM   811  C C   . GLU A 1 123 ? 0.733   10.231  -5.888  1.00 24.53 ? 123 GLU A C   1 
ATOM   812  O O   . GLU A 1 123 ? 0.449   10.542  -7.045  1.00 25.22 ? 123 GLU A O   1 
ATOM   813  C CB  . GLU A 1 123 ? 2.620   11.777  -5.425  1.00 24.81 ? 123 GLU A CB  1 
ATOM   814  C CG  . GLU A 1 123 ? 3.228   12.904  -4.582  1.00 25.67 ? 123 GLU A CG  1 
ATOM   815  C CD  . GLU A 1 123 ? 2.416   14.195  -4.646  1.00 27.32 ? 123 GLU A CD  1 
ATOM   816  O OE1 . GLU A 1 123 ? 1.570   14.348  -5.562  1.00 28.43 ? 123 GLU A OE1 1 
ATOM   817  O OE2 . GLU A 1 123 ? 2.631   15.067  -3.782  1.00 27.84 ? 123 GLU A OE2 1 
ATOM   818  N N   . LEU A 1 124 ? 0.591   9.005   -5.389  1.00 24.15 ? 124 LEU A N   1 
ATOM   819  C CA  . LEU A 1 124 ? 0.147   7.898   -6.188  1.00 24.33 ? 124 LEU A CA  1 
ATOM   820  C C   . LEU A 1 124 ? -0.957  7.066   -5.506  1.00 24.71 ? 124 LEU A C   1 
ATOM   821  O O   . LEU A 1 124 ? -2.099  7.053   -5.986  1.00 25.55 ? 124 LEU A O   1 
ATOM   822  C CB  . LEU A 1 124 ? 1.347   7.018   -6.599  1.00 24.91 ? 124 LEU A CB  1 
ATOM   823  C CG  . LEU A 1 124 ? 0.961   5.811   -7.446  1.00 25.22 ? 124 LEU A CG  1 
ATOM   824  C CD1 . LEU A 1 124 ? 0.239   6.278   -8.738  1.00 24.68 ? 124 LEU A CD1 1 
ATOM   825  C CD2 . LEU A 1 124 ? 2.212   4.988   -7.770  1.00 27.43 ? 124 LEU A CD2 1 
ATOM   826  N N   . LEU A 1 125 ? -0.634  6.392   -4.400  1.00 23.50 ? 125 LEU A N   1 
ATOM   827  C CA  . LEU A 1 125 ? -1.570  5.485   -3.788  1.00 23.48 ? 125 LEU A CA  1 
ATOM   828  C C   . LEU A 1 125 ? -2.826  6.150   -3.224  1.00 24.12 ? 125 LEU A C   1 
ATOM   829  O O   . LEU A 1 125 ? -3.945  5.761   -3.556  1.00 23.60 ? 125 LEU A O   1 
ATOM   830  C CB  . LEU A 1 125 ? -0.872  4.627   -2.725  1.00 23.43 ? 125 LEU A CB  1 
ATOM   831  C CG  . LEU A 1 125 ? -1.720  3.639   -1.928  1.00 22.25 ? 125 LEU A CG  1 
ATOM   832  C CD1 . LEU A 1 125 ? -2.501  2.608   -2.796  1.00 21.34 ? 125 LEU A CD1 1 
ATOM   833  C CD2 . LEU A 1 125 ? -0.815  2.928   -0.912  1.00 21.66 ? 125 LEU A CD2 1 
ATOM   834  N N   . ASP A 1 126 ? -2.660  7.138   -2.350  1.00 23.50 ? 126 ASP A N   1 
ATOM   835  C CA  . ASP A 1 126 ? -3.849  7.715   -1.736  1.00 23.76 ? 126 ASP A CA  1 
ATOM   836  C C   . ASP A 1 126 ? -4.794  8.343   -2.772  1.00 23.67 ? 126 ASP A C   1 
ATOM   837  O O   . ASP A 1 126 ? -6.010  8.155   -2.653  1.00 24.04 ? 126 ASP A O   1 
ATOM   838  C CB  . ASP A 1 126 ? -3.493  8.718   -0.628  1.00 23.96 ? 126 ASP A CB  1 
ATOM   839  C CG  . ASP A 1 126 ? -2.751  8.068   0.569   1.00 25.56 ? 126 ASP A CG  1 
ATOM   840  O OD1 . ASP A 1 126 ? -2.666  6.810   0.688   1.00 23.14 ? 126 ASP A OD1 1 
ATOM   841  O OD2 . ASP A 1 126 ? -2.280  8.861   1.405   1.00 29.23 ? 126 ASP A OD2 1 
ATOM   842  N N   . PRO A 1 127 ? -4.240  9.085   -3.765  1.00 23.15 ? 127 PRO A N   1 
ATOM   843  C CA  . PRO A 1 127 ? -5.056  9.693   -4.791  1.00 24.14 ? 127 PRO A CA  1 
ATOM   844  C C   . PRO A 1 127 ? -5.808  8.670   -5.602  1.00 24.67 ? 127 PRO A C   1 
ATOM   845  O O   . PRO A 1 127 ? -6.987  8.902   -5.889  1.00 25.21 ? 127 PRO A O   1 
ATOM   846  C CB  . PRO A 1 127 ? -4.047  10.475  -5.660  1.00 23.66 ? 127 PRO A CB  1 
ATOM   847  C CG  . PRO A 1 127 ? -2.944  10.733  -4.741  1.00 24.07 ? 127 PRO A CG  1 
ATOM   848  C CD  . PRO A 1 127 ? -2.840  9.515   -3.898  1.00 23.18 ? 127 PRO A CD  1 
ATOM   849  N N   . VAL A 1 128 ? -5.184  7.530   -5.926  1.00 24.85 ? 128 VAL A N   1 
ATOM   850  C CA  . VAL A 1 128 ? -5.937  6.476   -6.635  1.00 24.27 ? 128 VAL A CA  1 
ATOM   851  C C   . VAL A 1 128 ? -7.108  6.020   -5.764  1.00 24.30 ? 128 VAL A C   1 
ATOM   852  O O   . VAL A 1 128 ? -8.221  5.854   -6.253  1.00 24.62 ? 128 VAL A O   1 
ATOM   853  C CB  . VAL A 1 128 ? -5.071  5.275   -7.032  1.00 24.17 ? 128 VAL A CB  1 
ATOM   854  C CG1 . VAL A 1 128 ? -5.956  4.124   -7.548  1.00 26.05 ? 128 VAL A CG1 1 
ATOM   855  C CG2 . VAL A 1 128 ? -4.077  5.672   -8.113  1.00 24.09 ? 128 VAL A CG2 1 
ATOM   856  N N   . SER A 1 129 ? -6.838  5.808   -4.476  1.00 23.72 ? 129 SER A N   1 
ATOM   857  C CA  . SER A 1 129 ? -7.843  5.371   -3.516  1.00 24.66 ? 129 SER A CA  1 
ATOM   858  C C   . SER A 1 129 ? -8.996  6.379   -3.405  1.00 23.77 ? 129 SER A C   1 
ATOM   859  O O   . SER A 1 129 ? -10.179 6.006   -3.424  1.00 23.84 ? 129 SER A O   1 
ATOM   860  C CB  . SER A 1 129 ? -7.181  5.173   -2.153  1.00 24.87 ? 129 SER A CB  1 
ATOM   861  O OG  . SER A 1 129 ? -8.124  4.674   -1.225  1.00 30.16 ? 129 SER A OG  1 
ATOM   862  N N   . VAL A 1 130 ? -8.646  7.661   -3.327  1.00 23.26 ? 130 VAL A N   1 
ATOM   863  C CA  . VAL A 1 130 ? -9.644  8.724   -3.253  1.00 23.49 ? 130 VAL A CA  1 
ATOM   864  C C   . VAL A 1 130 ? -10.497 8.759   -4.537  1.00 24.14 ? 130 VAL A C   1 
ATOM   865  O O   . VAL A 1 130 ? -11.718 8.868   -4.465  1.00 22.31 ? 130 VAL A O   1 
ATOM   866  C CB  . VAL A 1 130 ? -8.993  10.106  -2.947  1.00 23.70 ? 130 VAL A CB  1 
ATOM   867  C CG1 . VAL A 1 130 ? -10.027 11.198  -2.945  1.00 22.11 ? 130 VAL A CG1 1 
ATOM   868  C CG2 . VAL A 1 130 ? -8.244  10.060  -1.543  1.00 22.99 ? 130 VAL A CG2 1 
ATOM   869  N N   . TYR A 1 131 ? -9.839  8.652   -5.692  1.00 24.08 ? 131 TYR A N   1 
ATOM   870  C CA  . TYR A 1 131 ? -10.517 8.516   -6.964  1.00 25.36 ? 131 TYR A CA  1 
ATOM   871  C C   . TYR A 1 131 ? -11.480 7.340   -6.945  1.00 25.79 ? 131 TYR A C   1 
ATOM   872  O O   . TYR A 1 131 ? -12.636 7.505   -7.324  1.00 26.38 ? 131 TYR A O   1 
ATOM   873  C CB  . TYR A 1 131 ? -9.498  8.384   -8.115  1.00 25.90 ? 131 TYR A CB  1 
ATOM   874  C CG  . TYR A 1 131 ? -10.072 7.903   -9.440  1.00 27.09 ? 131 TYR A CG  1 
ATOM   875  C CD1 . TYR A 1 131 ? -11.083 8.621   -10.099 1.00 29.83 ? 131 TYR A CD1 1 
ATOM   876  C CD2 . TYR A 1 131 ? -9.580  6.738   -10.048 1.00 30.63 ? 131 TYR A CD2 1 
ATOM   877  C CE1 . TYR A 1 131 ? -11.594 8.181   -11.337 1.00 32.36 ? 131 TYR A CE1 1 
ATOM   878  C CE2 . TYR A 1 131 ? -10.079 6.293   -11.267 1.00 31.91 ? 131 TYR A CE2 1 
ATOM   879  C CZ  . TYR A 1 131 ? -11.080 7.021   -11.910 1.00 33.08 ? 131 TYR A CZ  1 
ATOM   880  O OH  . TYR A 1 131 ? -11.564 6.562   -13.112 1.00 34.88 ? 131 TYR A OH  1 
ATOM   881  N N   . PHE A 1 132 ? -11.027 6.169   -6.483  1.00 26.61 ? 132 PHE A N   1 
ATOM   882  C CA  . PHE A 1 132 ? -11.908 4.991   -6.368  1.00 27.52 ? 132 PHE A CA  1 
ATOM   883  C C   . PHE A 1 132 ? -13.162 5.299   -5.562  1.00 27.63 ? 132 PHE A C   1 
ATOM   884  O O   . PHE A 1 132 ? -14.272 5.050   -6.014  1.00 28.13 ? 132 PHE A O   1 
ATOM   885  C CB  . PHE A 1 132 ? -11.177 3.821   -5.696  1.00 27.43 ? 132 PHE A CB  1 
ATOM   886  C CG  . PHE A 1 132 ? -12.026 2.592   -5.490  1.00 28.14 ? 132 PHE A CG  1 
ATOM   887  C CD1 . PHE A 1 132 ? -12.470 1.830   -6.592  1.00 28.46 ? 132 PHE A CD1 1 
ATOM   888  C CD2 . PHE A 1 132 ? -12.327 2.145   -4.203  1.00 29.89 ? 132 PHE A CD2 1 
ATOM   889  C CE1 . PHE A 1 132 ? -13.227 0.662   -6.405  1.00 29.41 ? 132 PHE A CE1 1 
ATOM   890  C CE2 . PHE A 1 132 ? -13.091 0.973   -3.994  1.00 28.12 ? 132 PHE A CE2 1 
ATOM   891  C CZ  . PHE A 1 132 ? -13.545 0.236   -5.107  1.00 31.43 ? 132 PHE A CZ  1 
ATOM   892  N N   . HIS A 1 133 ? -12.980 5.824   -4.360  1.00 27.61 ? 133 HIS A N   1 
ATOM   893  C CA  . HIS A 1 133 ? -14.087 5.895   -3.419  1.00 27.70 ? 133 HIS A CA  1 
ATOM   894  C C   . HIS A 1 133 ? -15.023 7.065   -3.737  1.00 28.06 ? 133 HIS A C   1 
ATOM   895  O O   . HIS A 1 133 ? -16.183 7.046   -3.304  1.00 28.50 ? 133 HIS A O   1 
ATOM   896  C CB  . HIS A 1 133 ? -13.587 6.026   -1.977  1.00 27.87 ? 133 HIS A CB  1 
ATOM   897  C CG  . HIS A 1 133 ? -13.007 4.767   -1.413  1.00 29.42 ? 133 HIS A CG  1 
ATOM   898  N ND1 . HIS A 1 133 ? -13.768 3.644   -1.155  1.00 29.82 ? 133 HIS A ND1 1 
ATOM   899  C CD2 . HIS A 1 133 ? -11.742 4.463   -1.030  1.00 29.42 ? 133 HIS A CD2 1 
ATOM   900  C CE1 . HIS A 1 133 ? -12.990 2.698   -0.652  1.00 30.89 ? 133 HIS A CE1 1 
ATOM   901  N NE2 . HIS A 1 133 ? -11.763 3.177   -0.544  1.00 30.46 ? 133 HIS A NE2 1 
ATOM   902  N N   . HIS A 1 134 ? -14.527 8.062   -4.476  1.00 26.78 ? 134 HIS A N   1 
ATOM   903  C CA  . HIS A 1 134 ? -15.264 9.318   -4.667  1.00 26.89 ? 134 HIS A CA  1 
ATOM   904  C C   . HIS A 1 134 ? -15.774 9.609   -6.067  1.00 26.27 ? 134 HIS A C   1 
ATOM   905  O O   . HIS A 1 134 ? -16.774 10.299  -6.219  1.00 26.01 ? 134 HIS A O   1 
ATOM   906  C CB  . HIS A 1 134 ? -14.483 10.545  -4.108  1.00 26.30 ? 134 HIS A CB  1 
ATOM   907  C CG  . HIS A 1 134 ? -14.532 10.625  -2.618  1.00 26.30 ? 134 HIS A CG  1 
ATOM   908  N ND1 . HIS A 1 134 ? -15.495 11.339  -1.945  1.00 26.87 ? 134 HIS A ND1 1 
ATOM   909  C CD2 . HIS A 1 134 ? -13.773 10.025  -1.665  1.00 25.99 ? 134 HIS A CD2 1 
ATOM   910  C CE1 . HIS A 1 134 ? -15.332 11.172  -0.640  1.00 26.66 ? 134 HIS A CE1 1 
ATOM   911  N NE2 . HIS A 1 134 ? -14.297 10.376  -0.446  1.00 25.34 ? 134 HIS A NE2 1 
ATOM   912  N N   . ALA A 1 135 ? -15.058 9.148   -7.081  1.00 26.21 ? 135 ALA A N   1 
ATOM   913  C CA  . ALA A 1 135 ? -15.467 9.407   -8.453  1.00 26.24 ? 135 ALA A CA  1 
ATOM   914  C C   . ALA A 1 135 ? -15.812 8.122   -9.241  1.00 26.56 ? 135 ALA A C   1 
ATOM   915  O O   . ALA A 1 135 ? -16.038 8.169   -10.443 1.00 27.27 ? 135 ALA A O   1 
ATOM   916  C CB  . ALA A 1 135 ? -14.432 10.258  -9.185  1.00 25.93 ? 135 ALA A CB  1 
ATOM   917  N N   . THR A 1 136 ? -15.886 6.985   -8.559  1.00 26.21 ? 136 THR A N   1 
ATOM   918  C CA  . THR A 1 136 ? -16.464 5.788   -9.167  1.00 26.00 ? 136 THR A CA  1 
ATOM   919  C C   . THR A 1 136 ? -17.437 5.313   -8.104  1.00 26.90 ? 136 THR A C   1 
ATOM   920  O O   . THR A 1 136 ? -17.424 5.863   -7.024  1.00 26.91 ? 136 THR A O   1 
ATOM   921  C CB  . THR A 1 136 ? -15.440 4.643   -9.401  1.00 24.34 ? 136 THR A CB  1 
ATOM   922  O OG1 . THR A 1 136 ? -15.210 3.969   -8.162  1.00 22.63 ? 136 THR A OG1 1 
ATOM   923  C CG2 . THR A 1 136 ? -14.141 5.133   -10.008 1.00 24.45 ? 136 THR A CG2 1 
ATOM   924  N N   . PRO A 1 137 ? -18.249 4.269   -8.397  1.00 28.07 ? 137 PRO A N   1 
ATOM   925  C CA  . PRO A 1 137 ? -19.150 3.609   -7.429  1.00 28.44 ? 137 PRO A CA  1 
ATOM   926  C C   . PRO A 1 137 ? -18.456 3.054   -6.197  1.00 28.85 ? 137 PRO A C   1 
ATOM   927  O O   . PRO A 1 137 ? -19.076 2.886   -5.142  1.00 28.87 ? 137 PRO A O   1 
ATOM   928  C CB  . PRO A 1 137 ? -19.751 2.452   -8.251  1.00 28.63 ? 137 PRO A CB  1 
ATOM   929  C CG  . PRO A 1 137 ? -19.763 2.964   -9.632  1.00 28.26 ? 137 PRO A CG  1 
ATOM   930  C CD  . PRO A 1 137 ? -18.435 3.719   -9.756  1.00 28.02 ? 137 PRO A CD  1 
ATOM   931  N N   . GLY A 1 138 ? -17.174 2.751   -6.334  1.00 30.61 ? 138 GLY A N   1 
ATOM   932  C CA  . GLY A 1 138 ? -16.348 2.360   -5.202  1.00 31.11 ? 138 GLY A CA  1 
ATOM   933  C C   . GLY A 1 138 ? -16.918 1.102   -4.643  1.00 32.37 ? 138 GLY A C   1 
ATOM   934  O O   . GLY A 1 138 ? -17.219 0.160   -5.390  1.00 33.08 ? 138 GLY A O   1 
ATOM   935  N N   . LEU A 1 139 ? -17.096 1.091   -3.329  1.00 33.20 ? 139 LEU A N   1 
ATOM   936  C CA  . LEU A 1 139 ? -17.621 -0.068  -2.652  1.00 34.63 ? 139 LEU A CA  1 
ATOM   937  C C   . LEU A 1 139 ? -19.140 -0.108  -2.687  1.00 35.22 ? 139 LEU A C   1 
ATOM   938  O O   . LEU A 1 139 ? -19.742 -0.913  -1.996  1.00 36.22 ? 139 LEU A O   1 
ATOM   939  C CB  . LEU A 1 139 ? -17.110 -0.106  -1.203  1.00 34.57 ? 139 LEU A CB  1 
ATOM   940  C CG  . LEU A 1 139 ? -15.595 -0.286  -0.968  1.00 34.90 ? 139 LEU A CG  1 
ATOM   941  C CD1 . LEU A 1 139 ? -15.230 -0.097  0.505   1.00 32.26 ? 139 LEU A CD1 1 
ATOM   942  C CD2 . LEU A 1 139 ? -15.127 -1.652  -1.451  1.00 36.58 ? 139 LEU A CD2 1 
ATOM   943  N N   . GLY A 1 140 ? -19.761 0.791   -3.445  1.00 36.08 ? 140 GLY A N   1 
ATOM   944  C CA  . GLY A 1 140 ? -21.219 0.869   -3.508  1.00 37.24 ? 140 GLY A CA  1 
ATOM   945  C C   . GLY A 1 140 ? -21.876 1.934   -2.635  1.00 38.25 ? 140 GLY A C   1 
ATOM   946  O O   . GLY A 1 140 ? -21.289 2.378   -1.643  1.00 38.00 ? 140 GLY A O   1 
ATOM   947  N N   . PRO A 1 141 ? -23.127 2.322   -2.978  1.00 39.13 ? 141 PRO A N   1 
ATOM   948  C CA  . PRO A 1 141 ? -23.858 3.451   -2.358  1.00 39.52 ? 141 PRO A CA  1 
ATOM   949  C C   . PRO A 1 141 ? -24.127 3.305   -0.872  1.00 39.60 ? 141 PRO A C   1 
ATOM   950  O O   . PRO A 1 141 ? -24.147 4.311   -0.166  1.00 40.27 ? 141 PRO A O   1 
ATOM   951  C CB  . PRO A 1 141 ? -25.182 3.514   -3.147  1.00 39.63 ? 141 PRO A CB  1 
ATOM   952  C CG  . PRO A 1 141 ? -24.897 2.782   -4.432  1.00 39.80 ? 141 PRO A CG  1 
ATOM   953  C CD  . PRO A 1 141 ? -23.938 1.673   -4.030  1.00 39.65 ? 141 PRO A CD  1 
ATOM   954  N N   . GLU A 1 142 ? -24.298 2.076   -0.398  1.00 40.04 ? 142 GLU A N   1 
ATOM   955  C CA  . GLU A 1 142 ? -24.490 1.825   1.034   1.00 40.87 ? 142 GLU A CA  1 
ATOM   956  C C   . GLU A 1 142 ? -23.172 2.013   1.829   1.00 41.21 ? 142 GLU A C   1 
ATOM   957  O O   . GLU A 1 142 ? -23.199 2.316   3.023   1.00 40.86 ? 142 GLU A O   1 
ATOM   958  C CB  . GLU A 1 142 ? -25.064 0.420   1.283   1.00 41.21 ? 142 GLU A CB  1 
ATOM   959  C CG  . GLU A 1 142 ? -26.539 0.218   0.872   1.00 42.31 ? 142 GLU A CG  1 
ATOM   960  C CD  . GLU A 1 142 ? -26.779 0.307   -0.643  0.50 42.69 ? 142 GLU A CD  1 
ATOM   961  O OE1 . GLU A 1 142 ? -27.766 0.977   -1.036  0.50 42.22 ? 142 GLU A OE1 1 
ATOM   962  O OE2 . GLU A 1 142 ? -25.992 -0.284  -1.432  0.50 41.54 ? 142 GLU A OE2 1 
ATOM   963  N N   . VAL A 1 143 ? -22.027 1.834   1.171   1.00 41.73 ? 143 VAL A N   1 
ATOM   964  C CA  . VAL A 1 143 ? -20.737 2.007   1.844   1.00 41.81 ? 143 VAL A CA  1 
ATOM   965  C C   . VAL A 1 143 ? -20.235 3.429   1.645   1.00 42.29 ? 143 VAL A C   1 
ATOM   966  O O   . VAL A 1 143 ? -19.891 4.124   2.616   1.00 42.64 ? 143 VAL A O   1 
ATOM   967  C CB  . VAL A 1 143 ? -19.705 0.962   1.384   1.00 41.76 ? 143 VAL A CB  1 
ATOM   968  C CG1 . VAL A 1 143 ? -18.375 1.231   2.025   1.00 41.48 ? 143 VAL A CG1 1 
ATOM   969  C CG2 . VAL A 1 143 ? -20.185 -0.451  1.745   1.00 41.57 ? 143 VAL A CG2 1 
ATOM   970  N N   . GLU A 1 144 ? -20.253 3.866   0.386   1.00 42.40 ? 144 GLU A N   1 
ATOM   971  C CA  . GLU A 1 144 ? -19.870 5.209   -0.003  1.00 42.43 ? 144 GLU A CA  1 
ATOM   972  C C   . GLU A 1 144 ? -20.961 6.282   0.262   1.00 43.66 ? 144 GLU A C   1 
ATOM   973  O O   . GLU A 1 144 ? -21.460 6.962   -0.672  1.00 44.58 ? 144 GLU A O   1 
ATOM   974  C CB  . GLU A 1 144 ? -19.458 5.216   -1.475  1.00 41.83 ? 144 GLU A CB  1 
ATOM   975  C CG  . GLU A 1 144 ? -18.561 4.054   -1.893  1.00 40.28 ? 144 GLU A CG  1 
ATOM   976  C CD  . GLU A 1 144 ? -17.121 4.166   -1.385  1.00 37.99 ? 144 GLU A CD  1 
ATOM   977  O OE1 . GLU A 1 144 ? -16.818 5.083   -0.589  1.00 35.58 ? 144 GLU A OE1 1 
ATOM   978  O OE2 . GLU A 1 144 ? -16.287 3.317   -1.781  1.00 35.34 ? 144 GLU A OE2 1 
ATOM   979  N N   . LEU A 1 145 ? -21.290 6.486   1.534   1.00 43.01 ? 145 LEU A N   1 
ATOM   980  C CA  . LEU A 1 145 ? -22.353 7.423   1.904   1.00 42.30 ? 145 LEU A CA  1 
ATOM   981  C C   . LEU A 1 145 ? -22.179 8.887   1.472   1.00 41.80 ? 145 LEU A C   1 
ATOM   982  O O   . LEU A 1 145 ? -23.175 9.618   1.275   1.00 43.38 ? 145 LEU A O   1 
ATOM   983  C CB  . LEU A 1 145 ? -22.618 7.320   3.408   1.00 42.75 ? 145 LEU A CB  1 
ATOM   984  C CG  . LEU A 1 145 ? -23.232 5.950   3.737   1.00 44.07 ? 145 LEU A CG  1 
ATOM   985  C CD1 . LEU A 1 145 ? -23.001 5.557   5.182   1.00 45.60 ? 145 LEU A CD1 1 
ATOM   986  C CD2 . LEU A 1 145 ? -24.728 5.921   3.341   1.00 44.29 ? 145 LEU A CD2 1 
ATOM   987  N N   . TYR A 1 146 ? -20.942 9.353   1.378   1.00 39.05 ? 146 TYR A N   1 
ATOM   988  C CA  . TYR A 1 146 ? -20.690 10.661  0.785   1.00 36.05 ? 146 TYR A CA  1 
ATOM   989  C C   . TYR A 1 146 ? -19.631 10.509  -0.283  1.00 34.33 ? 146 TYR A C   1 
ATOM   990  O O   . TYR A 1 146 ? -18.585 9.874   -0.062  1.00 33.04 ? 146 TYR A O   1 
ATOM   991  C CB  . TYR A 1 146 ? -20.236 11.704  1.824   1.00 35.82 ? 146 TYR A CB  1 
ATOM   992  C CG  . TYR A 1 146 ? -19.684 12.981  1.203   1.00 34.62 ? 146 TYR A CG  1 
ATOM   993  C CD1 . TYR A 1 146 ? -20.540 14.007  0.785   1.00 34.58 ? 146 TYR A CD1 1 
ATOM   994  C CD2 . TYR A 1 146 ? -18.294 13.171  1.042   1.00 34.03 ? 146 TYR A CD2 1 
ATOM   995  C CE1 . TYR A 1 146 ? -20.045 15.187  0.224   1.00 31.66 ? 146 TYR A CE1 1 
ATOM   996  C CE2 . TYR A 1 146 ? -17.793 14.341  0.477   1.00 32.43 ? 146 TYR A CE2 1 
ATOM   997  C CZ  . TYR A 1 146 ? -18.685 15.342  0.071   1.00 32.15 ? 146 TYR A CZ  1 
ATOM   998  O OH  . TYR A 1 146 ? -18.201 16.498  -0.475  1.00 31.12 ? 146 TYR A OH  1 
ATOM   999  N N   . GLN A 1 147 ? -19.906 11.107  -1.431  1.00 33.14 ? 147 GLN A N   1 
ATOM   1000 C CA  . GLN A 1 147 ? -18.975 11.099  -2.527  1.00 33.57 ? 147 GLN A CA  1 
ATOM   1001 C C   . GLN A 1 147 ? -18.895 12.468  -3.148  1.00 33.51 ? 147 GLN A C   1 
ATOM   1002 O O   . GLN A 1 147 ? -19.912 13.127  -3.351  1.00 33.76 ? 147 GLN A O   1 
ATOM   1003 C CB  . GLN A 1 147 ? -19.371 10.067  -3.598  1.00 33.79 ? 147 GLN A CB  1 
ATOM   1004 C CG  . GLN A 1 147 ? -19.232 8.608   -3.180  1.00 33.15 ? 147 GLN A CG  1 
ATOM   1005 C CD  . GLN A 1 147 ? -19.493 7.694   -4.373  1.00 35.94 ? 147 GLN A CD  1 
ATOM   1006 O OE1 . GLN A 1 147 ? -20.539 7.795   -5.012  1.00 38.24 ? 147 GLN A OE1 1 
ATOM   1007 N NE2 . GLN A 1 147 ? -18.520 6.873   -4.727  1.00 33.23 ? 147 GLN A NE2 1 
ATOM   1008 N N   . ASN A 1 148 ? -17.665 12.877  -3.446  1.00 32.76 ? 148 ASN A N   1 
ATOM   1009 C CA  . ASN A 1 148 ? -17.376 14.146  -4.059  1.00 32.44 ? 148 ASN A CA  1 
ATOM   1010 C C   . ASN A 1 148 ? -16.608 13.874  -5.337  1.00 32.90 ? 148 ASN A C   1 
ATOM   1011 O O   . ASN A 1 148 ? -15.363 13.771  -5.340  1.00 31.85 ? 148 ASN A O   1 
ATOM   1012 C CB  . ASN A 1 148 ? -16.555 15.020  -3.118  1.00 31.73 ? 148 ASN A CB  1 
ATOM   1013 C CG  . ASN A 1 148 ? -16.462 16.464  -3.592  1.00 32.19 ? 148 ASN A CG  1 
ATOM   1014 O OD1 . ASN A 1 148 ? -15.989 16.751  -4.699  1.00 29.88 ? 148 ASN A OD1 1 
ATOM   1015 N ND2 . ASN A 1 148 ? -16.872 17.393  -2.725  1.00 32.38 ? 148 ASN A ND2 1 
ATOM   1016 N N   . LYS A 1 149 ? -17.376 13.762  -6.424  1.00 33.39 ? 149 LYS A N   1 
ATOM   1017 C CA  . LYS A 1 149 ? -16.873 13.365  -7.737  1.00 33.00 ? 149 LYS A CA  1 
ATOM   1018 C C   . LYS A 1 149 ? -15.746 14.238  -8.187  1.00 31.90 ? 149 LYS A C   1 
ATOM   1019 O O   . LYS A 1 149 ? -14.692 13.752  -8.614  1.00 30.73 ? 149 LYS A O   1 
ATOM   1020 C CB  . LYS A 1 149 ? -18.002 13.425  -8.775  1.00 33.80 ? 149 LYS A CB  1 
ATOM   1021 C CG  . LYS A 1 149 ? -17.603 12.893  -10.162 1.00 37.22 ? 149 LYS A CG  1 
ATOM   1022 C CD  . LYS A 1 149 ? -18.803 12.126  -10.803 1.00 43.36 ? 149 LYS A CD  1 
ATOM   1023 C CE  . LYS A 1 149 ? -18.413 11.479  -12.131 1.00 46.13 ? 149 LYS A CE  1 
ATOM   1024 N NZ  . LYS A 1 149 ? -19.555 10.758  -12.788 1.00 49.71 ? 149 LYS A NZ  1 
ATOM   1025 N N   . GLU A 1 150 ? -15.970 15.538  -8.090  1.00 31.41 ? 150 GLU A N   1 
ATOM   1026 C CA  . GLU A 1 150 ? -15.038 16.500  -8.630  1.00 31.42 ? 150 GLU A CA  1 
ATOM   1027 C C   . GLU A 1 150 ? -13.704 16.413  -7.914  1.00 30.52 ? 150 GLU A C   1 
ATOM   1028 O O   . GLU A 1 150 ? -12.660 16.519  -8.541  1.00 30.65 ? 150 GLU A O   1 
ATOM   1029 C CB  . GLU A 1 150 ? -15.629 17.917  -8.521  1.00 32.24 ? 150 GLU A CB  1 
ATOM   1030 C CG  . GLU A 1 150 ? -14.726 19.037  -8.972  1.00 34.21 ? 150 GLU A CG  1 
ATOM   1031 C CD  . GLU A 1 150 ? -15.337 20.411  -8.648  1.00 41.24 ? 150 GLU A CD  1 
ATOM   1032 O OE1 . GLU A 1 150 ? -16.578 20.483  -8.473  1.00 43.46 ? 150 GLU A OE1 1 
ATOM   1033 O OE2 . GLU A 1 150 ? -14.590 21.413  -8.557  1.00 41.76 ? 150 GLU A OE2 1 
ATOM   1034 N N   . TRP A 1 151 ? -13.746 16.242  -6.599  1.00 30.13 ? 151 TRP A N   1 
ATOM   1035 C CA  . TRP A 1 151 ? -12.528 16.003  -5.817  1.00 29.49 ? 151 TRP A CA  1 
ATOM   1036 C C   . TRP A 1 151 ? -11.886 14.663  -6.257  1.00 29.35 ? 151 TRP A C   1 
ATOM   1037 O O   . TRP A 1 151 ? -10.664 14.594  -6.473  1.00 28.85 ? 151 TRP A O   1 
ATOM   1038 C CB  . TRP A 1 151 ? -12.812 15.952  -4.304  1.00 28.51 ? 151 TRP A CB  1 
ATOM   1039 C CG  . TRP A 1 151 ? -11.527 15.847  -3.490  1.00 29.85 ? 151 TRP A CG  1 
ATOM   1040 C CD1 . TRP A 1 151 ? -10.997 14.724  -2.928  1.00 32.08 ? 151 TRP A CD1 1 
ATOM   1041 C CD2 . TRP A 1 151 ? -10.631 16.913  -3.171  1.00 30.47 ? 151 TRP A CD2 1 
ATOM   1042 N NE1 . TRP A 1 151 ? -9.833  15.024  -2.258  1.00 30.65 ? 151 TRP A NE1 1 
ATOM   1043 C CE2 . TRP A 1 151 ? -9.578  16.360  -2.397  1.00 30.70 ? 151 TRP A CE2 1 
ATOM   1044 C CE3 . TRP A 1 151 ? -10.619 18.286  -3.453  1.00 31.07 ? 151 TRP A CE3 1 
ATOM   1045 C CZ2 . TRP A 1 151 ? -8.506  17.129  -1.908  1.00 30.72 ? 151 TRP A CZ2 1 
ATOM   1046 C CZ3 . TRP A 1 151 ? -9.550  19.067  -2.958  1.00 33.54 ? 151 TRP A CZ3 1 
ATOM   1047 C CH2 . TRP A 1 151 ? -8.512  18.475  -2.185  1.00 34.70 ? 151 TRP A CH2 1 
ATOM   1048 N N   . GLY A 1 152 ? -12.713 13.619  -6.370  1.00 28.18 ? 152 GLY A N   1 
ATOM   1049 C CA  . GLY A 1 152 ? -12.245 12.301  -6.817  1.00 29.00 ? 152 GLY A CA  1 
ATOM   1050 C C   . GLY A 1 152 ? -11.532 12.368  -8.162  1.00 29.80 ? 152 GLY A C   1 
ATOM   1051 O O   . GLY A 1 152 ? -10.504 11.728  -8.356  1.00 30.26 ? 152 GLY A O   1 
ATOM   1052 N N   . LEU A 1 153 ? -12.062 13.164  -9.084  1.00 30.09 ? 153 LEU A N   1 
ATOM   1053 C CA  . LEU A 1 153 ? -11.473 13.289  -10.422 1.00 30.40 ? 153 LEU A CA  1 
ATOM   1054 C C   . LEU A 1 153 ? -10.171 14.048  -10.416 1.00 30.27 ? 153 LEU A C   1 
ATOM   1055 O O   . LEU A 1 153 ? -9.270  13.717  -11.162 1.00 30.55 ? 153 LEU A O   1 
ATOM   1056 C CB  . LEU A 1 153 ? -12.446 13.959  -11.391 1.00 29.89 ? 153 LEU A CB  1 
ATOM   1057 C CG  . LEU A 1 153 ? -13.680 13.194  -11.882 1.00 31.35 ? 153 LEU A CG  1 
ATOM   1058 C CD1 . LEU A 1 153 ? -14.496 14.129  -12.800 1.00 30.54 ? 153 LEU A CD1 1 
ATOM   1059 C CD2 . LEU A 1 153 ? -13.313 11.883  -12.642 1.00 31.58 ? 153 LEU A CD2 1 
ATOM   1060 N N   . ARG A 1 154 ? -10.059 15.080  -9.596  1.00 30.89 ? 154 ARG A N   1 
ATOM   1061 C CA  . ARG A 1 154 ? -8.785  15.767  -9.502  1.00 31.72 ? 154 ARG A CA  1 
ATOM   1062 C C   . ARG A 1 154 ? -7.700  14.848  -8.898  1.00 31.21 ? 154 ARG A C   1 
ATOM   1063 O O   . ARG A 1 154 ? -6.527  14.912  -9.276  1.00 31.13 ? 154 ARG A O   1 
ATOM   1064 C CB  . ARG A 1 154 ? -8.926  17.065  -8.714  1.00 32.87 ? 154 ARG A CB  1 
ATOM   1065 C CG  . ARG A 1 154 ? -9.644  18.161  -9.526  1.00 37.07 ? 154 ARG A CG  1 
ATOM   1066 C CD  . ARG A 1 154 ? -9.502  19.539  -8.923  0.50 39.43 ? 154 ARG A CD  1 
ATOM   1067 N NE  . ARG A 1 154 ? -8.118  19.997  -8.848  0.50 43.44 ? 154 ARG A NE  1 
ATOM   1068 C CZ  . ARG A 1 154 ? -7.578  20.918  -9.646  1.00 46.57 ? 154 ARG A CZ  1 
ATOM   1069 N NH1 . ARG A 1 154 ? -8.308  21.505  -10.600 1.00 47.55 ? 154 ARG A NH1 1 
ATOM   1070 N NH2 . ARG A 1 154 ? -6.305  21.260  -9.480  1.00 46.65 ? 154 ARG A NH2 1 
ATOM   1071 N N   . GLN A 1 155 ? -8.103  13.989  -7.971  1.00 31.10 ? 155 GLN A N   1 
ATOM   1072 C CA  . GLN A 1 155 ? -7.176  13.023  -7.379  1.00 30.83 ? 155 GLN A CA  1 
ATOM   1073 C C   . GLN A 1 155 ? -6.667  12.012  -8.447  1.00 29.90 ? 155 GLN A C   1 
ATOM   1074 O O   . GLN A 1 155 ? -5.483  11.691  -8.475  1.00 28.69 ? 155 GLN A O   1 
ATOM   1075 C CB  . GLN A 1 155 ? -7.796  12.355  -6.130  1.00 30.70 ? 155 GLN A CB  1 
ATOM   1076 C CG  . GLN A 1 155 ? -8.080  13.346  -4.946  1.00 31.66 ? 155 GLN A CG  1 
ATOM   1077 C CD  . GLN A 1 155 ? -6.845  14.116  -4.504  1.00 36.31 ? 155 GLN A CD  1 
ATOM   1078 O OE1 . GLN A 1 155 ? -5.834  13.526  -4.124  1.00 38.17 ? 155 GLN A OE1 1 
ATOM   1079 N NE2 . GLN A 1 155 ? -6.909  15.438  -4.592  1.00 38.25 ? 155 GLN A NE2 1 
ATOM   1080 N N   . ARG A 1 156 ? -7.548  11.568  -9.346  1.00 29.59 ? 156 ARG A N   1 
ATOM   1081 C CA  . ARG A 1 156 ? -7.125  10.796  -10.538 1.00 30.90 ? 156 ARG A CA  1 
ATOM   1082 C C   . ARG A 1 156 ? -5.975  11.454  -11.323 1.00 31.05 ? 156 ARG A C   1 
ATOM   1083 O O   . ARG A 1 156 ? -4.951  10.813  -11.594 1.00 30.99 ? 156 ARG A O   1 
ATOM   1084 C CB  . ARG A 1 156 ? -8.327  10.510  -11.454 1.00 31.83 ? 156 ARG A CB  1 
ATOM   1085 C CG  . ARG A 1 156 ? -8.012  9.704   -12.720 1.00 34.20 ? 156 ARG A CG  1 
ATOM   1086 C CD  . ARG A 1 156 ? -9.067  9.917   -13.782 1.00 38.99 ? 156 ARG A CD  1 
ATOM   1087 N NE  . ARG A 1 156 ? -9.115  11.320  -14.214 1.00 44.35 ? 156 ARG A NE  1 
ATOM   1088 C CZ  . ARG A 1 156 ? -10.087 11.853  -14.964 1.00 47.02 ? 156 ARG A CZ  1 
ATOM   1089 N NH1 . ARG A 1 156 ? -11.118 11.112  -15.368 1.00 47.43 ? 156 ARG A NH1 1 
ATOM   1090 N NH2 . ARG A 1 156 ? -10.041 13.134  -15.311 1.00 47.14 ? 156 ARG A NH2 1 
ATOM   1091 N N   . ASP A 1 157 ? -6.136  12.735  -11.671 1.00 31.16 ? 157 ASP A N   1 
ATOM   1092 C CA  . ASP A 1 157 ? -5.088  13.495  -12.362 1.00 31.69 ? 157 ASP A CA  1 
ATOM   1093 C C   . ASP A 1 157 ? -3.809  13.596  -11.519 1.00 30.94 ? 157 ASP A C   1 
ATOM   1094 O O   . ASP A 1 157 ? -2.698  13.522  -12.054 1.00 30.33 ? 157 ASP A O   1 
ATOM   1095 C CB  . ASP A 1 157 ? -5.577  14.909  -12.723 1.00 32.68 ? 157 ASP A CB  1 
ATOM   1096 C CG  . ASP A 1 157 ? -6.736  14.897  -13.724 1.00 37.28 ? 157 ASP A CG  1 
ATOM   1097 O OD1 . ASP A 1 157 ? -6.933  13.862  -14.416 1.00 42.02 ? 157 ASP A OD1 1 
ATOM   1098 O OD2 . ASP A 1 157 ? -7.463  15.924  -13.806 1.00 41.54 ? 157 ASP A OD2 1 
ATOM   1099 N N   . LYS A 1 158 ? -3.976  13.746  -10.202 1.00 29.92 ? 158 LYS A N   1 
ATOM   1100 C CA  . LYS A 1 158 ? -2.836  13.787  -9.278  1.00 29.17 ? 158 LYS A CA  1 
ATOM   1101 C C   . LYS A 1 158 ? -2.046  12.472  -9.344  1.00 28.35 ? 158 LYS A C   1 
ATOM   1102 O O   . LYS A 1 158 ? -0.808  12.488  -9.403  1.00 28.54 ? 158 LYS A O   1 
ATOM   1103 C CB  . LYS A 1 158 ? -3.291  14.082  -7.838  1.00 29.00 ? 158 LYS A CB  1 
ATOM   1104 C CG  . LYS A 1 158 ? -2.130  14.265  -6.865  1.00 29.60 ? 158 LYS A CG  1 
ATOM   1105 C CD  . LYS A 1 158 ? -2.578  14.663  -5.455  1.00 31.13 ? 158 LYS A CD  1 
ATOM   1106 C CE  . LYS A 1 158 ? -1.371  15.236  -4.679  1.00 33.99 ? 158 LYS A CE  1 
ATOM   1107 N NZ  . LYS A 1 158 ? -1.795  15.992  -3.495  1.00 38.13 ? 158 LYS A NZ  1 
ATOM   1108 N N   . ALA A 1 159 ? -2.771  11.358  -9.356  1.00 28.11 ? 159 ALA A N   1 
ATOM   1109 C CA  . ALA A 1 159 ? -2.180  10.016  -9.493  1.00 29.04 ? 159 ALA A CA  1 
ATOM   1110 C C   . ALA A 1 159 ? -1.399  9.853   -10.805 1.00 29.43 ? 159 ALA A C   1 
ATOM   1111 O O   . ALA A 1 159 ? -0.246  9.366   -10.803 1.00 30.07 ? 159 ALA A O   1 
ATOM   1112 C CB  . ALA A 1 159 ? -3.252  8.927   -9.362  1.00 28.51 ? 159 ALA A CB  1 
ATOM   1113 N N   . LEU A 1 160 ? -1.996  10.300  -11.908 1.00 29.38 ? 160 LEU A N   1 
ATOM   1114 C CA  . LEU A 1 160 ? -1.320  10.263  -13.211 1.00 29.64 ? 160 LEU A CA  1 
ATOM   1115 C C   . LEU A 1 160 ? 0.001   11.033  -13.178 1.00 30.23 ? 160 LEU A C   1 
ATOM   1116 O O   . LEU A 1 160 ? 1.028   10.527  -13.671 1.00 29.58 ? 160 LEU A O   1 
ATOM   1117 C CB  . LEU A 1 160 ? -2.221  10.791  -14.351 1.00 29.47 ? 160 LEU A CB  1 
ATOM   1118 C CG  . LEU A 1 160 ? -3.362  9.863   -14.790 1.00 31.23 ? 160 LEU A CG  1 
ATOM   1119 C CD1 . LEU A 1 160 ? -4.368  10.594  -15.692 1.00 32.85 ? 160 LEU A CD1 1 
ATOM   1120 C CD2 . LEU A 1 160 ? -2.808  8.625   -15.517 1.00 31.66 ? 160 LEU A CD2 1 
ATOM   1121 N N   . HIS A 1 161 ? -0.024  12.237  -12.597 1.00 30.61 ? 161 HIS A N   1 
ATOM   1122 C CA  . HIS A 1 161 ? 1.197   13.011  -12.411 1.00 32.34 ? 161 HIS A CA  1 
ATOM   1123 C C   . HIS A 1 161 ? 2.197   12.252  -11.530 1.00 31.61 ? 161 HIS A C   1 
ATOM   1124 O O   . HIS A 1 161 ? 3.396   12.363  -11.720 1.00 32.58 ? 161 HIS A O   1 
ATOM   1125 C CB  . HIS A 1 161 ? 0.913   14.375  -11.766 1.00 32.69 ? 161 HIS A CB  1 
ATOM   1126 C CG  . HIS A 1 161 ? 0.235   15.355  -12.679 1.00 37.58 ? 161 HIS A CG  1 
ATOM   1127 N ND1 . HIS A 1 161 ? 0.776   15.755  -13.887 1.00 40.44 ? 161 HIS A ND1 1 
ATOM   1128 C CD2 . HIS A 1 161 ? -0.925  16.043  -12.543 1.00 39.62 ? 161 HIS A CD2 1 
ATOM   1129 C CE1 . HIS A 1 161 ? -0.026  16.639  -14.455 1.00 42.39 ? 161 HIS A CE1 1 
ATOM   1130 N NE2 . HIS A 1 161 ? -1.070  16.825  -13.664 1.00 42.73 ? 161 HIS A NE2 1 
ATOM   1131 N N   . GLY A 1 162 ? 1.682   11.521  -10.550 1.00 31.18 ? 162 GLY A N   1 
ATOM   1132 C CA  . GLY A 1 162 ? 2.508   10.709  -9.649  1.00 30.62 ? 162 GLY A CA  1 
ATOM   1133 C C   . GLY A 1 162 ? 3.235   9.624   -10.429 1.00 29.73 ? 162 GLY A C   1 
ATOM   1134 O O   . GLY A 1 162 ? 4.409   9.377   -10.176 1.00 28.97 ? 162 GLY A O   1 
ATOM   1135 N N   . MET A 1 163 ? 2.536   9.000   -11.383 1.00 28.28 ? 163 MET A N   1 
ATOM   1136 C CA  . MET A 1 163 ? 3.146   8.010   -12.258 1.00 27.99 ? 163 MET A CA  1 
ATOM   1137 C C   . MET A 1 163 ? 4.339   8.605   -13.021 1.00 29.03 ? 163 MET A C   1 
ATOM   1138 O O   . MET A 1 163 ? 5.407   7.978   -13.064 1.00 27.96 ? 163 MET A O   1 
ATOM   1139 C CB  . MET A 1 163 ? 2.127   7.431   -13.236 1.00 27.65 ? 163 MET A CB  1 
ATOM   1140 C CG  . MET A 1 163 ? 1.107   6.588   -12.585 1.00 27.83 ? 163 MET A CG  1 
ATOM   1141 S SD  . MET A 1 163 ? -0.223  6.151   -13.675 1.00 27.40 ? 163 MET A SD  1 
ATOM   1142 C CE  . MET A 1 163 ? -1.105  5.098   -12.543 1.00 29.50 ? 163 MET A CE  1 
ATOM   1143 N N   . HIS A 1 164 ? 4.157   9.808   -13.591 1.00 29.23 ? 164 HIS A N   1 
ATOM   1144 C CA  . HIS A 1 164 ? 5.235   10.525  -14.282 1.00 30.99 ? 164 HIS A CA  1 
ATOM   1145 C C   . HIS A 1 164 ? 6.376   10.889  -13.338 1.00 31.43 ? 164 HIS A C   1 
ATOM   1146 O O   . HIS A 1 164 ? 7.544   10.865  -13.742 1.00 31.61 ? 164 HIS A O   1 
ATOM   1147 C CB  . HIS A 1 164 ? 4.731   11.800  -15.013 1.00 31.38 ? 164 HIS A CB  1 
ATOM   1148 C CG  . HIS A 1 164 ? 3.930   11.521  -16.258 1.00 34.18 ? 164 HIS A CG  1 
ATOM   1149 N ND1 . HIS A 1 164 ? 4.514   11.199  -17.468 1.00 36.26 ? 164 HIS A ND1 1 
ATOM   1150 C CD2 . HIS A 1 164 ? 2.591   11.523  -16.479 1.00 35.50 ? 164 HIS A CD2 1 
ATOM   1151 C CE1 . HIS A 1 164 ? 3.571   11.014  -18.377 1.00 36.10 ? 164 HIS A CE1 1 
ATOM   1152 N NE2 . HIS A 1 164 ? 2.397   11.207  -17.804 1.00 36.91 ? 164 HIS A NE2 1 
ATOM   1153 N N   . TYR A 1 165 ? 6.048   11.241  -12.095 1.00 31.29 ? 165 TYR A N   1 
ATOM   1154 C CA  . TYR A 1 165 ? 7.095   11.493  -11.109 1.00 31.25 ? 165 TYR A CA  1 
ATOM   1155 C C   . TYR A 1 165 ? 7.892   10.222  -10.826 1.00 31.31 ? 165 TYR A C   1 
ATOM   1156 O O   . TYR A 1 165 ? 9.123   10.244  -10.804 1.00 31.27 ? 165 TYR A O   1 
ATOM   1157 C CB  . TYR A 1 165 ? 6.549   12.052  -9.790  1.00 31.56 ? 165 TYR A CB  1 
ATOM   1158 C CG  . TYR A 1 165 ? 7.614   12.018  -8.706  1.00 30.54 ? 165 TYR A CG  1 
ATOM   1159 C CD1 . TYR A 1 165 ? 8.672   12.926  -8.717  1.00 31.77 ? 165 TYR A CD1 1 
ATOM   1160 C CD2 . TYR A 1 165 ? 7.587   11.057  -7.721  1.00 32.37 ? 165 TYR A CD2 1 
ATOM   1161 C CE1 . TYR A 1 165 ? 9.664   12.874  -7.772  1.00 30.93 ? 165 TYR A CE1 1 
ATOM   1162 C CE2 . TYR A 1 165 ? 8.587   10.981  -6.763  1.00 31.85 ? 165 TYR A CE2 1 
ATOM   1163 C CZ  . TYR A 1 165 ? 9.613   11.898  -6.793  1.00 30.98 ? 165 TYR A CZ  1 
ATOM   1164 O OH  . TYR A 1 165 ? 10.587  11.849  -5.847  1.00 29.21 ? 165 TYR A OH  1 
ATOM   1165 N N   . PHE A 1 166 ? 7.193   9.115   -10.591 1.00 31.49 ? 166 PHE A N   1 
ATOM   1166 C CA  . PHE A 1 166 ? 7.893   7.890   -10.262 1.00 32.02 ? 166 PHE A CA  1 
ATOM   1167 C C   . PHE A 1 166 ? 8.649   7.327   -11.464 1.00 32.25 ? 166 PHE A C   1 
ATOM   1168 O O   . PHE A 1 166 ? 9.648   6.639   -11.284 1.00 32.10 ? 166 PHE A O   1 
ATOM   1169 C CB  . PHE A 1 166 ? 7.002   6.872   -9.537  1.00 31.79 ? 166 PHE A CB  1 
ATOM   1170 C CG  . PHE A 1 166 ? 6.752   7.250   -8.084  1.00 32.53 ? 166 PHE A CG  1 
ATOM   1171 C CD1 . PHE A 1 166 ? 7.806   7.194   -7.149  1.00 30.91 ? 166 PHE A CD1 1 
ATOM   1172 C CD2 . PHE A 1 166 ? 5.506   7.726   -7.671  1.00 28.16 ? 166 PHE A CD2 1 
ATOM   1173 C CE1 . PHE A 1 166 ? 7.618   7.597   -5.829  1.00 32.26 ? 166 PHE A CE1 1 
ATOM   1174 C CE2 . PHE A 1 166 ? 5.293   8.093   -6.351  1.00 28.65 ? 166 PHE A CE2 1 
ATOM   1175 C CZ  . PHE A 1 166 ? 6.345   8.045   -5.426  1.00 29.54 ? 166 PHE A CZ  1 
ATOM   1176 N N   . ASP A 1 167 ? 8.209   7.673   -12.675 1.00 32.36 ? 167 ASP A N   1 
ATOM   1177 C CA  . ASP A 1 167 ? 8.986   7.335   -13.875 1.00 32.86 ? 167 ASP A CA  1 
ATOM   1178 C C   . ASP A 1 167 ? 10.330  8.044   -13.925 1.00 32.89 ? 167 ASP A C   1 
ATOM   1179 O O   . ASP A 1 167 ? 11.301  7.430   -14.298 1.00 33.54 ? 167 ASP A O   1 
ATOM   1180 C CB  . ASP A 1 167 ? 8.213   7.562   -15.172 1.00 32.69 ? 167 ASP A CB  1 
ATOM   1181 C CG  . ASP A 1 167 ? 8.937   6.982   -16.372 1.00 32.71 ? 167 ASP A CG  1 
ATOM   1182 O OD1 . ASP A 1 167 ? 8.827   5.770   -16.606 1.00 35.96 ? 167 ASP A OD1 1 
ATOM   1183 O OD2 . ASP A 1 167 ? 9.639   7.717   -17.066 1.00 33.45 ? 167 ASP A OD2 1 
ATOM   1184 N N   . THR A 1 168 ? 10.386  9.313   -13.508 1.00 34.11 ? 168 THR A N   1 
ATOM   1185 C CA  . THR A 1 168 ? 11.631  10.087  -13.477 1.00 34.83 ? 168 THR A CA  1 
ATOM   1186 C C   . THR A 1 168 ? 12.619  9.599   -12.417 1.00 34.50 ? 168 THR A C   1 
ATOM   1187 O O   . THR A 1 168 ? 13.851  9.742   -12.579 1.00 34.69 ? 168 THR A O   1 
ATOM   1188 C CB  . THR A 1 168 ? 11.390  11.601  -13.225 1.00 35.48 ? 168 THR A CB  1 
ATOM   1189 O OG1 . THR A 1 168 ? 10.979  11.810  -11.867 1.00 38.33 ? 168 THR A OG1 1 
ATOM   1190 C CG2 . THR A 1 168 ? 10.326  12.140  -14.150 1.00 35.86 ? 168 THR A CG2 1 
ATOM   1191 N N   . VAL A 1 169 ? 12.085  9.068   -11.318 1.00 33.58 ? 169 VAL A N   1 
ATOM   1192 C CA  . VAL A 1 169 ? 12.921  8.462   -10.265 1.00 32.29 ? 169 VAL A CA  1 
ATOM   1193 C C   . VAL A 1 169 ? 13.569  7.175   -10.777 1.00 32.18 ? 169 VAL A C   1 
ATOM   1194 O O   . VAL A 1 169 ? 14.779  6.960   -10.610 1.00 31.84 ? 169 VAL A O   1 
ATOM   1195 C CB  . VAL A 1 169 ? 12.088  8.132   -8.970  1.00 32.39 ? 169 VAL A CB  1 
ATOM   1196 C CG1 . VAL A 1 169 ? 12.936  7.325   -7.954  1.00 31.14 ? 169 VAL A CG1 1 
ATOM   1197 C CG2 . VAL A 1 169 ? 11.571  9.423   -8.330  1.00 31.70 ? 169 VAL A CG2 1 
ATOM   1198 N N   . LEU A 1 170 ? 12.751  6.337   -11.404 1.00 30.98 ? 170 LEU A N   1 
ATOM   1199 C CA  . LEU A 1 170 ? 13.166  5.029   -11.822 1.00 31.46 ? 170 LEU A CA  1 
ATOM   1200 C C   . LEU A 1 170 ? 14.049  5.045   -13.117 1.00 31.98 ? 170 LEU A C   1 
ATOM   1201 O O   . LEU A 1 170 ? 14.589  4.007   -13.524 1.00 31.89 ? 170 LEU A O   1 
ATOM   1202 C CB  . LEU A 1 170 ? 11.929  4.113   -11.888 1.00 31.16 ? 170 LEU A CB  1 
ATOM   1203 C CG  . LEU A 1 170 ? 11.210  3.979   -10.500 1.00 31.12 ? 170 LEU A CG  1 
ATOM   1204 C CD1 . LEU A 1 170 ? 9.823   3.316   -10.581 1.00 25.04 ? 170 LEU A CD1 1 
ATOM   1205 C CD2 . LEU A 1 170 ? 12.101  3.169   -9.544  1.00 31.32 ? 170 LEU A CD2 1 
ATOM   1206 N N   . ARG A 1 171 ? 14.213  6.234   -13.712 1.00 32.53 ? 171 ARG A N   1 
ATOM   1207 C CA  . ARG A 1 171 ? 15.174  6.473   -14.813 1.00 33.34 ? 171 ARG A CA  1 
ATOM   1208 C C   . ARG A 1 171 ? 16.589  6.682   -14.276 1.00 34.13 ? 171 ARG A C   1 
ATOM   1209 O O   . ARG A 1 171 ? 17.562  6.655   -15.050 1.00 35.29 ? 171 ARG A O   1 
ATOM   1210 C CB  . ARG A 1 171 ? 14.775  7.689   -15.663 1.00 32.34 ? 171 ARG A CB  1 
ATOM   1211 C CG  . ARG A 1 171 ? 13.619  7.456   -16.653 1.00 32.94 ? 171 ARG A CG  1 
ATOM   1212 C CD  . ARG A 1 171 ? 13.107  8.780   -17.248 1.00 36.48 ? 171 ARG A CD  1 
ATOM   1213 N NE  . ARG A 1 171 ? 14.222  9.675   -17.542 1.00 40.89 ? 171 ARG A NE  1 
ATOM   1214 C CZ  . ARG A 1 171 ? 14.177  11.012  -17.540 1.00 44.47 ? 171 ARG A CZ  1 
ATOM   1215 N NH1 . ARG A 1 171 ? 15.285  11.708  -17.834 1.00 43.64 ? 171 ARG A NH1 1 
ATOM   1216 N NH2 . ARG A 1 171 ? 13.047  11.658  -17.255 1.00 43.88 ? 171 ARG A NH2 1 
ATOM   1217 N N   . GLU A 1 172 ? 16.687  6.916   -12.967 1.00 34.37 ? 172 GLU A N   1 
ATOM   1218 C CA  . GLU A 1 172 ? 17.957  7.160   -12.278 1.00 34.83 ? 172 GLU A CA  1 
ATOM   1219 C C   . GLU A 1 172 ? 18.317  6.119   -11.230 1.00 34.64 ? 172 GLU A C   1 
ATOM   1220 O O   . GLU A 1 172 ? 19.499  5.915   -10.940 1.00 35.12 ? 172 GLU A O   1 
ATOM   1221 C CB  . GLU A 1 172 ? 18.004  8.577   -11.696 1.00 35.26 ? 172 GLU A CB  1 
ATOM   1222 C CG  . GLU A 1 172 ? 18.465  9.595   -12.771 1.00 37.57 ? 172 GLU A CG  1 
ATOM   1223 C CD  . GLU A 1 172 ? 18.847  10.948  -12.206 0.50 39.92 ? 172 GLU A CD  1 
ATOM   1224 O OE1 . GLU A 1 172 ? 18.240  11.372  -11.192 0.50 40.39 ? 172 GLU A OE1 1 
ATOM   1225 O OE2 . GLU A 1 172 ? 19.756  11.591  -12.788 0.50 40.61 ? 172 GLU A OE2 1 
ATOM   1226 N N   . ARG A 1 173 ? 17.321  5.440   -10.664 1.00 34.14 ? 173 ARG A N   1 
ATOM   1227 C CA  . ARG A 1 173 ? 17.618  4.412   -9.672  1.00 33.47 ? 173 ARG A CA  1 
ATOM   1228 C C   . ARG A 1 173 ? 16.797  3.161   -9.902  1.00 32.44 ? 173 ARG A C   1 
ATOM   1229 O O   . ARG A 1 173 ? 15.700  3.239   -10.442 1.00 31.48 ? 173 ARG A O   1 
ATOM   1230 C CB  . ARG A 1 173 ? 17.538  4.944   -8.238  1.00 34.08 ? 173 ARG A CB  1 
ATOM   1231 C CG  . ARG A 1 173 ? 16.525  6.019   -8.002  1.00 37.21 ? 173 ARG A CG  1 
ATOM   1232 C CD  . ARG A 1 173 ? 17.035  7.075   -7.012  1.00 43.25 ? 173 ARG A CD  1 
ATOM   1233 N NE  . ARG A 1 173 ? 15.942  7.473   -6.144  1.00 46.93 ? 173 ARG A NE  1 
ATOM   1234 C CZ  . ARG A 1 173 ? 15.902  8.558   -5.374  1.00 50.52 ? 173 ARG A CZ  1 
ATOM   1235 N NH1 . ARG A 1 173 ? 16.921  9.412   -5.318  1.00 51.98 ? 173 ARG A NH1 1 
ATOM   1236 N NH2 . ARG A 1 173 ? 14.815  8.778   -4.641  1.00 50.50 ? 173 ARG A NH2 1 
ATOM   1237 N N   . PRO A 1 174 ? 17.367  1.986   -9.553  1.00 31.80 ? 174 PRO A N   1 
ATOM   1238 C CA  . PRO A 1 174 ? 16.733  0.703   -9.849  1.00 31.82 ? 174 PRO A CA  1 
ATOM   1239 C C   . PRO A 1 174 ? 15.530  0.358   -8.935  1.00 31.85 ? 174 PRO A C   1 
ATOM   1240 O O   . PRO A 1 174 ? 14.685  -0.488  -9.298  1.00 31.98 ? 174 PRO A O   1 
ATOM   1241 C CB  . PRO A 1 174 ? 17.881  -0.298  -9.657  1.00 31.08 ? 174 PRO A CB  1 
ATOM   1242 C CG  . PRO A 1 174 ? 18.756  0.328   -8.660  1.00 31.36 ? 174 PRO A CG  1 
ATOM   1243 C CD  . PRO A 1 174 ? 18.719  1.806   -8.984  1.00 31.98 ? 174 PRO A CD  1 
ATOM   1244 N N   . TYR A 1 175 ? 15.480  0.981   -7.759  1.00 31.04 ? 175 TYR A N   1 
ATOM   1245 C CA  . TYR A 1 175 ? 14.349  0.817   -6.847  1.00 30.61 ? 175 TYR A CA  1 
ATOM   1246 C C   . TYR A 1 175 ? 13.937  2.213   -6.420  1.00 30.03 ? 175 TYR A C   1 
ATOM   1247 O O   . TYR A 1 175 ? 14.681  3.178   -6.643  1.00 29.98 ? 175 TYR A O   1 
ATOM   1248 C CB  . TYR A 1 175 ? 14.727  -0.061  -5.645  1.00 30.92 ? 175 TYR A CB  1 
ATOM   1249 C CG  . TYR A 1 175 ? 15.207  -1.469  -6.023  1.00 30.43 ? 175 TYR A CG  1 
ATOM   1250 C CD1 . TYR A 1 175 ? 16.573  -1.759  -6.162  1.00 29.41 ? 175 TYR A CD1 1 
ATOM   1251 C CD2 . TYR A 1 175 ? 14.297  -2.488  -6.263  1.00 31.13 ? 175 TYR A CD2 1 
ATOM   1252 C CE1 . TYR A 1 175 ? 17.017  -3.048  -6.524  1.00 31.36 ? 175 TYR A CE1 1 
ATOM   1253 C CE2 . TYR A 1 175 ? 14.719  -3.772  -6.606  1.00 31.78 ? 175 TYR A CE2 1 
ATOM   1254 C CZ  . TYR A 1 175 ? 16.082  -4.046  -6.739  1.00 33.71 ? 175 TYR A CZ  1 
ATOM   1255 O OH  . TYR A 1 175 ? 16.486  -5.336  -7.075  1.00 36.83 ? 175 TYR A OH  1 
ATOM   1256 N N   . VAL A 1 176 ? 12.751  2.343   -5.838  1.00 29.39 ? 176 VAL A N   1 
ATOM   1257 C CA  . VAL A 1 176 ? 12.197  3.684   -5.551  1.00 28.06 ? 176 VAL A CA  1 
ATOM   1258 C C   . VAL A 1 176 ? 13.044  4.573   -4.653  1.00 28.85 ? 176 VAL A C   1 
ATOM   1259 O O   . VAL A 1 176 ? 13.138  5.786   -4.888  1.00 28.12 ? 176 VAL A O   1 
ATOM   1260 C CB  . VAL A 1 176 ? 10.733  3.613   -5.011  1.00 28.16 ? 176 VAL A CB  1 
ATOM   1261 C CG1 . VAL A 1 176 ? 10.261  4.987   -4.524  1.00 24.57 ? 176 VAL A CG1 1 
ATOM   1262 C CG2 . VAL A 1 176 ? 9.806   3.079   -6.106  1.00 27.09 ? 176 VAL A CG2 1 
ATOM   1263 N N   . ALA A 1 177 ? 13.659  3.998   -3.621  1.00 29.86 ? 177 ALA A N   1 
ATOM   1264 C CA  . ALA A 1 177 ? 14.513  4.822   -2.737  1.00 31.84 ? 177 ALA A CA  1 
ATOM   1265 C C   . ALA A 1 177 ? 16.040  4.754   -3.030  1.00 32.60 ? 177 ALA A C   1 
ATOM   1266 O O   . ALA A 1 177 ? 16.835  5.383   -2.318  1.00 33.41 ? 177 ALA A O   1 
ATOM   1267 C CB  . ALA A 1 177 ? 14.203  4.539   -1.224  1.00 31.70 ? 177 ALA A CB  1 
ATOM   1268 N N   . GLY A 1 178 ? 16.439  4.010   -4.071  1.00 33.10 ? 178 GLY A N   1 
ATOM   1269 C CA  . GLY A 1 178 ? 17.850  3.974   -4.510  1.00 34.22 ? 178 GLY A CA  1 
ATOM   1270 C C   . GLY A 1 178 ? 18.341  2.635   -5.027  1.00 34.74 ? 178 GLY A C   1 
ATOM   1271 O O   . GLY A 1 178 ? 17.731  2.031   -5.922  1.00 34.80 ? 178 GLY A O   1 
ATOM   1272 N N   . ASP A 1 179 ? 19.438  2.151   -4.448  1.00 35.33 ? 179 ASP A N   1 
ATOM   1273 C CA  . ASP A 1 179 ? 20.064  0.896   -4.907  1.00 36.14 ? 179 ASP A CA  1 
ATOM   1274 C C   . ASP A 1 179 ? 19.458  -0.412  -4.368  1.00 35.68 ? 179 ASP A C   1 
ATOM   1275 O O   . ASP A 1 179 ? 19.787  -1.516  -4.851  1.00 36.10 ? 179 ASP A O   1 
ATOM   1276 C CB  . ASP A 1 179 ? 21.575  0.946   -4.650  1.00 37.04 ? 179 ASP A CB  1 
ATOM   1277 C CG  . ASP A 1 179 ? 22.280  1.921   -5.569  1.00 40.34 ? 179 ASP A CG  1 
ATOM   1278 O OD1 . ASP A 1 179 ? 21.907  1.993   -6.766  1.00 44.78 ? 179 ASP A OD1 1 
ATOM   1279 O OD2 . ASP A 1 179 ? 23.197  2.635   -5.104  1.00 45.16 ? 179 ASP A OD2 1 
ATOM   1280 N N   . SER A 1 180 ? 18.580  -0.310  -3.377  1.00 34.17 ? 180 SER A N   1 
ATOM   1281 C CA  . SER A 1 180 ? 17.982  -1.511  -2.766  1.00 33.29 ? 180 SER A CA  1 
ATOM   1282 C C   . SER A 1 180 ? 16.459  -1.408  -2.665  1.00 31.99 ? 180 SER A C   1 
ATOM   1283 O O   . SER A 1 180 ? 15.921  -0.309  -2.514  1.00 31.83 ? 180 SER A O   1 
ATOM   1284 C CB  . SER A 1 180 ? 18.572  -1.767  -1.360  1.00 32.98 ? 180 SER A CB  1 
ATOM   1285 O OG  . SER A 1 180 ? 19.972  -1.529  -1.348  1.00 35.62 ? 180 SER A OG  1 
ATOM   1286 N N   . PHE A 1 181 ? 15.801  -2.564  -2.705  1.00 31.04 ? 181 PHE A N   1 
ATOM   1287 C CA  . PHE A 1 181 ? 14.361  -2.709  -2.494  1.00 30.82 ? 181 PHE A CA  1 
ATOM   1288 C C   . PHE A 1 181 ? 13.997  -2.235  -1.077  1.00 30.76 ? 181 PHE A C   1 
ATOM   1289 O O   . PHE A 1 181 ? 14.749  -2.485  -0.120  1.00 30.63 ? 181 PHE A O   1 
ATOM   1290 C CB  . PHE A 1 181 ? 13.964  -4.176  -2.682  1.00 30.77 ? 181 PHE A CB  1 
ATOM   1291 C CG  . PHE A 1 181 ? 12.455  -4.449  -2.564  1.00 31.58 ? 181 PHE A CG  1 
ATOM   1292 C CD1 . PHE A 1 181 ? 11.618  -4.291  -3.663  1.00 27.59 ? 181 PHE A CD1 1 
ATOM   1293 C CD2 . PHE A 1 181 ? 11.902  -4.911  -1.362  1.00 30.21 ? 181 PHE A CD2 1 
ATOM   1294 C CE1 . PHE A 1 181 ? 10.254  -4.560  -3.581  1.00 28.28 ? 181 PHE A CE1 1 
ATOM   1295 C CE2 . PHE A 1 181 ? 10.552  -5.179  -1.266  1.00 29.68 ? 181 PHE A CE2 1 
ATOM   1296 C CZ  . PHE A 1 181 ? 9.722   -5.006  -2.377  1.00 31.05 ? 181 PHE A CZ  1 
ATOM   1297 N N   . SER A 1 182 ? 12.868  -1.531  -0.953  1.00 29.72 ? 182 SER A N   1 
ATOM   1298 C CA  . SER A 1 182 ? 12.435  -0.991  0.331   1.00 27.97 ? 182 SER A CA  1 
ATOM   1299 C C   . SER A 1 182 ? 10.911  -0.920  0.431   1.00 28.16 ? 182 SER A C   1 
ATOM   1300 O O   . SER A 1 182 ? 10.197  -1.220  -0.522  1.00 27.55 ? 182 SER A O   1 
ATOM   1301 C CB  . SER A 1 182 ? 13.041  0.386   0.573   1.00 28.42 ? 182 SER A CB  1 
ATOM   1302 O OG  . SER A 1 182 ? 12.433  1.406   -0.228  1.00 27.40 ? 182 SER A OG  1 
ATOM   1303 N N   . MET A 1 183 ? 10.435  -0.533  1.616   1.00 26.99 ? 183 MET A N   1 
ATOM   1304 C CA  . MET A 1 183 ? 9.042   -0.196  1.879   1.00 25.56 ? 183 MET A CA  1 
ATOM   1305 C C   . MET A 1 183 ? 8.480   0.697   0.784   1.00 25.27 ? 183 MET A C   1 
ATOM   1306 O O   . MET A 1 183 ? 7.331   0.533   0.397   1.00 25.37 ? 183 MET A O   1 
ATOM   1307 C CB  . MET A 1 183 ? 8.954   0.562   3.224   1.00 25.89 ? 183 MET A CB  1 
ATOM   1308 C CG  . MET A 1 183 ? 7.573   1.041   3.603   1.00 24.79 ? 183 MET A CG  1 
ATOM   1309 S SD  . MET A 1 183 ? 7.460   1.426   5.340   1.00 22.77 ? 183 MET A SD  1 
ATOM   1310 C CE  . MET A 1 183 ? 8.572   2.837   5.424   1.00 18.02 ? 183 MET A CE  1 
ATOM   1311 N N   . ALA A 1 184 ? 9.267   1.673   0.331   1.00 24.70 ? 184 ALA A N   1 
ATOM   1312 C CA  . ALA A 1 184 ? 8.788   2.602   -0.698  1.00 25.41 ? 184 ALA A CA  1 
ATOM   1313 C C   . ALA A 1 184 ? 8.423   1.946   -2.048  1.00 25.37 ? 184 ALA A C   1 
ATOM   1314 O O   . ALA A 1 184 ? 7.532   2.427   -2.736  1.00 25.69 ? 184 ALA A O   1 
ATOM   1315 C CB  . ALA A 1 184 ? 9.755   3.753   -0.886  1.00 24.54 ? 184 ALA A CB  1 
ATOM   1316 N N   . ASP A 1 185 ? 9.117   0.866   -2.429  1.00 25.05 ? 185 ASP A N   1 
ATOM   1317 C CA  . ASP A 1 185 ? 8.778   0.118   -3.634  1.00 24.29 ? 185 ASP A CA  1 
ATOM   1318 C C   . ASP A 1 185 ? 7.440   -0.565  -3.417  1.00 24.69 ? 185 ASP A C   1 
ATOM   1319 O O   . ASP A 1 185 ? 6.617   -0.648  -4.334  1.00 24.66 ? 185 ASP A O   1 
ATOM   1320 C CB  . ASP A 1 185 ? 9.820   -0.979  -3.899  1.00 24.58 ? 185 ASP A CB  1 
ATOM   1321 C CG  . ASP A 1 185 ? 11.149  -0.439  -4.234  1.00 25.96 ? 185 ASP A CG  1 
ATOM   1322 O OD1 . ASP A 1 185 ? 11.329  -0.016  -5.399  1.00 29.11 ? 185 ASP A OD1 1 
ATOM   1323 O OD2 . ASP A 1 185 ? 12.032  -0.429  -3.348  1.00 28.19 ? 185 ASP A OD2 1 
ATOM   1324 N N   . ILE A 1 186 ? 7.242   -1.113  -2.217  1.00 24.24 ? 186 ILE A N   1 
ATOM   1325 C CA  . ILE A 1 186 ? 5.971   -1.777  -1.896  1.00 24.15 ? 186 ILE A CA  1 
ATOM   1326 C C   . ILE A 1 186 ? 4.777   -0.819  -2.000  1.00 23.80 ? 186 ILE A C   1 
ATOM   1327 O O   . ILE A 1 186 ? 3.708   -1.210  -2.496  1.00 24.26 ? 186 ILE A O   1 
ATOM   1328 C CB  . ILE A 1 186 ? 6.015   -2.437  -0.496  1.00 24.93 ? 186 ILE A CB  1 
ATOM   1329 C CG1 . ILE A 1 186 ? 7.156   -3.471  -0.424  1.00 25.36 ? 186 ILE A CG1 1 
ATOM   1330 C CG2 . ILE A 1 186 ? 4.660   -3.100  -0.157  1.00 22.29 ? 186 ILE A CG2 1 
ATOM   1331 C CD1 . ILE A 1 186 ? 7.423   -3.970  1.014   1.00 27.16 ? 186 ILE A CD1 1 
ATOM   1332 N N   . THR A 1 187 ? 4.954   0.415   -1.527  1.00 23.13 ? 187 THR A N   1 
ATOM   1333 C CA  . THR A 1 187 ? 3.918   1.442   -1.626  1.00 23.53 ? 187 THR A CA  1 
ATOM   1334 C C   . THR A 1 187 ? 3.591   1.792   -3.103  1.00 23.93 ? 187 THR A C   1 
ATOM   1335 O O   . THR A 1 187 ? 2.412   1.904   -3.485  1.00 22.78 ? 187 THR A O   1 
ATOM   1336 C CB  . THR A 1 187 ? 4.288   2.699   -0.803  1.00 23.50 ? 187 THR A CB  1 
ATOM   1337 O OG1 . THR A 1 187 ? 4.653   2.269   0.518   1.00 22.45 ? 187 THR A OG1 1 
ATOM   1338 C CG2 . THR A 1 187 ? 3.074   3.667   -0.704  1.00 23.15 ? 187 THR A CG2 1 
ATOM   1339 N N   . VAL A 1 188 ? 4.630   1.912   -3.934  1.00 23.79 ? 188 VAL A N   1 
ATOM   1340 C CA  . VAL A 1 188 ? 4.396   2.187   -5.349  1.00 23.83 ? 188 VAL A CA  1 
ATOM   1341 C C   . VAL A 1 188 ? 3.735   0.971   -5.972  1.00 24.15 ? 188 VAL A C   1 
ATOM   1342 O O   . VAL A 1 188 ? 2.760   1.128   -6.719  1.00 24.62 ? 188 VAL A O   1 
ATOM   1343 C CB  . VAL A 1 188 ? 5.676   2.665   -6.104  1.00 24.59 ? 188 VAL A CB  1 
ATOM   1344 C CG1 . VAL A 1 188 ? 5.391   2.934   -7.642  1.00 24.01 ? 188 VAL A CG1 1 
ATOM   1345 C CG2 . VAL A 1 188 ? 6.223   3.912   -5.428  1.00 22.69 ? 188 VAL A CG2 1 
ATOM   1346 N N   . ILE A 1 189 ? 4.183   -0.235  -5.595  1.00 23.87 ? 189 ILE A N   1 
ATOM   1347 C CA  . ILE A 1 189 ? 3.549   -1.448  -6.084  1.00 24.08 ? 189 ILE A CA  1 
ATOM   1348 C C   . ILE A 1 189 ? 2.037   -1.433  -5.764  1.00 24.94 ? 189 ILE A C   1 
ATOM   1349 O O   . ILE A 1 189 ? 1.209   -1.680  -6.637  1.00 26.20 ? 189 ILE A O   1 
ATOM   1350 C CB  . ILE A 1 189 ? 4.196   -2.753  -5.504  1.00 24.22 ? 189 ILE A CB  1 
ATOM   1351 C CG1 . ILE A 1 189 ? 5.509   -3.088  -6.230  1.00 24.24 ? 189 ILE A CG1 1 
ATOM   1352 C CG2 . ILE A 1 189 ? 3.247   -3.921  -5.667  1.00 21.41 ? 189 ILE A CG2 1 
ATOM   1353 C CD1 . ILE A 1 189 ? 6.485   -3.933  -5.376  1.00 26.08 ? 189 ILE A CD1 1 
ATOM   1354 N N   . ALA A 1 190 ? 1.688   -1.153  -4.514  1.00 24.48 ? 190 ALA A N   1 
ATOM   1355 C CA  . ALA A 1 190 ? 0.283   -1.105  -4.131  1.00 24.88 ? 190 ALA A CA  1 
ATOM   1356 C C   . ALA A 1 190 ? -0.461  -0.005  -4.906  1.00 25.28 ? 190 ALA A C   1 
ATOM   1357 O O   . ALA A 1 190 ? -1.622  -0.181  -5.252  1.00 25.45 ? 190 ALA A O   1 
ATOM   1358 C CB  . ALA A 1 190 ? 0.146   -0.885  -2.626  1.00 25.09 ? 190 ALA A CB  1 
ATOM   1359 N N   . GLY A 1 191 ? 0.222   1.105   -5.187  1.00 25.39 ? 191 GLY A N   1 
ATOM   1360 C CA  . GLY A 1 191 ? -0.350  2.170   -6.010  1.00 26.75 ? 191 GLY A CA  1 
ATOM   1361 C C   . GLY A 1 191 ? -0.712  1.672   -7.408  1.00 27.26 ? 191 GLY A C   1 
ATOM   1362 O O   . GLY A 1 191 ? -1.768  2.017   -7.947  1.00 27.94 ? 191 GLY A O   1 
ATOM   1363 N N   . LEU A 1 192 ? 0.167   0.857   -8.001  1.00 27.84 ? 192 LEU A N   1 
ATOM   1364 C CA  . LEU A 1 192 ? -0.061  0.354   -9.365  1.00 27.73 ? 192 LEU A CA  1 
ATOM   1365 C C   . LEU A 1 192 ? -1.106  -0.747  -9.370  1.00 27.86 ? 192 LEU A C   1 
ATOM   1366 O O   . LEU A 1 192 ? -1.878  -0.876  -10.318 1.00 28.20 ? 192 LEU A O   1 
ATOM   1367 C CB  . LEU A 1 192 ? 1.256   -0.066  -10.052 1.00 26.96 ? 192 LEU A CB  1 
ATOM   1368 C CG  . LEU A 1 192 ? 2.208   1.103   -10.384 1.00 26.58 ? 192 LEU A CG  1 
ATOM   1369 C CD1 . LEU A 1 192 ? 3.391   0.660   -11.270 1.00 26.10 ? 192 LEU A CD1 1 
ATOM   1370 C CD2 . LEU A 1 192 ? 1.496   2.263   -11.056 1.00 23.45 ? 192 LEU A CD2 1 
ATOM   1371 N N   . ILE A 1 193 ? -1.160  -1.517  -8.293  1.00 27.76 ? 193 ILE A N   1 
ATOM   1372 C CA  . ILE A 1 193 ? -2.208  -2.516  -8.153  1.00 28.00 ? 193 ILE A CA  1 
ATOM   1373 C C   . ILE A 1 193 ? -3.592  -1.859  -8.119  1.00 28.79 ? 193 ILE A C   1 
ATOM   1374 O O   . ILE A 1 193 ? -4.547  -2.368  -8.699  1.00 29.37 ? 193 ILE A O   1 
ATOM   1375 C CB  . ILE A 1 193 ? -2.023  -3.320  -6.851  1.00 28.14 ? 193 ILE A CB  1 
ATOM   1376 C CG1 . ILE A 1 193 ? -0.794  -4.253  -6.956  1.00 28.58 ? 193 ILE A CG1 1 
ATOM   1377 C CG2 . ILE A 1 193 ? -3.283  -4.094  -6.526  1.00 26.73 ? 193 ILE A CG2 1 
ATOM   1378 C CD1 . ILE A 1 193 ? -0.632  -5.191  -5.751  1.00 28.00 ? 193 ILE A CD1 1 
ATOM   1379 N N   . PHE A 1 194 ? -3.704  -0.752  -7.387  1.00 28.52 ? 194 PHE A N   1 
ATOM   1380 C CA  . PHE A 1 194 ? -4.960  -0.035  -7.250  1.00 28.18 ? 194 PHE A CA  1 
ATOM   1381 C C   . PHE A 1 194 ? -5.300  0.661   -8.562  1.00 27.96 ? 194 PHE A C   1 
ATOM   1382 O O   . PHE A 1 194 ? -6.440  0.604   -8.987  1.00 28.19 ? 194 PHE A O   1 
ATOM   1383 C CB  . PHE A 1 194 ? -4.870  1.011   -6.123  1.00 27.86 ? 194 PHE A CB  1 
ATOM   1384 C CG  . PHE A 1 194 ? -6.154  1.217   -5.375  1.00 27.03 ? 194 PHE A CG  1 
ATOM   1385 C CD1 . PHE A 1 194 ? -7.389  1.095   -6.010  1.00 27.99 ? 194 PHE A CD1 1 
ATOM   1386 C CD2 . PHE A 1 194 ? -6.131  1.581   -4.034  1.00 26.33 ? 194 PHE A CD2 1 
ATOM   1387 C CE1 . PHE A 1 194 ? -8.591  1.297   -5.301  1.00 27.97 ? 194 PHE A CE1 1 
ATOM   1388 C CE2 . PHE A 1 194 ? -7.313  1.765   -3.320  1.00 26.53 ? 194 PHE A CE2 1 
ATOM   1389 C CZ  . PHE A 1 194 ? -8.549  1.626   -3.954  1.00 26.89 ? 194 PHE A CZ  1 
ATOM   1390 N N   . ALA A 1 195 ? -4.322  1.321   -9.185  1.00 27.73 ? 195 ALA A N   1 
ATOM   1391 C CA  . ALA A 1 195 ? -4.498  1.867   -10.545 1.00 28.61 ? 195 ALA A CA  1 
ATOM   1392 C C   . ALA A 1 195 ? -5.076  0.836   -11.522 1.00 28.96 ? 195 ALA A C   1 
ATOM   1393 O O   . ALA A 1 195 ? -5.921  1.195   -12.330 1.00 28.45 ? 195 ALA A O   1 
ATOM   1394 C CB  . ALA A 1 195 ? -3.215  2.415   -11.086 1.00 28.44 ? 195 ALA A CB  1 
ATOM   1395 N N   . ALA A 1 196 ? -4.632  -0.424  -11.435 1.00 29.27 ? 196 ALA A N   1 
ATOM   1396 C CA  . ALA A 1 196 ? -5.107  -1.472  -12.348 1.00 29.87 ? 196 ALA A CA  1 
ATOM   1397 C C   . ALA A 1 196 ? -6.548  -1.816  -12.057 1.00 30.44 ? 196 ALA A C   1 
ATOM   1398 O O   . ALA A 1 196 ? -7.307  -2.061  -12.986 1.00 30.41 ? 196 ALA A O   1 
ATOM   1399 C CB  . ALA A 1 196 ? -4.207  -2.764  -12.290 1.00 29.75 ? 196 ALA A CB  1 
ATOM   1400 N N   . ILE A 1 197 ? -6.911  -1.851  -10.767 1.00 30.57 ? 197 ILE A N   1 
ATOM   1401 C CA  . ILE A 1 197 ? -8.278  -2.100  -10.341 1.00 30.51 ? 197 ILE A CA  1 
ATOM   1402 C C   . ILE A 1 197 ? -9.279  -1.092  -10.948 1.00 31.47 ? 197 ILE A C   1 
ATOM   1403 O O   . ILE A 1 197 ? -10.374 -1.497  -11.408 1.00 32.62 ? 197 ILE A O   1 
ATOM   1404 C CB  . ILE A 1 197 ? -8.390  -2.134  -8.789  1.00 30.92 ? 197 ILE A CB  1 
ATOM   1405 C CG1 . ILE A 1 197 ? -7.766  -3.426  -8.209  1.00 30.10 ? 197 ILE A CG1 1 
ATOM   1406 C CG2 . ILE A 1 197 ? -9.827  -2.007  -8.313  1.00 28.82 ? 197 ILE A CG2 1 
ATOM   1407 C CD1 . ILE A 1 197 ? -7.460  -3.304  -6.705  1.00 27.18 ? 197 ILE A CD1 1 
ATOM   1408 N N   . VAL A 1 198 ? -8.906  0.189   -10.973 1.00 30.40 ? 198 VAL A N   1 
ATOM   1409 C CA  . VAL A 1 198 ? -9.767  1.265   -11.492 1.00 29.95 ? 198 VAL A CA  1 
ATOM   1410 C C   . VAL A 1 198 ? -9.451  1.590   -12.953 1.00 30.78 ? 198 VAL A C   1 
ATOM   1411 O O   . VAL A 1 198 ? -9.923  2.595   -13.492 1.00 30.35 ? 198 VAL A O   1 
ATOM   1412 C CB  . VAL A 1 198 ? -9.641  2.560   -10.628 1.00 29.91 ? 198 VAL A CB  1 
ATOM   1413 C CG1 . VAL A 1 198 ? -10.107 2.317   -9.196  1.00 28.63 ? 198 VAL A CG1 1 
ATOM   1414 C CG2 . VAL A 1 198 ? -8.219  3.081   -10.642 1.00 26.63 ? 198 VAL A CG2 1 
ATOM   1415 N N   . LYS A 1 199 ? -8.627  0.747   -13.583 1.00 31.72 ? 199 LYS A N   1 
ATOM   1416 C CA  . LYS A 1 199 ? -8.235  0.908   -15.000 1.00 32.89 ? 199 LYS A CA  1 
ATOM   1417 C C   . LYS A 1 199 ? -7.618  2.288   -15.300 1.00 33.80 ? 199 LYS A C   1 
ATOM   1418 O O   . LYS A 1 199 ? -7.827  2.875   -16.393 1.00 34.65 ? 199 LYS A O   1 
ATOM   1419 C CB  . LYS A 1 199 ? -9.411  0.598   -15.964 1.00 33.40 ? 199 LYS A CB  1 
ATOM   1420 C CG  . LYS A 1 199 ? -10.153 -0.739  -15.710 1.00 33.38 ? 199 LYS A CG  1 
ATOM   1421 C CD  . LYS A 1 199 ? -9.213  -1.934  -15.946 1.00 34.79 ? 199 LYS A CD  1 
ATOM   1422 C CE  . LYS A 1 199 ? -9.809  -3.248  -15.483 1.00 34.47 ? 199 LYS A CE  1 
ATOM   1423 N NZ  . LYS A 1 199 ? -9.763  -3.445  -13.980 1.00 31.59 ? 199 LYS A NZ  1 
ATOM   1424 N N   . LEU A 1 200 ? -6.868  2.814   -14.332 1.00 33.41 ? 200 LEU A N   1 
ATOM   1425 C CA  . LEU A 1 200 ? -6.123  4.035   -14.581 1.00 34.35 ? 200 LEU A CA  1 
ATOM   1426 C C   . LEU A 1 200 ? -4.809  3.614   -15.205 1.00 34.97 ? 200 LEU A C   1 
ATOM   1427 O O   . LEU A 1 200 ? -3.955  3.008   -14.546 1.00 34.32 ? 200 LEU A O   1 
ATOM   1428 C CB  . LEU A 1 200 ? -5.879  4.846   -13.303 1.00 34.48 ? 200 LEU A CB  1 
ATOM   1429 C CG  . LEU A 1 200 ? -5.133  6.146   -13.545 1.00 36.15 ? 200 LEU A CG  1 
ATOM   1430 C CD1 . LEU A 1 200 ? -5.978  7.117   -14.387 1.00 36.74 ? 200 LEU A CD1 1 
ATOM   1431 C CD2 . LEU A 1 200 ? -4.732  6.773   -12.209 1.00 38.17 ? 200 LEU A CD2 1 
ATOM   1432 N N   . GLN A 1 201 ? -4.661  3.929   -16.481 1.00 34.75 ? 201 GLN A N   1 
ATOM   1433 C CA  . GLN A 1 201 ? -3.585  3.360   -17.250 1.00 36.27 ? 201 GLN A CA  1 
ATOM   1434 C C   . GLN A 1 201 ? -2.279  4.090   -16.980 1.00 35.09 ? 201 GLN A C   1 
ATOM   1435 O O   . GLN A 1 201 ? -2.239  5.320   -16.942 1.00 34.59 ? 201 GLN A O   1 
ATOM   1436 C CB  . GLN A 1 201 ? -3.924  3.399   -18.752 1.00 36.20 ? 201 GLN A CB  1 
ATOM   1437 C CG  . GLN A 1 201 ? -3.605  2.084   -19.471 1.00 40.42 ? 201 GLN A CG  1 
ATOM   1438 C CD  . GLN A 1 201 ? -3.731  2.201   -20.987 0.50 42.02 ? 201 GLN A CD  1 
ATOM   1439 O OE1 . GLN A 1 201 ? -4.775  1.883   -21.557 0.50 42.22 ? 201 GLN A OE1 1 
ATOM   1440 N NE2 . GLN A 1 201 ? -2.670  2.682   -21.639 1.00 43.07 ? 201 GLN A NE2 1 
ATOM   1441 N N   . VAL A 1 202 ? -1.219  3.324   -16.794 1.00 34.77 ? 202 VAL A N   1 
ATOM   1442 C CA  . VAL A 1 202 ? 0.109   3.897   -16.796 1.00 35.13 ? 202 VAL A CA  1 
ATOM   1443 C C   . VAL A 1 202 ? 0.415   4.369   -18.228 1.00 35.93 ? 202 VAL A C   1 
ATOM   1444 O O   . VAL A 1 202 ? 0.290   3.585   -19.177 1.00 35.86 ? 202 VAL A O   1 
ATOM   1445 C CB  . VAL A 1 202 ? 1.173   2.895   -16.303 1.00 35.13 ? 202 VAL A CB  1 
ATOM   1446 C CG1 . VAL A 1 202 ? 2.532   3.567   -16.264 1.00 34.55 ? 202 VAL A CG1 1 
ATOM   1447 C CG2 . VAL A 1 202 ? 0.799   2.336   -14.911 1.00 34.20 ? 202 VAL A CG2 1 
ATOM   1448 N N   . PRO A 1 203 ? 0.781   5.652   -18.396 1.00 36.26 ? 203 PRO A N   1 
ATOM   1449 C CA  . PRO A 1 203 ? 1.043   6.118   -19.745 1.00 37.45 ? 203 PRO A CA  1 
ATOM   1450 C C   . PRO A 1 203 ? 2.176   5.346   -20.422 1.00 38.97 ? 203 PRO A C   1 
ATOM   1451 O O   . PRO A 1 203 ? 3.139   4.895   -19.747 1.00 38.96 ? 203 PRO A O   1 
ATOM   1452 C CB  . PRO A 1 203 ? 1.399   7.591   -19.545 1.00 37.16 ? 203 PRO A CB  1 
ATOM   1453 C CG  . PRO A 1 203 ? 0.706   7.968   -18.289 1.00 36.44 ? 203 PRO A CG  1 
ATOM   1454 C CD  . PRO A 1 203 ? 0.872   6.753   -17.421 1.00 36.37 ? 203 PRO A CD  1 
ATOM   1455 N N   . GLU A 1 204 ? 2.030   5.167   -21.735 1.00 39.85 ? 204 GLU A N   1 
ATOM   1456 C CA  . GLU A 1 204 ? 2.994   4.430   -22.562 1.00 41.30 ? 204 GLU A CA  1 
ATOM   1457 C C   . GLU A 1 204 ? 4.402   4.950   -22.330 1.00 40.39 ? 204 GLU A C   1 
ATOM   1458 O O   . GLU A 1 204 ? 5.338   4.168   -22.189 1.00 40.79 ? 204 GLU A O   1 
ATOM   1459 C CB  . GLU A 1 204 ? 2.635   4.561   -24.060 1.00 42.31 ? 204 GLU A CB  1 
ATOM   1460 C CG  . GLU A 1 204 ? 3.663   3.922   -25.036 1.00 47.51 ? 204 GLU A CG  1 
ATOM   1461 C CD  . GLU A 1 204 ? 4.757   4.890   -25.546 1.00 54.99 ? 204 GLU A CD  1 
ATOM   1462 O OE1 . GLU A 1 204 ? 4.484   6.109   -25.684 1.00 58.18 ? 204 GLU A OE1 1 
ATOM   1463 O OE2 . GLU A 1 204 ? 5.897   4.425   -25.833 1.00 58.24 ? 204 GLU A OE2 1 
ATOM   1464 N N   . GLU A 1 205 ? 4.528   6.275   -22.286 1.00 39.53 ? 205 GLU A N   1 
ATOM   1465 C CA  . GLU A 1 205 ? 5.815   6.954   -22.165 1.00 39.15 ? 205 GLU A CA  1 
ATOM   1466 C C   . GLU A 1 205 ? 6.518   6.757   -20.830 1.00 38.01 ? 205 GLU A C   1 
ATOM   1467 O O   . GLU A 1 205 ? 7.688   7.094   -20.711 1.00 37.65 ? 205 GLU A O   1 
ATOM   1468 C CB  . GLU A 1 205 ? 5.670   8.451   -22.426 1.00 39.65 ? 205 GLU A CB  1 
ATOM   1469 C CG  . GLU A 1 205 ? 4.825   9.184   -21.394 1.00 42.14 ? 205 GLU A CG  1 
ATOM   1470 C CD  . GLU A 1 205 ? 3.454   9.583   -21.923 1.00 45.57 ? 205 GLU A CD  1 
ATOM   1471 O OE1 . GLU A 1 205 ? 2.718   8.715   -22.447 1.00 46.23 ? 205 GLU A OE1 1 
ATOM   1472 O OE2 . GLU A 1 205 ? 3.117   10.781  -21.805 1.00 47.09 ? 205 GLU A OE2 1 
ATOM   1473 N N   . CYS A 1 206 ? 5.821   6.207   -19.836 1.00 37.16 ? 206 CYS A N   1 
ATOM   1474 C CA  . CYS A 1 206 ? 6.454   5.940   -18.536 1.00 36.23 ? 206 CYS A CA  1 
ATOM   1475 C C   . CYS A 1 206 ? 7.180   4.600   -18.576 1.00 35.88 ? 206 CYS A C   1 
ATOM   1476 O O   . CYS A 1 206 ? 6.745   3.622   -17.930 1.00 35.92 ? 206 CYS A O   1 
ATOM   1477 C CB  . CYS A 1 206 ? 5.425   6.007   -17.391 1.00 35.79 ? 206 CYS A CB  1 
ATOM   1478 S SG  . CYS A 1 206 ? 4.855   7.692   -17.166 1.00 34.19 ? 206 CYS A SG  1 
ATOM   1479 N N   . GLU A 1 207 ? 8.294   4.566   -19.321 1.00 34.48 ? 207 GLU A N   1 
ATOM   1480 C CA  . GLU A 1 207 ? 8.973   3.293   -19.634 1.00 34.60 ? 207 GLU A CA  1 
ATOM   1481 C C   . GLU A 1 207 ? 9.757   2.735   -18.449 1.00 33.30 ? 207 GLU A C   1 
ATOM   1482 O O   . GLU A 1 207 ? 9.850   1.515   -18.276 1.00 33.79 ? 207 GLU A O   1 
ATOM   1483 C CB  . GLU A 1 207 ? 9.896   3.405   -20.871 1.00 34.33 ? 207 GLU A CB  1 
ATOM   1484 C CG  . GLU A 1 207 ? 9.245   3.947   -22.137 1.00 37.84 ? 207 GLU A CG  1 
ATOM   1485 C CD  . GLU A 1 207 ? 8.721   2.854   -23.048 1.00 43.06 ? 207 GLU A CD  1 
ATOM   1486 O OE1 . GLU A 1 207 ? 8.489   3.151   -24.257 1.00 43.57 ? 207 GLU A OE1 1 
ATOM   1487 O OE2 . GLU A 1 207 ? 8.556   1.703   -22.553 1.00 45.56 ? 207 GLU A OE2 1 
ATOM   1488 N N   . ALA A 1 208 ? 10.306  3.627   -17.636 1.00 32.67 ? 208 ALA A N   1 
ATOM   1489 C CA  . ALA A 1 208 ? 11.095  3.220   -16.458 1.00 32.71 ? 208 ALA A CA  1 
ATOM   1490 C C   . ALA A 1 208 ? 10.187  2.680   -15.361 1.00 32.34 ? 208 ALA A C   1 
ATOM   1491 O O   . ALA A 1 208 ? 10.515  1.673   -14.717 1.00 32.18 ? 208 ALA A O   1 
ATOM   1492 C CB  . ALA A 1 208 ? 11.944  4.374   -15.945 1.00 32.08 ? 208 ALA A CB  1 
ATOM   1493 N N   . LEU A 1 209 ? 9.043   3.339   -15.171 1.00 32.68 ? 209 LEU A N   1 
ATOM   1494 C CA  . LEU A 1 209 ? 8.032   2.860   -14.227 1.00 33.11 ? 209 LEU A CA  1 
ATOM   1495 C C   . LEU A 1 209 ? 7.520   1.516   -14.684 1.00 33.31 ? 209 LEU A C   1 
ATOM   1496 O O   . LEU A 1 209 ? 7.365   0.623   -13.863 1.00 33.23 ? 209 LEU A O   1 
ATOM   1497 C CB  . LEU A 1 209 ? 6.863   3.859   -14.040 1.00 32.64 ? 209 LEU A CB  1 
ATOM   1498 C CG  . LEU A 1 209 ? 5.831   3.540   -12.919 1.00 34.11 ? 209 LEU A CG  1 
ATOM   1499 C CD1 . LEU A 1 209 ? 6.491   3.361   -11.526 1.00 30.02 ? 209 LEU A CD1 1 
ATOM   1500 C CD2 . LEU A 1 209 ? 4.718   4.606   -12.829 1.00 31.66 ? 209 LEU A CD2 1 
ATOM   1501 N N   . ARG A 1 210 ? 7.269   1.371   -15.988 1.00 34.21 ? 210 ARG A N   1 
ATOM   1502 C CA  . ARG A 1 210 ? 6.789   0.101   -16.556 1.00 35.69 ? 210 ARG A CA  1 
ATOM   1503 C C   . ARG A 1 210 ? 7.830   -1.010  -16.420 1.00 35.76 ? 210 ARG A C   1 
ATOM   1504 O O   . ARG A 1 210 ? 7.494   -2.134  -16.074 1.00 36.76 ? 210 ARG A O   1 
ATOM   1505 C CB  . ARG A 1 210 ? 6.399   0.249   -18.032 1.00 35.95 ? 210 ARG A CB  1 
ATOM   1506 C CG  . ARG A 1 210 ? 5.085   1.004   -18.263 1.00 39.96 ? 210 ARG A CG  1 
ATOM   1507 C CD  . ARG A 1 210 ? 4.724   1.049   -19.755 1.00 44.33 ? 210 ARG A CD  1 
ATOM   1508 N NE  . ARG A 1 210 ? 3.395   1.622   -20.026 1.00 48.74 ? 210 ARG A NE  1 
ATOM   1509 C CZ  . ARG A 1 210 ? 2.235   0.960   -19.938 1.00 49.29 ? 210 ARG A CZ  1 
ATOM   1510 N NH1 . ARG A 1 210 ? 2.205   -0.312  -19.547 1.00 50.79 ? 210 ARG A NH1 1 
ATOM   1511 N NH2 . ARG A 1 210 ? 1.097   1.574   -20.227 0.50 47.38 ? 210 ARG A NH2 1 
ATOM   1512 N N   . ALA A 1 211 ? 9.095   -0.689  -16.681 1.00 35.77 ? 211 ALA A N   1 
ATOM   1513 C CA  . ALA A 1 211 ? 10.176  -1.685  -16.596 1.00 35.35 ? 211 ALA A CA  1 
ATOM   1514 C C   . ALA A 1 211 ? 10.365  -2.137  -15.138 1.00 34.74 ? 211 ALA A C   1 
ATOM   1515 O O   . ALA A 1 211 ? 10.416  -3.328  -14.836 1.00 34.78 ? 211 ALA A O   1 
ATOM   1516 C CB  . ALA A 1 211 ? 11.444  -1.091  -17.146 1.00 34.96 ? 211 ALA A CB  1 
ATOM   1517 N N   . TRP A 1 212 ? 10.412  -1.177  -14.225 1.00 34.27 ? 212 TRP A N   1 
ATOM   1518 C CA  . TRP A 1 212 ? 10.486  -1.490  -12.789 1.00 33.05 ? 212 TRP A CA  1 
ATOM   1519 C C   . TRP A 1 212 ? 9.320   -2.365  -12.334 1.00 33.19 ? 212 TRP A C   1 
ATOM   1520 O O   . TRP A 1 212 ? 9.510   -3.336  -11.588 1.00 32.62 ? 212 TRP A O   1 
ATOM   1521 C CB  . TRP A 1 212 ? 10.548  -0.184  -12.009 1.00 33.05 ? 212 TRP A CB  1 
ATOM   1522 C CG  . TRP A 1 212 ? 10.265  -0.257  -10.544 1.00 31.32 ? 212 TRP A CG  1 
ATOM   1523 C CD1 . TRP A 1 212 ? 11.192  -0.297  -9.530  1.00 30.10 ? 212 TRP A CD1 1 
ATOM   1524 C CD2 . TRP A 1 212 ? 8.984   -0.233  -9.921  1.00 29.85 ? 212 TRP A CD2 1 
ATOM   1525 N NE1 . TRP A 1 212 ? 10.558  -0.308  -8.314  1.00 29.80 ? 212 TRP A NE1 1 
ATOM   1526 C CE2 . TRP A 1 212 ? 9.202   -0.280  -8.518  1.00 30.24 ? 212 TRP A CE2 1 
ATOM   1527 C CE3 . TRP A 1 212 ? 7.667   -0.175  -10.401 1.00 29.51 ? 212 TRP A CE3 1 
ATOM   1528 C CZ2 . TRP A 1 212 ? 8.150   -0.293  -7.593  1.00 27.93 ? 212 TRP A CZ2 1 
ATOM   1529 C CZ3 . TRP A 1 212 ? 6.611   -0.193  -9.471  1.00 30.58 ? 212 TRP A CZ3 1 
ATOM   1530 C CH2 . TRP A 1 212 ? 6.865   -0.245  -8.090  1.00 29.21 ? 212 TRP A CH2 1 
ATOM   1531 N N   . TYR A 1 213 ? 8.115   -2.047  -12.788 1.00 33.47 ? 213 TYR A N   1 
ATOM   1532 C CA  . TYR A 1 213 ? 6.967   -2.794  -12.303 1.00 34.97 ? 213 TYR A CA  1 
ATOM   1533 C C   . TYR A 1 213 ? 7.062   -4.237  -12.769 1.00 36.10 ? 213 TYR A C   1 
ATOM   1534 O O   . TYR A 1 213 ? 6.794   -5.186  -12.013 1.00 35.78 ? 213 TYR A O   1 
ATOM   1535 C CB  . TYR A 1 213 ? 5.633   -2.151  -12.735 1.00 34.80 ? 213 TYR A CB  1 
ATOM   1536 C CG  . TYR A 1 213 ? 4.440   -2.758  -12.033 1.00 34.53 ? 213 TYR A CG  1 
ATOM   1537 C CD1 . TYR A 1 213 ? 4.423   -2.896  -10.647 1.00 35.06 ? 213 TYR A CD1 1 
ATOM   1538 C CD2 . TYR A 1 213 ? 3.328   -3.182  -12.743 1.00 37.26 ? 213 TYR A CD2 1 
ATOM   1539 C CE1 . TYR A 1 213 ? 3.343   -3.466  -9.986  1.00 35.57 ? 213 TYR A CE1 1 
ATOM   1540 C CE2 . TYR A 1 213 ? 2.229   -3.740  -12.083 1.00 37.63 ? 213 TYR A CE2 1 
ATOM   1541 C CZ  . TYR A 1 213 ? 2.255   -3.871  -10.700 1.00 36.24 ? 213 TYR A CZ  1 
ATOM   1542 O OH  . TYR A 1 213 ? 1.186   -4.414  -10.033 1.00 37.92 ? 213 TYR A OH  1 
ATOM   1543 N N   . LYS A 1 214 ? 7.483   -4.387  -14.024 1.00 37.47 ? 214 LYS A N   1 
ATOM   1544 C CA  . LYS A 1 214 ? 7.659   -5.708  -14.625 1.00 38.56 ? 214 LYS A CA  1 
ATOM   1545 C C   . LYS A 1 214 ? 8.654   -6.561  -13.833 1.00 37.77 ? 214 LYS A C   1 
ATOM   1546 O O   . LYS A 1 214 ? 8.353   -7.709  -13.513 1.00 38.40 ? 214 LYS A O   1 
ATOM   1547 C CB  . LYS A 1 214 ? 7.970   -5.574  -16.132 1.00 39.46 ? 214 LYS A CB  1 
ATOM   1548 C CG  . LYS A 1 214 ? 6.680   -5.702  -16.962 1.00 42.63 ? 214 LYS A CG  1 
ATOM   1549 C CD  . LYS A 1 214 ? 6.527   -4.637  -18.053 1.00 49.04 ? 214 LYS A CD  1 
ATOM   1550 C CE  . LYS A 1 214 ? 5.108   -4.678  -18.668 1.00 51.05 ? 214 LYS A CE  1 
ATOM   1551 N NZ  . LYS A 1 214 ? 4.751   -3.361  -19.354 1.00 54.26 ? 214 LYS A NZ  1 
ATOM   1552 N N   . ARG A 1 215 ? 9.783   -5.970  -13.443 1.00 37.45 ? 215 ARG A N   1 
ATOM   1553 C CA  . ARG A 1 215 ? 10.673  -6.563  -12.423 1.00 37.48 ? 215 ARG A CA  1 
ATOM   1554 C C   . ARG A 1 215 ? 9.985   -6.886  -11.095 1.00 37.64 ? 215 ARG A C   1 
ATOM   1555 O O   . ARG A 1 215 ? 10.108  -8.005  -10.588 1.00 36.89 ? 215 ARG A O   1 
ATOM   1556 C CB  . ARG A 1 215 ? 11.806  -5.618  -12.096 1.00 37.26 ? 215 ARG A CB  1 
ATOM   1557 C CG  . ARG A 1 215 ? 12.870  -5.558  -13.134 1.00 38.91 ? 215 ARG A CG  1 
ATOM   1558 C CD  . ARG A 1 215 ? 14.098  -5.005  -12.490 1.00 39.67 ? 215 ARG A CD  1 
ATOM   1559 N NE  . ARG A 1 215 ? 14.146  -3.553  -12.561 1.00 39.62 ? 215 ARG A NE  1 
ATOM   1560 C CZ  . ARG A 1 215 ? 14.446  -2.763  -11.538 1.00 38.37 ? 215 ARG A CZ  1 
ATOM   1561 N NH1 . ARG A 1 215 ? 14.722  -3.267  -10.333 1.00 37.58 ? 215 ARG A NH1 1 
ATOM   1562 N NH2 . ARG A 1 215 ? 14.483  -1.460  -11.732 1.00 37.19 ? 215 ARG A NH2 1 
ATOM   1563 N N   . MET A 1 216 ? 9.276   -5.895  -10.523 1.00 36.97 ? 216 MET A N   1 
ATOM   1564 C CA  . MET A 1 216 ? 8.613   -6.088  -9.231  1.00 36.14 ? 216 MET A CA  1 
ATOM   1565 C C   . MET A 1 216 ? 7.694   -7.287  -9.305  1.00 36.77 ? 216 MET A C   1 
ATOM   1566 O O   . MET A 1 216 ? 7.597   -8.069  -8.357  1.00 35.93 ? 216 MET A O   1 
ATOM   1567 C CB  . MET A 1 216 ? 7.817   -4.844  -8.827  1.00 35.70 ? 216 MET A CB  1 
ATOM   1568 C CG  . MET A 1 216 ? 8.647   -3.615  -8.482  1.00 33.02 ? 216 MET A CG  1 
ATOM   1569 S SD  . MET A 1 216 ? 9.925   -3.896  -7.230  1.00 31.33 ? 216 MET A SD  1 
ATOM   1570 C CE  . MET A 1 216 ? 11.400  -4.050  -8.271  1.00 32.95 ? 216 MET A CE  1 
ATOM   1571 N N   . GLN A 1 217 ? 7.033   -7.419  -10.452 1.00 38.26 ? 217 GLN A N   1 
ATOM   1572 C CA  . GLN A 1 217 ? 6.111   -8.515  -10.718 1.00 40.47 ? 217 GLN A CA  1 
ATOM   1573 C C   . GLN A 1 217 ? 6.762   -9.905  -10.665 1.00 41.46 ? 217 GLN A C   1 
ATOM   1574 O O   . GLN A 1 217 ? 6.061   -10.909 -10.650 1.00 41.53 ? 217 GLN A O   1 
ATOM   1575 C CB  . GLN A 1 217 ? 5.417   -8.301  -12.072 1.00 40.70 ? 217 GLN A CB  1 
ATOM   1576 C CG  . GLN A 1 217 ? 4.294   -7.262  -11.960 1.00 43.09 ? 217 GLN A CG  1 
ATOM   1577 C CD  . GLN A 1 217 ? 3.331   -7.242  -13.132 1.00 46.20 ? 217 GLN A CD  1 
ATOM   1578 O OE1 . GLN A 1 217 ? 2.133   -7.484  -12.961 1.00 49.30 ? 217 GLN A OE1 1 
ATOM   1579 N NE2 . GLN A 1 217 ? 3.836   -6.926  -14.322 1.00 45.41 ? 217 GLN A NE2 1 
ATOM   1580 N N   . GLN A 1 218 ? 8.094   -9.946  -10.616 1.00 42.08 ? 218 GLN A N   1 
ATOM   1581 C CA  . GLN A 1 218 ? 8.822   -11.201 -10.587 1.00 43.06 ? 218 GLN A CA  1 
ATOM   1582 C C   . GLN A 1 218 ? 9.284   -11.599 -9.188  1.00 43.41 ? 218 GLN A C   1 
ATOM   1583 O O   . GLN A 1 218 ? 9.485   -12.788 -8.934  1.00 43.55 ? 218 GLN A O   1 
ATOM   1584 C CB  . GLN A 1 218 ? 9.989   -11.179 -11.585 1.00 43.08 ? 218 GLN A CB  1 
ATOM   1585 C CG  . GLN A 1 218 ? 9.532   -11.086 -13.050 1.00 44.69 ? 218 GLN A CG  1 
ATOM   1586 C CD  . GLN A 1 218 ? 8.468   -12.139 -13.405 1.00 49.26 ? 218 GLN A CD  1 
ATOM   1587 O OE1 . GLN A 1 218 ? 8.638   -13.337 -13.124 1.00 50.35 ? 218 GLN A OE1 1 
ATOM   1588 N NE2 . GLN A 1 218 ? 7.363   -11.693 -14.021 1.00 48.81 ? 218 GLN A NE2 1 
ATOM   1589 N N   . ARG A 1 219 ? 9.431   -10.622 -8.282  1.00 43.08 ? 219 ARG A N   1 
ATOM   1590 C CA  . ARG A 1 219 ? 9.725   -10.915 -6.884  1.00 42.81 ? 219 ARG A CA  1 
ATOM   1591 C C   . ARG A 1 219 ? 8.713   -11.899 -6.281  1.00 43.32 ? 219 ARG A C   1 
ATOM   1592 O O   . ARG A 1 219 ? 7.492   -11.746 -6.468  1.00 42.99 ? 219 ARG A O   1 
ATOM   1593 C CB  . ARG A 1 219 ? 9.771   -9.647  -6.038  1.00 42.65 ? 219 ARG A CB  1 
ATOM   1594 C CG  . ARG A 1 219 ? 10.824  -8.650  -6.436  1.00 40.93 ? 219 ARG A CG  1 
ATOM   1595 C CD  . ARG A 1 219 ? 10.911  -7.524  -5.396  1.00 38.02 ? 219 ARG A CD  1 
ATOM   1596 N NE  . ARG A 1 219 ? 11.532  -7.923  -4.127  1.00 38.08 ? 219 ARG A NE  1 
ATOM   1597 C CZ  . ARG A 1 219 ? 12.807  -7.695  -3.790  1.00 37.63 ? 219 ARG A CZ  1 
ATOM   1598 N NH1 . ARG A 1 219 ? 13.628  -7.089  -4.637  1.00 36.50 ? 219 ARG A NH1 1 
ATOM   1599 N NH2 . ARG A 1 219 ? 13.280  -8.097  -2.610  1.00 33.77 ? 219 ARG A NH2 1 
ATOM   1600 N N   . PRO A 1 220 ? 9.223   -12.917 -5.559  1.00 43.95 ? 220 PRO A N   1 
ATOM   1601 C CA  . PRO A 1 220 ? 8.391   -13.957 -4.952  1.00 44.63 ? 220 PRO A CA  1 
ATOM   1602 C C   . PRO A 1 220 ? 7.287   -13.386 -4.056  1.00 45.36 ? 220 PRO A C   1 
ATOM   1603 O O   . PRO A 1 220 ? 6.157   -13.898 -4.057  1.00 45.26 ? 220 PRO A O   1 
ATOM   1604 C CB  . PRO A 1 220 ? 9.389   -14.767 -4.116  1.00 44.39 ? 220 PRO A CB  1 
ATOM   1605 C CG  . PRO A 1 220 ? 10.704  -14.581 -4.799  1.00 44.78 ? 220 PRO A CG  1 
ATOM   1606 C CD  . PRO A 1 220 ? 10.670  -13.179 -5.370  1.00 44.26 ? 220 PRO A CD  1 
ATOM   1607 N N   . SER A 1 221 ? 7.620   -12.341 -3.300  1.00 45.91 ? 221 SER A N   1 
ATOM   1608 C CA  . SER A 1 221 ? 6.664   -11.726 -2.382  1.00 46.75 ? 221 SER A CA  1 
ATOM   1609 C C   . SER A 1 221 ? 5.485   -11.165 -3.164  1.00 47.73 ? 221 SER A C   1 
ATOM   1610 O O   . SER A 1 221 ? 4.326   -11.363 -2.790  1.00 47.97 ? 221 SER A O   1 
ATOM   1611 C CB  . SER A 1 221 ? 7.339   -10.622 -1.567  1.00 46.31 ? 221 SER A CB  1 
ATOM   1612 O OG  . SER A 1 221 ? 7.802   -9.580  -2.408  1.00 43.92 ? 221 SER A OG  1 
ATOM   1613 N N   . VAL A 1 222 ? 5.793   -10.486 -4.264  1.00 48.82 ? 222 VAL A N   1 
ATOM   1614 C CA  . VAL A 1 222 ? 4.774   -9.902  -5.126  1.00 50.21 ? 222 VAL A CA  1 
ATOM   1615 C C   . VAL A 1 222 ? 4.084   -10.965 -5.980  1.00 51.62 ? 222 VAL A C   1 
ATOM   1616 O O   . VAL A 1 222 ? 2.846   -11.036 -6.028  1.00 51.29 ? 222 VAL A O   1 
ATOM   1617 C CB  . VAL A 1 222 ? 5.382   -8.857  -6.049  1.00 49.68 ? 222 VAL A CB  1 
ATOM   1618 C CG1 . VAL A 1 222 ? 4.298   -8.170  -6.855  1.00 49.74 ? 222 VAL A CG1 1 
ATOM   1619 C CG2 . VAL A 1 222 ? 6.168   -7.862  -5.242  1.00 49.58 ? 222 VAL A CG2 1 
ATOM   1620 N N   . LYS A 1 223 ? 4.884   -11.785 -6.660  1.00 53.46 ? 223 LYS A N   1 
ATOM   1621 C CA  . LYS A 1 223 ? 4.326   -12.766 -7.583  1.00 55.13 ? 223 LYS A CA  1 
ATOM   1622 C C   . LYS A 1 223 ? 3.308   -13.650 -6.853  1.00 56.22 ? 223 LYS A C   1 
ATOM   1623 O O   . LYS A 1 223 ? 2.230   -13.945 -7.377  1.00 56.45 ? 223 LYS A O   1 
ATOM   1624 C CB  . LYS A 1 223 ? 5.434   -13.580 -8.269  1.00 55.39 ? 223 LYS A CB  1 
ATOM   1625 C CG  . LYS A 1 223 ? 4.925   -14.515 -9.377  1.00 56.56 ? 223 LYS A CG  1 
ATOM   1626 C CD  . LYS A 1 223 ? 5.967   -14.794 -10.464 1.00 58.39 ? 223 LYS A CD  1 
ATOM   1627 C CE  . LYS A 1 223 ? 7.263   -15.363 -9.902  1.00 60.28 ? 223 LYS A CE  1 
ATOM   1628 N NZ  . LYS A 1 223 ? 7.023   -16.487 -8.952  1.00 61.13 ? 223 LYS A NZ  1 
ATOM   1629 N N   . LYS A 1 224 ? 3.631   -14.033 -5.625  1.00 57.49 ? 224 LYS A N   1 
ATOM   1630 C CA  . LYS A 1 224 ? 2.698   -14.795 -4.804  1.00 58.90 ? 224 LYS A CA  1 
ATOM   1631 C C   . LYS A 1 224 ? 1.375   -14.043 -4.680  1.00 59.05 ? 224 LYS A C   1 
ATOM   1632 O O   . LYS A 1 224 ? 0.358   -14.500 -5.199  1.00 59.15 ? 224 LYS A O   1 
ATOM   1633 C CB  . LYS A 1 224 ? 3.305   -15.080 -3.429  1.00 59.26 ? 224 LYS A CB  1 
ATOM   1634 C CG  . LYS A 1 224 ? 2.468   -15.984 -2.525  1.00 61.86 ? 224 LYS A CG  1 
ATOM   1635 C CD  . LYS A 1 224 ? 3.124   -16.136 -1.146  1.00 64.78 ? 224 LYS A CD  1 
ATOM   1636 C CE  . LYS A 1 224 ? 4.413   -16.954 -1.229  1.00 66.55 ? 224 LYS A CE  1 
ATOM   1637 N NZ  . LYS A 1 224 ? 5.520   -16.317 -0.453  1.00 66.61 ? 224 LYS A NZ  1 
ATOM   1638 N N   . LEU A 1 225 ? 1.414   -12.881 -4.022  1.00 59.29 ? 225 LEU A N   1 
ATOM   1639 C CA  . LEU A 1 225 ? 0.243   -12.013 -3.836  1.00 59.17 ? 225 LEU A CA  1 
ATOM   1640 C C   . LEU A 1 225 ? -0.665  -11.875 -5.071  1.00 59.26 ? 225 LEU A C   1 
ATOM   1641 O O   . LEU A 1 225 ? -1.885  -11.996 -4.960  1.00 59.45 ? 225 LEU A O   1 
ATOM   1642 C CB  . LEU A 1 225 ? 0.681   -10.624 -3.362  1.00 59.08 ? 225 LEU A CB  1 
ATOM   1643 C CG  . LEU A 1 225 ? -0.444  -9.618  -3.071  1.00 58.77 ? 225 LEU A CG  1 
ATOM   1644 C CD1 . LEU A 1 225 ? -0.908  -9.720  -1.629  1.00 57.25 ? 225 LEU A CD1 1 
ATOM   1645 C CD2 . LEU A 1 225 ? -0.003  -8.203  -3.405  1.00 58.10 ? 225 LEU A CD2 1 
ATOM   1646 N N   . LEU A 1 226 ? -0.074  -11.629 -6.238  1.00 59.60 ? 226 LEU A N   1 
ATOM   1647 C CA  . LEU A 1 226 ? -0.846  -11.421 -7.475  1.00 59.84 ? 226 LEU A CA  1 
ATOM   1648 C C   . LEU A 1 226 ? -1.475  -12.703 -8.048  1.00 60.06 ? 226 LEU A C   1 
ATOM   1649 O O   . LEU A 1 226 ? -1.211  -13.819 -7.578  1.00 60.42 ? 226 LEU A O   1 
ATOM   1650 C CB  . LEU A 1 226 ? 0.014   -10.737 -8.547  1.00 59.75 ? 226 LEU A CB  1 
ATOM   1651 C CG  . LEU A 1 226 ? 0.588   -9.328  -8.340  1.00 59.77 ? 226 LEU A CG  1 
ATOM   1652 C CD1 . LEU A 1 226 ? 1.674   -9.070  -9.377  1.00 59.62 ? 226 LEU A CD1 1 
ATOM   1653 C CD2 . LEU A 1 226 ? -0.484  -8.241  -8.421  1.00 60.23 ? 226 LEU A CD2 1 
HETATM 1654 O O   . HOH B 2 .   ? -13.955 -7.369  1.296   1.00 36.19 ? 234 HOH A O   1 
HETATM 1655 O O   . HOH B 2 .   ? -13.521 6.683   2.105   1.00 44.19 ? 235 HOH A O   1 
HETATM 1656 O O   . HOH B 2 .   ? -8.295  2.907   17.126  1.00 41.86 ? 236 HOH A O   1 
HETATM 1657 O O   . HOH B 2 .   ? -6.042  4.760   7.680   1.00 56.47 ? 237 HOH A O   1 
HETATM 1658 O O   . HOH B 2 .   ? 5.171   -2.286  3.478   1.00 23.17 ? 238 HOH A O   1 
HETATM 1659 O O   . HOH B 2 .   ? 17.533  -5.286  -3.022  1.00 33.39 ? 239 HOH A O   1 
HETATM 1660 O O   . HOH B 2 .   ? -2.175  7.001   3.554   1.00 45.58 ? 240 HOH A O   1 
HETATM 1661 O O   . HOH B 2 .   ? -5.539  -14.884 3.513   1.00 49.41 ? 241 HOH A O   1 
HETATM 1662 O O   . HOH B 2 .   ? -3.270  7.135   -18.618 1.00 41.25 ? 242 HOH A O   1 
HETATM 1663 O O   . HOH B 2 .   ? -9.338  2.171   -0.232  1.00 32.37 ? 243 HOH A O   1 
HETATM 1664 O O   . HOH B 2 .   ? -1.197  -0.447  -12.871 1.00 25.95 ? 244 HOH A O   1 
HETATM 1665 O O   . HOH B 2 .   ? 0.168   9.918   3.361   1.00 29.04 ? 245 HOH A O   1 
HETATM 1666 O O   . HOH B 2 .   ? -9.185  6.506   0.676   1.00 31.19 ? 246 HOH A O   1 
HETATM 1667 O O   . HOH B 2 .   ? -2.163  -7.060  5.291   1.00 33.43 ? 247 HOH A O   1 
HETATM 1668 O O   . HOH B 2 .   ? 6.611   14.080  -1.033  1.00 34.89 ? 248 HOH A O   1 
HETATM 1669 O O   . HOH B 2 .   ? 23.710  5.105   4.430   1.00 37.32 ? 249 HOH A O   1 
HETATM 1670 O O   . HOH B 2 .   ? -1.160  -4.959  -11.432 1.00 55.75 ? 250 HOH A O   1 
HETATM 1671 O O   . HOH B 2 .   ? -3.512  -15.441 -5.837  1.00 45.36 ? 251 HOH A O   1 
HETATM 1672 O O   . HOH B 2 .   ? -1.278  0.228   -16.950 1.00 37.23 ? 252 HOH A O   1 
HETATM 1673 O O   . HOH B 2 .   ? -9.645  4.824   -14.454 1.00 33.20 ? 253 HOH A O   1 
HETATM 1674 O O   . HOH B 2 .   ? -3.107  0.471   -14.600 1.00 29.57 ? 254 HOH A O   1 
HETATM 1675 O O   . HOH B 2 .   ? 0.807   3.976   6.480   1.00 34.31 ? 255 HOH A O   1 
HETATM 1676 O O   . HOH B 2 .   ? 0.710   16.079  -2.080  1.00 42.63 ? 256 HOH A O   1 
HETATM 1677 O O   . HOH B 2 .   ? -6.810  5.485   -18.063 1.00 37.63 ? 257 HOH A O   1 
HETATM 1678 O O   . HOH B 2 .   ? -18.574 16.836  -7.318  1.00 39.85 ? 258 HOH A O   1 
HETATM 1679 O O   . HOH B 2 .   ? -26.416 -1.314  -3.446  1.00 42.12 ? 259 HOH A O   1 
HETATM 1680 O O   . HOH B 2 .   ? 6.919   7.314   5.664   1.00 26.65 ? 260 HOH A O   1 
HETATM 1681 O O   . HOH B 2 .   ? 10.928  7.069   -19.403 1.00 39.10 ? 261 HOH A O   1 
HETATM 1682 O O   . HOH B 2 .   ? 11.762  -1.185  11.521  1.00 28.44 ? 262 HOH A O   1 
HETATM 1683 O O   . HOH B 2 .   ? 4.614   14.609  -12.588 1.00 36.44 ? 263 HOH A O   1 
HETATM 1684 O O   . HOH B 2 .   ? 4.889   -10.514 18.019  1.00 53.97 ? 264 HOH A O   1 
HETATM 1685 O O   . HOH B 2 .   ? -11.639 7.109   7.711   1.00 50.31 ? 265 HOH A O   1 
HETATM 1686 O O   . HOH B 2 .   ? 13.577  1.315   -2.522  1.00 25.72 ? 266 HOH A O   1 
HETATM 1687 O O   . HOH B 2 .   ? -19.313 9.437   -7.778  1.00 41.22 ? 267 HOH A O   1 
HETATM 1688 O O   . HOH B 2 .   ? -15.166 4.670   1.532   1.00 37.24 ? 268 HOH A O   1 
HETATM 1689 O O   . HOH B 2 .   ? 1.450   13.963  -8.165  1.00 30.04 ? 269 HOH A O   1 
HETATM 1690 O O   . HOH B 2 .   ? 13.140  4.674   -19.590 1.00 34.80 ? 270 HOH A O   1 
HETATM 1691 O O   . HOH B 2 .   ? -21.474 4.138   -5.102  1.00 47.77 ? 271 HOH A O   1 
HETATM 1692 O O   . HOH B 2 .   ? -10.148 16.630  -12.850 1.00 47.44 ? 272 HOH A O   1 
HETATM 1693 O O   . HOH B 2 .   ? 13.341  0.989   -14.666 1.00 41.03 ? 273 HOH A O   1 
HETATM 1694 O O   . HOH B 2 .   ? -0.682  -13.191 1.475   1.00 46.40 ? 274 HOH A O   1 
HETATM 1695 O O   . HOH B 2 .   ? 4.446   -0.009  1.972   1.00 28.19 ? 275 HOH A O   1 
HETATM 1696 O O   . HOH B 2 .   ? 14.466  1.508   -12.175 1.00 34.87 ? 276 HOH A O   1 
HETATM 1697 O O   . HOH B 2 .   ? 2.896   6.604   6.103   1.00 34.48 ? 277 HOH A O   1 
HETATM 1698 O O   . HOH B 2 .   ? 9.338   -0.776  -20.287 1.00 46.87 ? 278 HOH A O   1 
HETATM 1699 O O   . HOH B 2 .   ? -3.566  -1.698  21.817  1.00 44.94 ? 279 HOH A O   1 
HETATM 1700 O O   . HOH B 2 .   ? -18.256 19.419  -4.311  0.50 31.50 ? 280 HOH A O   1 
HETATM 1701 O O   . HOH B 2 .   ? 2.813   -0.666  -15.690 1.00 39.36 ? 281 HOH A O   1 
HETATM 1702 O O   . HOH B 2 .   ? 17.827  4.428   0.745   1.00 38.06 ? 282 HOH A O   1 
HETATM 1703 O O   . HOH B 2 .   ? 14.831  1.054   -17.188 1.00 35.29 ? 283 HOH A O   1 
HETATM 1704 O O   . HOH B 2 .   ? -13.141 6.586   11.059  1.00 49.07 ? 284 HOH A O   1 
HETATM 1705 O O   . HOH B 2 .   ? -22.822 -0.727  -0.875  1.00 51.69 ? 285 HOH A O   1 
HETATM 1706 O O   . HOH B 2 .   ? -7.863  13.450  -0.601  1.00 34.82 ? 286 HOH A O   1 
HETATM 1707 O O   . HOH B 2 .   ? -9.005  6.228   -16.676 1.00 38.03 ? 287 HOH A O   1 
HETATM 1708 O O   . HOH B 2 .   ? 7.104   -6.463  20.441  1.00 41.99 ? 288 HOH A O   1 
HETATM 1709 O O   . HOH B 2 .   ? -12.471 17.491  -11.283 1.00 50.59 ? 289 HOH A O   1 
HETATM 1710 O O   . HOH B 2 .   ? -4.593  0.501   8.386   1.00 32.42 ? 290 HOH A O   1 
HETATM 1711 O O   . HOH B 2 .   ? 10.519  -11.458 -2.560  1.00 35.45 ? 291 HOH A O   1 
HETATM 1712 O O   . HOH B 2 .   ? -0.571  -17.343 7.019   1.00 56.29 ? 292 HOH A O   1 
HETATM 1713 O O   . HOH B 2 .   ? -3.120  5.858   -21.123 1.00 56.79 ? 293 HOH A O   1 
HETATM 1714 O O   . HOH B 2 .   ? -3.638  -7.846  -1.154  1.00 47.74 ? 294 HOH A O   1 
HETATM 1715 O O   . HOH B 2 .   ? -17.414 -4.513  12.553  1.00 46.09 ? 295 HOH A O   1 
HETATM 1716 O O   . HOH B 2 .   ? -0.464  7.003   -22.964 1.00 46.89 ? 296 HOH A O   1 
HETATM 1717 O O   . HOH B 2 .   ? 3.809   17.081  -11.764 1.00 43.81 ? 297 HOH A O   1 
HETATM 1718 O O   . HOH B 2 .   ? -15.534 1.137   -9.365  1.00 37.98 ? 298 HOH A O   1 
HETATM 1719 O O   . HOH B 2 .   ? -12.191 -9.325  19.219  1.00 54.37 ? 299 HOH A O   1 
HETATM 1720 O O   . HOH B 2 .   ? 13.011  2.128   -19.256 1.00 35.24 ? 300 HOH A O   1 
HETATM 1721 O O   . HOH B 2 .   ? -20.231 7.090   -9.052  1.00 33.24 ? 301 HOH A O   1 
HETATM 1722 O O   . HOH B 2 .   ? -9.749  6.229   5.177   1.00 50.81 ? 302 HOH A O   1 
HETATM 1723 O O   . HOH B 2 .   ? -0.677  13.829  -16.257 1.00 49.73 ? 303 HOH A O   1 
HETATM 1724 O O   . HOH B 2 .   ? 12.551  0.201   -21.171 1.00 41.42 ? 304 HOH A O   1 
HETATM 1725 O O   . HOH B 2 .   ? -13.603 1.350   -10.921 1.00 36.28 ? 305 HOH A O   1 
HETATM 1726 O O   . HOH B 2 .   ? 0.349   -1.452  -14.767 1.00 45.11 ? 306 HOH A O   1 
HETATM 1727 O O   . HOH B 2 .   ? -11.592 8.266   0.121   1.00 25.20 ? 307 HOH A O   1 
HETATM 1728 O O   . HOH B 2 .   ? -11.435 -14.976 8.820   1.00 45.03 ? 308 HOH A O   1 
HETATM 1729 O O   . HOH B 2 .   ? 16.094  -9.694  7.991   1.00 57.04 ? 309 HOH A O   1 
HETATM 1730 O O   . HOH B 2 .   ? 20.102  4.311   12.120  1.00 46.75 ? 310 HOH A O   1 
HETATM 1731 O O   . HOH B 2 .   ? 12.896  3.319   10.188  1.00 48.82 ? 311 HOH A O   1 
HETATM 1732 O O   . HOH B 2 .   ? -4.781  16.425  -3.013  1.00 63.66 ? 312 HOH A O   1 
HETATM 1733 O O   . HOH B 2 .   ? -2.799  12.692  -1.306  1.00 29.56 ? 313 HOH A O   1 
HETATM 1734 O O   . HOH B 2 .   ? -5.068  11.974  -2.078  1.00 38.80 ? 314 HOH A O   1 
HETATM 1735 O O   . HOH B 2 .   ? -4.837  -5.001  -9.648  1.00 42.00 ? 315 HOH A O   1 
HETATM 1736 O O   . HOH B 2 .   ? 17.453  -1.333  4.724   1.00 50.85 ? 316 HOH A O   1 
HETATM 1737 O O   . HOH B 2 .   ? 14.429  0.943   10.287  1.00 34.66 ? 317 HOH A O   1 
HETATM 1738 O O   . HOH B 2 .   ? 2.947   -11.334 19.059  1.00 40.78 ? 318 HOH A O   1 
HETATM 1739 O O   . HOH B 2 .   ? 3.180   15.217  -15.191 1.00 44.47 ? 319 HOH A O   1 
HETATM 1740 O O   . HOH B 2 .   ? -5.768  0.699   16.636  1.00 38.34 ? 320 HOH A O   1 
HETATM 1741 O O   . HOH B 2 .   ? -14.074 6.209   13.819  1.00 37.71 ? 321 HOH A O   1 
HETATM 1742 O O   . HOH B 2 .   ? -8.748  11.848  1.497   1.00 46.20 ? 322 HOH A O   1 
HETATM 1743 O O   . HOH B 2 .   ? -10.777 10.587  1.617   1.00 38.40 ? 323 HOH A O   1 
HETATM 1744 O O   . HOH B 2 .   ? -16.784 7.668   -0.116  1.00 24.58 ? 324 HOH A O   1 
HETATM 1745 O O   . HOH B 2 .   ? -13.685 -12.562 -1.523  1.00 55.54 ? 325 HOH A O   1 
HETATM 1746 O O   . HOH B 2 .   ? -14.671 24.326  -6.895  1.00 40.38 ? 326 HOH A O   1 
HETATM 1747 O O   . HOH B 2 .   ? -9.625  3.020   -18.820 1.00 54.65 ? 327 HOH A O   1 
HETATM 1748 O O   . HOH B 2 .   ? 12.752  13.336  -6.275  1.00 33.49 ? 328 HOH A O   1 
HETATM 1749 O O   . HOH B 2 .   ? -20.260 14.873  -6.577  1.00 40.77 ? 329 HOH A O   1 
HETATM 1750 O O   . HOH B 2 .   ? 3.217   -11.900 -11.535 1.00 51.03 ? 330 HOH A O   1 
HETATM 1751 O O   . HOH B 2 .   ? 7.060   5.806   -27.664 1.00 58.01 ? 331 HOH A O   1 
HETATM 1752 O O   . HOH B 2 .   ? -7.485  -5.368  -12.958 1.00 51.88 ? 332 HOH A O   1 
HETATM 1753 O O   . HOH B 2 .   ? 14.415  -1.798  -14.727 1.00 39.28 ? 333 HOH A O   1 
HETATM 1754 O O   . HOH B 2 .   ? -12.809 -6.934  -0.952  1.00 59.86 ? 334 HOH A O   1 
HETATM 1755 O O   . HOH B 2 .   ? -18.067 -8.532  2.348   1.00 56.67 ? 335 HOH A O   1 
HETATM 1756 O O   . HOH B 2 .   ? -21.124 -6.520  8.480   1.00 54.00 ? 336 HOH A O   1 
HETATM 1757 O O   . HOH B 2 .   ? 20.490  4.943   -6.860  1.00 44.20 ? 337 HOH A O   1 
HETATM 1758 O O   . HOH B 2 .   ? -22.914 11.843  -1.815  1.00 46.76 ? 338 HOH A O   1 
HETATM 1759 O O   . HOH B 2 .   ? 21.500  -9.894  8.594   1.00 52.95 ? 339 HOH A O   1 
HETATM 1760 O O   . HOH B 2 .   ? -13.853 -8.771  17.139  1.00 61.42 ? 340 HOH A O   1 
HETATM 1761 O O   . HOH B 2 .   ? -7.452  4.090   -20.215 1.00 68.40 ? 341 HOH A O   1 
HETATM 1762 O O   . HOH B 2 .   ? 18.816  8.513   -16.746 1.00 36.52 ? 342 HOH A O   1 
HETATM 1763 O O   . HOH B 2 .   ? 7.920   -16.607 10.433  1.00 44.30 ? 343 HOH A O   1 
HETATM 1764 O O   . HOH B 2 .   ? 15.178  11.421  -14.222 1.00 42.67 ? 344 HOH A O   1 
HETATM 1765 O O   . HOH B 2 .   ? -5.866  17.493  -5.611  1.00 54.67 ? 345 HOH A O   1 
HETATM 1766 O O   . HOH B 2 .   ? 4.643   -13.482 -14.142 1.00 68.79 ? 346 HOH A O   1 
HETATM 1767 O O   . HOH B 2 .   ? -5.586  6.487   4.107   1.00 47.83 ? 347 HOH A O   1 
HETATM 1768 O O   . HOH B 2 .   ? -6.674  7.317   1.182   1.00 47.64 ? 348 HOH A O   1 
HETATM 1769 O O   . HOH B 2 .   ? -1.861  3.443   6.126   1.00 39.50 ? 349 HOH A O   1 
HETATM 1770 O O   . HOH B 2 .   ? -7.472  -1.695  0.467   1.00 33.10 ? 350 HOH A O   1 
HETATM 1771 O O   . HOH B 2 .   ? -11.170 0.607   1.573   1.00 30.00 ? 351 HOH A O   1 
HETATM 1772 O O   . HOH B 2 .   ? -14.040 2.572   2.732   1.00 30.00 ? 352 HOH A O   1 
# 
